data_1SK6
#
_entry.id   1SK6
#
_cell.length_a   116.870
_cell.length_b   166.453
_cell.length_c   342.393
_cell.angle_alpha   90.00
_cell.angle_beta   90.00
_cell.angle_gamma   90.00
#
_symmetry.space_group_name_H-M   'I 2 2 2'
#
loop_
_entity.id
_entity.type
_entity.pdbx_description
1 polymer 'Calmodulin-sensitive adenylate cyclase'
2 polymer Calmodulin
3 non-polymer 'YTTERBIUM (III) ION'
4 non-polymer "ADENOSINE-3',5'-CYCLIC-MONOPHOSPHATE"
5 non-polymer 'PYROPHOSPHATE 2-'
6 non-polymer 'CALCIUM ION'
#
loop_
_entity_poly.entity_id
_entity_poly.type
_entity_poly.pdbx_seq_one_letter_code
_entity_poly.pdbx_strand_id
1 'polypeptide(L)'
;DRIDVLKGEKALKASGLVPEHADAFKKIARELNTYILFRPVNKLATNLIKSGVATKGLNVHGKSSDWGPVAGYIPFDQDL
SKKHGQQLAVEKGNLENKKSITEHEGEIGKIPLKLDHLRIEELKENGIILKGKKEIDNGKKYYLLESNNQVYEFRISDEN
NEVQYKTKEGKITVLGEKFNWRNIEVMAKNVEGVLKPLTADYDLFALAPSLTEIKKQIPQKEWDKVVNTPNSLEKQKGVT
NLLIKYGIERKPDSTKGTLSNWQKQMLDRLNEAVKYTGYTGGDVVNHGTEQDNEEFPEKDNEIFIINPEGEFILTKNWEM
TGRFIEKNITGKDYLYYFNRSYNKIAPGNKAYIEWTDPITKAKINTIPTSAEFIKNLSSIRRSSNVGVYKDSGDKDEFAK
KESVKKIAGYLSDYYNSANHIFSQEKKRKISIFRGIQAYNEIENVLKSKQIAPEYKNYFQYLKERITNQVQLLLTHQKSN
IEFKLLYKQLNFTENETDNFEVFQKIIDEK
;
A,B,C
2 'polypeptide(L)'
;ADQLTEEQIAEFKEAFSLFDKDGDGTITTKELGTVMRSLGQNPTEAELQDMINEVDADGNGTIDFPEFLTMMARKMKDTD
SEEEIREAFRVFDKDGNGYISAAELRHVMTNLGEKLTDEEVDEMIREADIDGDGQVNYEEFVQMMTAK
;
D,E,F
#
# COMPACT_ATOMS: atom_id res chain seq x y z
N ARG A 2 -38.33 13.90 -24.06
CA ARG A 2 -37.23 14.86 -24.37
C ARG A 2 -36.17 14.91 -23.26
N ILE A 3 -34.94 15.23 -23.66
CA ILE A 3 -33.82 15.32 -22.73
C ILE A 3 -33.09 16.65 -22.96
N ASP A 4 -32.58 17.25 -21.90
CA ASP A 4 -31.87 18.54 -21.98
C ASP A 4 -30.44 18.37 -22.51
N VAL A 5 -30.31 18.15 -23.83
CA VAL A 5 -29.01 17.94 -24.45
C VAL A 5 -28.60 19.05 -25.41
N LEU A 6 -27.30 19.18 -25.62
CA LEU A 6 -26.77 20.19 -26.53
C LEU A 6 -26.62 19.56 -27.89
N LYS A 7 -27.10 20.25 -28.91
CA LYS A 7 -27.00 19.75 -30.27
C LYS A 7 -26.14 20.71 -31.06
N GLY A 8 -25.75 20.30 -32.25
CA GLY A 8 -24.94 21.15 -33.12
C GLY A 8 -23.67 21.79 -32.60
N GLU A 9 -23.17 22.74 -33.38
CA GLU A 9 -21.94 23.47 -33.07
C GLU A 9 -21.78 23.73 -31.57
N LYS A 10 -22.86 24.09 -30.88
CA LYS A 10 -22.78 24.36 -29.45
C LYS A 10 -22.22 23.18 -28.66
N ALA A 11 -22.25 22.00 -29.27
CA ALA A 11 -21.76 20.77 -28.65
C ALA A 11 -20.33 20.47 -29.07
N LEU A 12 -20.09 20.43 -30.38
CA LEU A 12 -18.75 20.18 -30.88
C LEU A 12 -17.83 21.14 -30.13
N LYS A 13 -18.30 22.36 -29.99
CA LYS A 13 -17.55 23.38 -29.32
C LYS A 13 -17.31 23.01 -27.89
N ALA A 14 -18.25 22.29 -27.30
CA ALA A 14 -18.11 21.90 -25.90
C ALA A 14 -17.45 20.55 -25.71
N SER A 15 -17.12 19.89 -26.82
CA SER A 15 -16.47 18.59 -26.81
C SER A 15 -14.95 18.71 -26.80
N GLY A 16 -14.45 19.83 -27.32
CA GLY A 16 -13.02 20.04 -27.36
C GLY A 16 -12.40 19.43 -28.61
N LEU A 17 -13.16 18.57 -29.28
CA LEU A 17 -12.67 17.93 -30.48
C LEU A 17 -12.43 19.01 -31.50
N VAL A 18 -11.36 18.86 -32.26
CA VAL A 18 -11.04 19.82 -33.29
C VAL A 18 -12.24 19.76 -34.20
N PRO A 19 -12.75 20.92 -34.61
CA PRO A 19 -13.91 20.94 -35.48
C PRO A 19 -13.67 20.25 -36.83
N GLU A 20 -12.57 20.57 -37.49
CA GLU A 20 -12.28 19.96 -38.78
C GLU A 20 -12.27 18.42 -38.72
N HIS A 21 -12.02 17.85 -37.55
CA HIS A 21 -11.98 16.40 -37.35
C HIS A 21 -13.35 15.83 -37.01
N ALA A 22 -14.09 16.52 -36.15
CA ALA A 22 -15.42 16.06 -35.75
C ALA A 22 -16.23 15.97 -37.02
N ASP A 23 -15.84 16.77 -38.00
CA ASP A 23 -16.52 16.80 -39.29
C ASP A 23 -16.18 15.53 -40.07
N ALA A 24 -14.89 15.20 -40.09
CA ALA A 24 -14.42 14.02 -40.81
C ALA A 24 -14.98 12.78 -40.16
N PHE A 25 -15.37 12.93 -38.91
CA PHE A 25 -15.93 11.83 -38.13
C PHE A 25 -17.36 11.48 -38.49
N LYS A 26 -18.19 12.48 -38.81
CA LYS A 26 -19.59 12.22 -39.19
C LYS A 26 -19.47 11.19 -40.31
N LYS A 27 -18.57 11.46 -41.24
CA LYS A 27 -18.32 10.59 -42.37
C LYS A 27 -18.36 9.13 -41.97
N ILE A 28 -17.48 8.76 -41.04
CA ILE A 28 -17.40 7.37 -40.60
C ILE A 28 -18.57 6.95 -39.74
N ALA A 29 -19.21 7.91 -39.08
CA ALA A 29 -20.34 7.59 -38.22
C ALA A 29 -21.55 7.16 -39.04
N ARG A 30 -21.80 7.88 -40.13
CA ARG A 30 -22.93 7.56 -40.99
C ARG A 30 -22.54 6.43 -41.90
N GLU A 31 -21.30 6.45 -42.37
CA GLU A 31 -20.83 5.40 -43.26
C GLU A 31 -20.92 4.01 -42.65
N LEU A 32 -20.47 3.85 -41.41
CA LEU A 32 -20.49 2.55 -40.74
C LEU A 32 -21.70 2.34 -39.84
N ASN A 33 -22.63 3.28 -39.90
CA ASN A 33 -23.83 3.21 -39.08
C ASN A 33 -23.45 2.72 -37.69
N THR A 34 -22.63 3.51 -37.01
CA THR A 34 -22.20 3.20 -35.65
C THR A 34 -22.09 4.53 -34.92
N TYR A 35 -22.58 4.60 -33.69
CA TYR A 35 -22.47 5.84 -32.93
C TYR A 35 -21.03 5.94 -32.46
N ILE A 36 -20.49 7.15 -32.44
CA ILE A 36 -19.13 7.37 -32.01
C ILE A 36 -19.22 8.36 -30.87
N LEU A 37 -19.00 7.89 -29.64
CA LEU A 37 -19.06 8.73 -28.46
C LEU A 37 -17.67 8.95 -27.92
N PHE A 38 -17.31 10.23 -27.74
CA PHE A 38 -16.01 10.61 -27.20
C PHE A 38 -16.20 11.17 -25.82
N ARG A 39 -15.17 11.06 -25.00
CA ARG A 39 -15.25 11.59 -23.65
C ARG A 39 -14.82 13.01 -23.93
N PRO A 40 -14.54 13.78 -22.86
CA PRO A 40 -14.11 15.16 -23.10
C PRO A 40 -12.76 15.18 -23.77
N VAL A 41 -12.20 16.38 -23.89
CA VAL A 41 -10.90 16.59 -24.50
C VAL A 41 -10.45 17.92 -23.96
N ASN A 42 -9.30 17.96 -23.32
CA ASN A 42 -8.81 19.22 -22.79
C ASN A 42 -8.94 20.32 -23.86
N LYS A 43 -9.79 21.32 -23.61
CA LYS A 43 -9.96 22.33 -24.63
C LYS A 43 -8.69 23.10 -25.00
N LEU A 44 -7.86 23.44 -24.02
CA LEU A 44 -6.63 24.16 -24.33
C LEU A 44 -5.75 23.27 -25.17
N ALA A 45 -6.18 22.04 -25.38
CA ALA A 45 -5.40 21.09 -26.16
C ALA A 45 -5.80 21.10 -27.64
N THR A 46 -7.01 21.59 -27.90
CA THR A 46 -7.55 21.64 -29.26
C THR A 46 -6.71 22.26 -30.36
N ASN A 47 -6.44 23.55 -30.29
CA ASN A 47 -5.68 24.21 -31.35
C ASN A 47 -4.28 23.64 -31.43
N LEU A 48 -3.82 23.09 -30.31
CA LEU A 48 -2.51 22.48 -30.27
C LEU A 48 -2.58 21.25 -31.18
N ILE A 49 -3.68 20.49 -31.07
CA ILE A 49 -3.87 19.31 -31.91
C ILE A 49 -4.02 19.74 -33.38
N LYS A 50 -4.85 20.76 -33.63
CA LYS A 50 -5.08 21.26 -34.99
C LYS A 50 -3.72 21.68 -35.53
N SER A 51 -2.95 22.33 -34.67
CA SER A 51 -1.61 22.78 -35.03
C SER A 51 -0.81 21.58 -35.55
N GLY A 52 -1.05 20.42 -34.95
CA GLY A 52 -0.35 19.21 -35.35
C GLY A 52 0.45 18.55 -34.24
N VAL A 53 0.28 19.04 -33.01
CA VAL A 53 1.00 18.48 -31.87
C VAL A 53 0.64 17.02 -31.70
N ALA A 54 1.66 16.18 -31.54
CA ALA A 54 1.49 14.74 -31.36
C ALA A 54 0.63 14.45 -30.14
N THR A 55 -0.11 13.33 -30.16
CA THR A 55 -0.96 13.00 -29.01
C THR A 55 -0.45 11.80 -28.22
N LYS A 56 -0.55 11.90 -26.90
CA LYS A 56 -0.14 10.86 -25.98
C LYS A 56 -0.80 9.50 -26.16
N GLY A 57 -0.02 8.44 -26.04
CA GLY A 57 -0.58 7.12 -26.18
C GLY A 57 -0.91 6.56 -24.81
N LEU A 58 -0.52 5.32 -24.60
CA LEU A 58 -0.75 4.63 -23.33
C LEU A 58 0.53 4.54 -22.54
N ASN A 59 1.63 4.93 -23.18
CA ASN A 59 2.95 4.94 -22.54
C ASN A 59 3.19 6.30 -21.88
N VAL A 60 2.16 7.12 -21.93
CA VAL A 60 2.15 8.44 -21.33
C VAL A 60 0.82 8.48 -20.59
N HIS A 61 0.87 8.59 -19.27
CA HIS A 61 -0.36 8.64 -18.50
C HIS A 61 -0.32 9.92 -17.73
N GLY A 62 0.43 10.88 -18.25
CA GLY A 62 0.56 12.16 -17.59
C GLY A 62 -0.56 13.06 -17.98
N LYS A 63 -1.40 13.41 -17.02
CA LYS A 63 -2.51 14.27 -17.32
C LYS A 63 -1.94 15.59 -17.83
N SER A 64 -2.55 16.13 -18.89
CA SER A 64 -2.10 17.39 -19.48
C SER A 64 -2.56 18.48 -18.54
N SER A 65 -2.20 19.71 -18.88
CA SER A 65 -2.55 20.86 -18.06
C SER A 65 -3.60 21.68 -18.74
N ASP A 66 -4.53 22.24 -17.96
CA ASP A 66 -5.58 23.06 -18.52
C ASP A 66 -5.39 24.48 -18.03
N TRP A 67 -4.28 24.71 -17.33
CA TRP A 67 -3.96 26.03 -16.79
C TRP A 67 -2.51 26.40 -17.02
N GLY A 68 -2.16 27.65 -16.67
CA GLY A 68 -0.79 28.10 -16.84
C GLY A 68 -0.26 28.07 -18.26
N PRO A 69 0.96 28.54 -18.47
CA PRO A 69 1.55 28.54 -19.82
C PRO A 69 1.78 27.14 -20.37
N VAL A 70 1.91 26.15 -19.49
CA VAL A 70 2.11 24.78 -19.94
C VAL A 70 0.75 24.17 -20.26
N ALA A 71 -0.30 24.97 -20.09
CA ALA A 71 -1.66 24.51 -20.38
C ALA A 71 -1.68 23.98 -21.80
N GLY A 72 -2.26 22.79 -21.96
CA GLY A 72 -2.37 22.13 -23.26
C GLY A 72 -1.43 20.96 -23.35
N TYR A 73 -0.19 21.21 -22.96
CA TYR A 73 0.84 20.20 -22.98
C TYR A 73 0.79 19.43 -21.66
N ILE A 74 1.64 18.42 -21.54
CA ILE A 74 1.69 17.64 -20.31
C ILE A 74 2.98 18.00 -19.56
N PRO A 75 2.84 18.74 -18.48
CA PRO A 75 3.99 19.15 -17.69
C PRO A 75 4.60 17.92 -17.04
N PHE A 76 5.93 17.79 -17.08
CA PHE A 76 6.60 16.63 -16.47
C PHE A 76 6.36 16.67 -14.97
N ASP A 77 6.24 17.88 -14.45
CA ASP A 77 5.96 18.08 -13.04
C ASP A 77 4.46 18.16 -12.98
N GLN A 78 3.78 17.03 -12.88
CA GLN A 78 2.32 17.04 -12.87
C GLN A 78 1.65 17.90 -11.79
N ASP A 79 2.37 18.84 -11.22
CA ASP A 79 1.76 19.72 -10.26
C ASP A 79 1.48 20.99 -11.04
N LEU A 80 1.68 20.92 -12.34
CA LEU A 80 1.42 22.07 -13.20
C LEU A 80 0.27 21.66 -14.09
N SER A 81 -0.17 20.41 -13.96
CA SER A 81 -1.27 19.87 -14.75
C SER A 81 -2.56 20.07 -14.00
N LYS A 82 -3.67 19.66 -14.61
CA LYS A 82 -4.97 19.86 -13.99
C LYS A 82 -5.14 19.27 -12.62
N LYS A 83 -4.21 18.42 -12.19
CA LYS A 83 -4.38 17.85 -10.87
C LYS A 83 -3.79 18.77 -9.80
N HIS A 84 -3.07 19.80 -10.24
CA HIS A 84 -2.43 20.77 -9.36
C HIS A 84 -3.13 20.95 -8.04
N GLY A 85 -2.64 20.29 -6.99
CA GLY A 85 -3.27 20.43 -5.70
C GLY A 85 -3.37 19.15 -4.91
N GLN A 86 -4.14 18.18 -5.42
CA GLN A 86 -4.28 16.90 -4.73
C GLN A 86 -2.93 16.20 -4.70
N GLN A 87 -2.37 16.00 -3.51
CA GLN A 87 -1.05 15.39 -3.45
C GLN A 87 -0.92 14.00 -4.01
N LEU A 88 -1.68 13.06 -3.48
CA LEU A 88 -1.58 11.68 -3.94
C LEU A 88 -1.78 11.62 -5.44
N ALA A 89 -2.52 12.58 -5.97
CA ALA A 89 -2.79 12.63 -7.39
C ALA A 89 -1.54 13.03 -8.15
N VAL A 90 -1.01 14.18 -7.79
CA VAL A 90 0.18 14.71 -8.40
C VAL A 90 1.32 13.72 -8.24
N GLU A 91 1.40 13.13 -7.06
CA GLU A 91 2.43 12.16 -6.76
C GLU A 91 2.34 11.02 -7.76
N LYS A 92 1.12 10.58 -8.09
CA LYS A 92 0.95 9.49 -9.05
C LYS A 92 1.21 9.98 -10.48
N GLY A 93 0.91 11.25 -10.70
CA GLY A 93 1.12 11.84 -12.01
C GLY A 93 2.58 11.70 -12.36
N ASN A 94 3.43 12.15 -11.45
CA ASN A 94 4.87 12.07 -11.62
C ASN A 94 5.27 10.63 -11.87
N LEU A 95 5.23 9.79 -10.84
CA LEU A 95 5.64 8.40 -11.03
C LEU A 95 5.32 7.90 -12.42
N GLU A 96 4.09 8.17 -12.86
CA GLU A 96 3.65 7.75 -14.18
C GLU A 96 4.51 8.32 -15.31
N ASN A 97 4.94 9.57 -15.14
CA ASN A 97 5.80 10.22 -16.12
C ASN A 97 7.21 9.68 -15.96
N LYS A 98 7.60 9.36 -14.74
CA LYS A 98 8.91 8.84 -14.51
C LYS A 98 8.98 7.49 -15.19
N LYS A 99 7.92 6.72 -15.08
CA LYS A 99 7.87 5.41 -15.72
C LYS A 99 7.95 5.58 -17.22
N SER A 100 7.42 6.67 -17.74
CA SER A 100 7.45 6.91 -19.17
C SER A 100 8.86 7.14 -19.66
N ILE A 101 9.56 8.05 -19.00
CA ILE A 101 10.90 8.39 -19.41
C ILE A 101 11.85 7.23 -19.27
N THR A 102 11.73 6.48 -18.19
CA THR A 102 12.64 5.37 -17.96
C THR A 102 12.26 4.08 -18.66
N GLU A 103 11.04 3.62 -18.43
CA GLU A 103 10.57 2.38 -19.03
C GLU A 103 10.51 2.43 -20.54
N HIS A 104 10.73 3.61 -21.12
CA HIS A 104 10.67 3.75 -22.58
C HIS A 104 11.82 4.54 -23.16
N GLU A 105 12.92 4.65 -22.44
CA GLU A 105 14.06 5.42 -22.96
C GLU A 105 14.06 5.31 -24.46
N GLY A 106 14.05 6.45 -25.13
CA GLY A 106 14.07 6.46 -26.58
C GLY A 106 12.76 6.89 -27.20
N GLU A 107 11.69 6.15 -26.93
CA GLU A 107 10.39 6.47 -27.48
C GLU A 107 9.85 7.74 -26.79
N ILE A 108 9.97 7.79 -25.47
CA ILE A 108 9.51 8.93 -24.67
C ILE A 108 10.62 9.68 -23.95
N GLY A 109 10.45 10.99 -23.85
CA GLY A 109 11.42 11.82 -23.17
C GLY A 109 10.78 13.10 -22.69
N LYS A 110 11.54 14.18 -22.69
CA LYS A 110 11.01 15.45 -22.27
C LYS A 110 11.83 16.58 -22.84
N ILE A 111 11.15 17.63 -23.26
CA ILE A 111 11.77 18.80 -23.84
C ILE A 111 11.37 19.99 -23.01
N PRO A 112 12.03 21.15 -23.24
CA PRO A 112 11.66 22.34 -22.48
C PRO A 112 10.46 23.00 -23.15
N LEU A 113 9.64 23.69 -22.35
CA LEU A 113 8.44 24.34 -22.89
C LEU A 113 8.77 25.60 -23.67
N LYS A 114 8.39 25.62 -24.94
CA LYS A 114 8.63 26.78 -25.77
C LYS A 114 7.33 27.29 -26.32
N LEU A 115 6.91 28.44 -25.79
CA LEU A 115 5.68 29.10 -26.21
C LEU A 115 6.09 30.17 -27.19
N ASP A 116 5.52 30.14 -28.39
CA ASP A 116 5.85 31.14 -29.37
C ASP A 116 4.84 32.29 -29.46
N HIS A 117 5.30 33.40 -30.00
CA HIS A 117 4.52 34.63 -30.17
C HIS A 117 3.09 34.29 -30.57
N LEU A 118 2.91 33.11 -31.14
CA LEU A 118 1.62 32.67 -31.61
C LEU A 118 0.81 31.89 -30.57
N ARG A 119 1.48 31.16 -29.68
CA ARG A 119 0.79 30.40 -28.65
C ARG A 119 0.50 31.28 -27.45
N ILE A 120 1.32 32.31 -27.25
CA ILE A 120 1.14 33.24 -26.14
C ILE A 120 -0.25 33.84 -26.36
N GLU A 121 -0.47 34.28 -27.60
CA GLU A 121 -1.72 34.91 -28.00
C GLU A 121 -2.84 33.96 -27.69
N GLU A 122 -2.82 32.80 -28.32
CA GLU A 122 -3.86 31.81 -28.08
C GLU A 122 -4.18 31.76 -26.58
N LEU A 123 -3.17 31.52 -25.76
CA LEU A 123 -3.36 31.45 -24.32
C LEU A 123 -3.96 32.75 -23.79
N LYS A 124 -3.54 33.86 -24.38
CA LYS A 124 -4.03 35.16 -23.97
C LYS A 124 -5.53 35.27 -24.16
N GLU A 125 -6.03 34.82 -25.30
CA GLU A 125 -7.45 34.91 -25.54
C GLU A 125 -8.25 34.06 -24.58
N ASN A 126 -7.86 32.80 -24.42
CA ASN A 126 -8.58 31.92 -23.51
C ASN A 126 -8.34 32.43 -22.10
N GLY A 127 -7.63 33.54 -22.01
CA GLY A 127 -7.32 34.14 -20.72
C GLY A 127 -6.69 33.13 -19.78
N ILE A 128 -5.53 32.61 -20.18
CA ILE A 128 -4.78 31.62 -19.41
C ILE A 128 -3.56 32.21 -18.73
N ILE A 129 -2.80 32.99 -19.49
CA ILE A 129 -1.58 33.66 -19.03
C ILE A 129 -1.39 34.92 -19.84
N LEU A 130 -0.84 35.97 -19.22
CA LEU A 130 -0.62 37.22 -19.91
C LEU A 130 0.85 37.60 -19.86
N LYS A 131 1.34 38.12 -20.98
CA LYS A 131 2.72 38.55 -21.11
C LYS A 131 2.90 39.82 -20.30
N GLY A 132 3.74 39.77 -19.29
CA GLY A 132 3.96 40.93 -18.43
C GLY A 132 5.19 41.79 -18.62
N LYS A 133 5.72 42.28 -17.50
CA LYS A 133 6.88 43.15 -17.52
C LYS A 133 8.13 42.55 -18.15
N LYS A 134 9.19 43.34 -18.14
CA LYS A 134 10.47 42.97 -18.68
C LYS A 134 11.41 42.82 -17.51
N GLU A 135 11.87 41.60 -17.28
CA GLU A 135 12.78 41.29 -16.19
C GLU A 135 14.12 40.96 -16.80
N ILE A 136 15.20 41.30 -16.10
CA ILE A 136 16.54 41.00 -16.60
C ILE A 136 17.36 40.30 -15.51
N ASP A 137 17.74 39.05 -15.78
CA ASP A 137 18.50 38.27 -14.83
C ASP A 137 19.75 37.67 -15.50
N ASN A 138 20.90 38.06 -14.98
CA ASN A 138 22.20 37.64 -15.47
C ASN A 138 22.37 37.67 -16.98
N GLY A 139 22.31 38.87 -17.56
CA GLY A 139 22.52 39.05 -18.99
C GLY A 139 21.48 38.59 -20.00
N LYS A 140 20.39 38.02 -19.50
CA LYS A 140 19.34 37.55 -20.40
C LYS A 140 18.04 38.21 -19.98
N LYS A 141 17.20 38.51 -20.95
CA LYS A 141 15.93 39.15 -20.67
C LYS A 141 14.81 38.16 -20.62
N TYR A 142 13.84 38.43 -19.75
CA TYR A 142 12.68 37.57 -19.63
C TYR A 142 11.47 38.46 -19.49
N TYR A 143 10.29 37.86 -19.57
CA TYR A 143 9.03 38.57 -19.42
C TYR A 143 8.22 37.70 -18.51
N LEU A 144 7.94 38.20 -17.31
CA LEU A 144 7.16 37.44 -16.35
C LEU A 144 5.82 37.02 -16.95
N LEU A 145 5.62 35.73 -17.18
CA LEU A 145 4.34 35.28 -17.72
C LEU A 145 3.36 35.24 -16.54
N GLU A 146 2.28 36.02 -16.64
CA GLU A 146 1.26 36.13 -15.58
C GLU A 146 0.20 35.06 -15.54
N SER A 147 -0.25 34.70 -14.34
CA SER A 147 -1.27 33.69 -14.15
C SER A 147 -1.96 33.86 -12.80
N ASN A 148 -3.26 33.58 -12.79
CA ASN A 148 -4.08 33.70 -11.58
C ASN A 148 -3.68 32.70 -10.52
N ASN A 149 -2.52 32.06 -10.67
CA ASN A 149 -2.07 31.06 -9.72
C ASN A 149 -1.42 31.60 -8.44
N GLN A 150 -1.71 30.94 -7.33
CA GLN A 150 -1.18 31.37 -6.04
C GLN A 150 0.04 30.58 -5.50
N VAL A 151 0.69 29.79 -6.36
CA VAL A 151 1.86 29.01 -5.94
C VAL A 151 3.13 29.19 -6.78
N TYR A 152 2.97 29.32 -8.09
CA TYR A 152 4.13 29.49 -8.96
C TYR A 152 4.21 30.80 -9.70
N GLU A 153 5.40 31.05 -10.26
CA GLU A 153 5.67 32.26 -11.03
C GLU A 153 6.37 31.82 -12.32
N PHE A 154 6.08 32.45 -13.45
CA PHE A 154 6.75 32.03 -14.68
C PHE A 154 7.32 33.16 -15.53
N ARG A 155 8.10 32.79 -16.52
CA ARG A 155 8.68 33.75 -17.45
C ARG A 155 9.06 33.07 -18.75
N ILE A 156 9.39 33.86 -19.76
CA ILE A 156 9.75 33.35 -21.05
C ILE A 156 11.03 34.05 -21.46
N SER A 157 11.93 33.37 -22.14
CA SER A 157 13.17 34.01 -22.55
C SER A 157 12.97 34.74 -23.85
N ASP A 158 13.57 35.93 -23.97
CA ASP A 158 13.43 36.70 -25.19
C ASP A 158 14.30 36.04 -26.26
N GLU A 159 15.17 35.14 -25.82
CA GLU A 159 16.05 34.42 -26.72
C GLU A 159 15.37 33.21 -27.37
N ASN A 160 15.41 32.08 -26.67
CA ASN A 160 14.84 30.85 -27.20
C ASN A 160 13.35 30.61 -26.94
N ASN A 161 12.72 31.45 -26.14
CA ASN A 161 11.30 31.30 -25.86
C ASN A 161 10.97 30.15 -24.92
N GLU A 162 11.93 29.76 -24.09
CA GLU A 162 11.70 28.69 -23.15
C GLU A 162 11.13 29.27 -21.87
N VAL A 163 10.05 28.70 -21.37
CA VAL A 163 9.41 29.15 -20.13
C VAL A 163 10.05 28.56 -18.89
N GLN A 164 10.12 29.32 -17.82
CA GLN A 164 10.71 28.86 -16.58
C GLN A 164 9.73 29.15 -15.48
N TYR A 165 9.94 28.61 -14.29
CA TYR A 165 9.00 28.85 -13.21
C TYR A 165 9.60 28.56 -11.87
N LYS A 166 9.11 29.24 -10.84
CA LYS A 166 9.59 29.04 -9.47
C LYS A 166 8.45 29.12 -8.47
N THR A 167 8.69 28.66 -7.27
CA THR A 167 7.66 28.73 -6.25
C THR A 167 7.76 30.15 -5.68
N LYS A 168 6.61 30.79 -5.48
CA LYS A 168 6.57 32.14 -4.94
C LYS A 168 7.16 32.18 -3.53
N GLU A 169 7.64 33.35 -3.11
CA GLU A 169 8.21 33.49 -1.78
C GLU A 169 7.21 33.10 -0.70
N GLY A 170 7.64 32.30 0.26
CA GLY A 170 6.76 31.89 1.32
C GLY A 170 5.96 30.64 1.04
N LYS A 171 5.26 30.62 -0.09
CA LYS A 171 4.44 29.49 -0.51
C LYS A 171 5.26 28.22 -0.67
N ILE A 172 4.59 27.07 -0.54
CA ILE A 172 5.24 25.77 -0.63
C ILE A 172 4.51 24.82 -1.57
N THR A 173 5.25 23.99 -2.27
CA THR A 173 4.67 23.04 -3.22
C THR A 173 3.96 21.89 -2.54
N VAL A 174 3.02 21.29 -3.26
CA VAL A 174 2.23 20.15 -2.79
C VAL A 174 3.06 19.15 -2.02
N LEU A 175 4.27 18.92 -2.52
CA LEU A 175 5.21 17.96 -1.98
C LEU A 175 6.03 18.46 -0.80
N GLY A 176 6.18 19.78 -0.71
CA GLY A 176 6.94 20.35 0.36
C GLY A 176 8.17 21.03 -0.20
N GLU A 177 8.24 21.12 -1.52
CA GLU A 177 9.35 21.74 -2.24
C GLU A 177 9.19 23.23 -2.47
N LYS A 178 10.32 23.91 -2.47
CA LYS A 178 10.40 25.34 -2.76
C LYS A 178 11.67 25.43 -3.59
N PHE A 179 11.56 25.97 -4.79
CA PHE A 179 12.74 26.07 -5.62
C PHE A 179 12.76 27.38 -6.34
N ASN A 180 13.71 27.54 -7.26
CA ASN A 180 13.82 28.79 -7.94
C ASN A 180 13.86 28.57 -9.43
N TRP A 181 13.76 29.65 -10.18
CA TRP A 181 13.77 29.61 -11.62
C TRP A 181 14.33 28.36 -12.26
N ARG A 182 13.45 27.52 -12.75
CA ARG A 182 13.85 26.31 -13.44
C ARG A 182 12.88 26.14 -14.63
N ASN A 183 13.25 25.31 -15.60
CA ASN A 183 12.42 25.10 -16.76
C ASN A 183 11.25 24.18 -16.59
N ILE A 184 10.16 24.58 -17.22
CA ILE A 184 8.95 23.79 -17.22
C ILE A 184 9.25 22.73 -18.25
N GLU A 185 9.39 21.48 -17.86
CA GLU A 185 9.63 20.47 -18.87
C GLU A 185 8.31 19.81 -19.25
N VAL A 186 8.22 19.38 -20.51
CA VAL A 186 7.01 18.75 -21.02
C VAL A 186 7.34 17.39 -21.64
N MET A 187 6.40 16.46 -21.55
CA MET A 187 6.60 15.12 -22.07
C MET A 187 6.72 15.18 -23.57
N ALA A 188 7.70 14.48 -24.11
CA ALA A 188 7.90 14.45 -25.55
C ALA A 188 7.79 13.04 -26.11
N LYS A 189 7.84 12.97 -27.43
CA LYS A 189 7.77 11.71 -28.17
C LYS A 189 8.89 11.77 -29.20
N ASN A 190 9.60 10.67 -29.38
CA ASN A 190 10.68 10.66 -30.35
C ASN A 190 10.20 10.38 -31.77
N VAL A 191 10.39 11.32 -32.68
CA VAL A 191 9.98 11.13 -34.06
C VAL A 191 11.11 11.51 -35.01
N GLU A 192 11.77 10.50 -35.57
CA GLU A 192 12.89 10.70 -36.49
C GLU A 192 14.16 11.29 -35.88
N GLY A 193 14.49 10.91 -34.65
CA GLY A 193 15.70 11.41 -34.03
C GLY A 193 15.56 12.70 -33.26
N VAL A 194 14.47 13.42 -33.51
CA VAL A 194 14.18 14.67 -32.84
C VAL A 194 13.15 14.43 -31.73
N LEU A 195 13.10 15.30 -30.75
CA LEU A 195 12.11 15.09 -29.69
C LEU A 195 10.98 16.10 -29.84
N LYS A 196 9.77 15.59 -30.07
CA LYS A 196 8.56 16.40 -30.25
C LYS A 196 7.64 16.32 -29.02
N PRO A 197 6.89 17.39 -28.72
CA PRO A 197 5.99 17.42 -27.56
C PRO A 197 4.61 16.75 -27.68
N LEU A 198 4.18 16.13 -26.59
CA LEU A 198 2.90 15.43 -26.56
C LEU A 198 1.75 16.32 -26.11
N THR A 199 0.52 15.82 -26.30
CA THR A 199 -0.71 16.52 -25.94
C THR A 199 -1.89 15.56 -25.86
N ALA A 200 -3.01 16.03 -25.29
CA ALA A 200 -4.21 15.23 -25.13
C ALA A 200 -4.62 14.51 -26.38
N ASP A 201 -5.00 13.24 -26.27
CA ASP A 201 -5.47 12.49 -27.44
C ASP A 201 -7.01 12.53 -27.43
N TYR A 202 -7.68 11.66 -28.17
CA TYR A 202 -9.13 11.65 -28.14
C TYR A 202 -9.50 10.38 -27.37
N ASP A 203 -10.41 10.48 -26.40
CA ASP A 203 -10.76 9.29 -25.67
C ASP A 203 -12.17 8.76 -25.99
N LEU A 204 -12.24 7.65 -26.69
CA LEU A 204 -13.55 7.11 -27.01
C LEU A 204 -14.19 6.66 -25.73
N PHE A 205 -15.42 7.06 -25.52
CA PHE A 205 -16.14 6.66 -24.33
C PHE A 205 -16.84 5.37 -24.67
N ALA A 206 -17.14 5.17 -25.95
CA ALA A 206 -17.83 3.96 -26.39
C ALA A 206 -18.02 3.93 -27.90
N LEU A 207 -18.17 2.74 -28.45
CA LEU A 207 -18.39 2.59 -29.88
C LEU A 207 -19.55 1.61 -30.04
N ALA A 208 -20.65 2.06 -30.63
CA ALA A 208 -21.83 1.21 -30.82
C ALA A 208 -22.25 1.04 -32.26
N PRO A 209 -21.97 -0.13 -32.85
CA PRO A 209 -22.37 -0.34 -34.24
C PRO A 209 -23.78 -0.91 -34.34
N SER A 210 -24.31 -0.99 -35.54
CA SER A 210 -25.63 -1.55 -35.74
C SER A 210 -25.43 -3.05 -35.74
N LEU A 211 -26.36 -3.80 -35.16
CA LEU A 211 -26.21 -5.24 -35.15
C LEU A 211 -26.00 -5.67 -36.58
N THR A 212 -26.73 -5.04 -37.49
CA THR A 212 -26.63 -5.35 -38.92
C THR A 212 -25.19 -5.19 -39.37
N GLU A 213 -24.40 -4.45 -38.60
CA GLU A 213 -23.00 -4.18 -38.92
C GLU A 213 -22.08 -5.33 -38.49
N ILE A 214 -22.38 -5.96 -37.36
CA ILE A 214 -21.56 -7.06 -36.88
C ILE A 214 -21.61 -8.22 -37.86
N LYS A 215 -22.69 -8.29 -38.62
CA LYS A 215 -22.84 -9.35 -39.60
C LYS A 215 -21.62 -9.37 -40.50
N LYS A 216 -21.42 -8.28 -41.25
CA LYS A 216 -20.30 -8.16 -42.17
C LYS A 216 -18.97 -8.62 -41.57
N GLN A 217 -18.91 -8.69 -40.25
CA GLN A 217 -17.70 -9.09 -39.55
C GLN A 217 -17.57 -10.60 -39.52
N ILE A 218 -18.72 -11.29 -39.47
CA ILE A 218 -18.79 -12.75 -39.44
C ILE A 218 -18.62 -13.35 -40.82
N PRO A 219 -17.74 -14.33 -40.98
CA PRO A 219 -17.49 -14.98 -42.28
C PRO A 219 -18.73 -15.70 -42.85
N GLN A 220 -19.17 -15.26 -44.02
CA GLN A 220 -20.34 -15.84 -44.68
C GLN A 220 -20.11 -17.30 -45.01
N LYS A 221 -19.74 -18.06 -43.99
CA LYS A 221 -19.50 -19.48 -44.18
C LYS A 221 -20.03 -20.19 -42.96
N GLU A 222 -19.74 -19.65 -41.79
CA GLU A 222 -18.99 -20.04 -40.49
C GLU A 222 -20.35 -19.67 -39.91
N TRP A 223 -21.05 -18.79 -40.62
CA TRP A 223 -22.37 -18.38 -40.18
C TRP A 223 -23.39 -19.38 -40.65
N ASP A 224 -23.41 -19.63 -41.95
CA ASP A 224 -24.35 -20.57 -42.55
C ASP A 224 -24.39 -21.89 -41.78
N LYS A 225 -23.28 -22.28 -41.18
CA LYS A 225 -23.24 -23.52 -40.43
C LYS A 225 -24.22 -23.52 -39.26
N VAL A 226 -23.98 -22.67 -38.27
CA VAL A 226 -24.87 -22.61 -37.11
C VAL A 226 -26.27 -22.19 -37.51
N VAL A 227 -26.38 -21.46 -38.60
CA VAL A 227 -27.67 -21.03 -39.10
C VAL A 227 -28.48 -22.24 -39.56
N ASN A 228 -28.02 -22.86 -40.64
CA ASN A 228 -28.68 -24.03 -41.23
C ASN A 228 -28.64 -25.28 -40.36
N THR A 229 -28.32 -25.12 -39.08
CA THR A 229 -28.27 -26.29 -38.20
C THR A 229 -29.66 -26.91 -38.11
N PRO A 230 -29.76 -28.22 -38.38
CA PRO A 230 -31.02 -28.95 -38.35
C PRO A 230 -31.77 -28.73 -37.03
N ASN A 231 -31.01 -28.68 -35.95
CA ASN A 231 -31.57 -28.46 -34.62
C ASN A 231 -32.34 -27.14 -34.57
N SER A 232 -32.61 -26.68 -33.35
CA SER A 232 -33.31 -25.42 -33.09
C SER A 232 -33.06 -25.02 -31.64
N LEU A 233 -32.16 -25.75 -31.00
CA LEU A 233 -31.80 -25.49 -29.60
C LEU A 233 -30.41 -24.88 -29.55
N GLU A 234 -29.40 -25.73 -29.74
CA GLU A 234 -28.02 -25.29 -29.73
C GLU A 234 -27.81 -24.32 -30.89
N LYS A 235 -28.72 -24.35 -31.86
CA LYS A 235 -28.64 -23.47 -33.02
C LYS A 235 -28.60 -22.01 -32.57
N GLN A 236 -29.28 -21.72 -31.47
CA GLN A 236 -29.34 -20.38 -30.89
C GLN A 236 -27.97 -20.07 -30.29
N LYS A 237 -27.45 -21.04 -29.54
CA LYS A 237 -26.14 -20.93 -28.91
C LYS A 237 -25.10 -20.54 -29.94
N GLY A 238 -25.10 -21.23 -31.07
CA GLY A 238 -24.15 -20.94 -32.12
C GLY A 238 -24.35 -19.55 -32.71
N VAL A 239 -25.57 -19.04 -32.63
CA VAL A 239 -25.85 -17.72 -33.15
C VAL A 239 -25.30 -16.71 -32.17
N THR A 240 -25.63 -16.92 -30.90
CA THR A 240 -25.18 -16.05 -29.82
C THR A 240 -23.68 -16.04 -29.71
N ASN A 241 -23.08 -17.22 -29.83
CA ASN A 241 -21.65 -17.36 -29.72
C ASN A 241 -20.87 -16.76 -30.88
N LEU A 242 -21.54 -16.47 -32.00
CA LEU A 242 -20.87 -15.84 -33.14
C LEU A 242 -20.96 -14.35 -32.88
N LEU A 243 -22.00 -13.98 -32.14
CA LEU A 243 -22.25 -12.60 -31.76
C LEU A 243 -21.18 -12.27 -30.74
N ILE A 244 -20.91 -13.22 -29.85
CA ILE A 244 -19.91 -13.04 -28.81
C ILE A 244 -18.49 -12.96 -29.34
N LYS A 245 -18.16 -13.74 -30.35
CA LYS A 245 -16.80 -13.73 -30.88
C LYS A 245 -16.45 -12.52 -31.74
N TYR A 246 -17.24 -12.29 -32.79
CA TYR A 246 -16.96 -11.18 -33.71
C TYR A 246 -17.69 -9.93 -33.27
N GLY A 247 -18.47 -10.05 -32.16
CA GLY A 247 -19.19 -8.92 -31.60
C GLY A 247 -18.57 -8.39 -30.33
N ILE A 248 -18.16 -9.26 -29.44
CA ILE A 248 -17.43 -8.85 -28.32
C ILE A 248 -15.99 -9.33 -27.99
N GLU A 249 -15.79 -10.60 -27.47
CA GLU A 249 -14.53 -10.89 -26.55
C GLU A 249 -13.10 -10.43 -26.91
N ARG A 250 -13.12 -9.09 -26.48
CA ARG A 250 -12.13 -7.98 -26.49
C ARG A 250 -10.83 -8.51 -25.92
N LYS A 251 -9.71 -8.11 -26.51
CA LYS A 251 -8.45 -8.67 -26.09
C LYS A 251 -7.34 -7.60 -26.12
N PRO A 252 -6.21 -7.92 -25.48
CA PRO A 252 -5.07 -6.96 -25.32
C PRO A 252 -4.38 -6.68 -26.65
N ASP A 253 -4.09 -5.45 -27.02
CA ASP A 253 -3.35 -5.15 -28.25
C ASP A 253 -2.16 -4.68 -27.56
N SER A 254 -1.16 -4.06 -27.89
CA SER A 254 -0.44 -4.05 -26.60
C SER A 254 -0.33 -2.64 -26.15
N THR A 255 -0.47 -1.97 -27.25
CA THR A 255 -0.37 -0.57 -27.37
C THR A 255 -1.73 0.08 -27.40
N LYS A 256 -2.68 -0.52 -28.12
CA LYS A 256 -4.02 0.05 -28.23
C LYS A 256 -4.91 -0.16 -27.01
N GLY A 257 -4.47 -0.98 -26.06
CA GLY A 257 -5.26 -1.22 -24.88
C GLY A 257 -6.05 -2.50 -24.95
N THR A 258 -7.33 -2.45 -24.62
CA THR A 258 -8.17 -3.62 -24.67
C THR A 258 -9.41 -3.30 -25.49
N LEU A 259 -9.44 -3.79 -26.72
CA LEU A 259 -10.57 -3.55 -27.61
C LEU A 259 -10.85 -4.79 -28.42
N SER A 260 -11.84 -4.69 -29.31
CA SER A 260 -12.20 -5.81 -30.15
C SER A 260 -11.46 -5.72 -31.47
N ASN A 261 -12.03 -6.33 -32.50
CA ASN A 261 -11.41 -6.29 -33.82
C ASN A 261 -12.18 -5.35 -34.71
N TRP A 262 -13.44 -5.12 -34.37
CA TRP A 262 -14.27 -4.19 -35.12
C TRP A 262 -14.00 -2.81 -34.56
N GLN A 263 -13.25 -2.80 -33.46
CA GLN A 263 -12.88 -1.59 -32.79
C GLN A 263 -11.50 -1.21 -33.25
N LYS A 264 -10.65 -2.20 -33.46
CA LYS A 264 -9.30 -1.93 -33.96
C LYS A 264 -9.44 -1.38 -35.38
N GLN A 265 -10.32 -2.00 -36.17
CA GLN A 265 -10.53 -1.58 -37.55
C GLN A 265 -11.12 -0.19 -37.54
N MET A 266 -11.98 0.05 -36.56
CA MET A 266 -12.63 1.33 -36.41
C MET A 266 -11.59 2.38 -36.17
N LEU A 267 -10.81 2.20 -35.11
CA LEU A 267 -9.75 3.13 -34.75
C LEU A 267 -9.02 3.63 -35.98
N ASP A 268 -8.54 2.70 -36.80
CA ASP A 268 -7.84 3.04 -38.01
C ASP A 268 -8.66 3.91 -38.96
N ARG A 269 -9.94 3.60 -39.10
CA ARG A 269 -10.77 4.39 -39.98
C ARG A 269 -10.79 5.82 -39.49
N LEU A 270 -10.92 5.98 -38.18
CA LEU A 270 -10.98 7.30 -37.57
C LEU A 270 -9.71 8.09 -37.77
N ASN A 271 -8.58 7.39 -37.64
CA ASN A 271 -7.30 8.07 -37.80
C ASN A 271 -7.01 8.34 -39.26
N GLU A 272 -7.44 7.46 -40.17
CA GLU A 272 -7.22 7.71 -41.59
C GLU A 272 -7.97 9.00 -41.89
N ALA A 273 -9.19 9.08 -41.36
CA ALA A 273 -10.05 10.23 -41.55
C ALA A 273 -9.32 11.53 -41.28
N VAL A 274 -8.85 11.70 -40.04
CA VAL A 274 -8.15 12.91 -39.64
C VAL A 274 -6.90 13.18 -40.45
N LYS A 275 -6.10 12.15 -40.71
CA LYS A 275 -4.89 12.32 -41.49
C LYS A 275 -5.17 12.93 -42.86
N TYR A 276 -6.34 12.62 -43.41
CA TYR A 276 -6.72 13.14 -44.73
C TYR A 276 -7.03 14.63 -44.68
N THR A 277 -7.28 15.14 -43.48
CA THR A 277 -7.58 16.56 -43.30
C THR A 277 -6.30 17.33 -43.09
N GLY A 278 -5.18 16.67 -43.34
CA GLY A 278 -3.88 17.31 -43.22
C GLY A 278 -3.16 17.29 -41.89
N TYR A 279 -3.67 16.53 -40.92
CA TYR A 279 -3.07 16.42 -39.59
C TYR A 279 -1.76 15.65 -39.56
N THR A 280 -0.66 16.40 -39.54
CA THR A 280 0.68 15.83 -39.52
C THR A 280 1.09 15.58 -38.08
N GLY A 281 0.89 14.37 -37.60
CA GLY A 281 1.25 14.08 -36.23
C GLY A 281 0.77 12.71 -35.83
N GLY A 282 0.51 11.89 -36.83
CA GLY A 282 0.06 10.54 -36.57
C GLY A 282 -1.36 10.38 -36.09
N ASP A 283 -1.58 9.32 -35.33
CA ASP A 283 -2.89 9.01 -34.81
C ASP A 283 -3.42 10.02 -33.80
N VAL A 284 -4.74 10.20 -33.80
CA VAL A 284 -5.37 11.13 -32.88
C VAL A 284 -6.16 10.31 -31.85
N VAL A 285 -6.89 9.30 -32.32
CA VAL A 285 -7.56 8.34 -31.46
C VAL A 285 -6.60 7.17 -31.37
N ASN A 286 -6.16 6.79 -30.19
CA ASN A 286 -5.18 5.72 -30.18
C ASN A 286 -5.22 4.75 -28.99
N HIS A 287 -6.24 4.80 -28.09
CA HIS A 287 -6.30 3.33 -27.39
C HIS A 287 -7.61 2.57 -27.06
N GLY A 288 -8.27 1.97 -28.04
CA GLY A 288 -9.60 1.42 -27.26
C GLY A 288 -10.54 2.34 -26.48
N THR A 289 -11.79 1.92 -26.30
CA THR A 289 -12.82 2.72 -25.65
C THR A 289 -12.93 2.56 -24.14
N GLU A 290 -13.58 3.55 -23.52
CA GLU A 290 -13.76 3.59 -22.06
C GLU A 290 -14.54 2.47 -21.44
N GLN A 291 -15.27 1.71 -22.23
CA GLN A 291 -16.05 0.64 -21.63
C GLN A 291 -15.22 -0.57 -21.25
N ASP A 292 -13.96 -0.58 -21.67
CA ASP A 292 -13.05 -1.69 -21.37
C ASP A 292 -12.02 -1.26 -20.35
N ASN A 293 -12.14 -0.01 -19.88
CA ASN A 293 -11.23 0.56 -18.89
C ASN A 293 -11.78 0.30 -17.50
N GLU A 294 -11.69 -0.96 -17.07
CA GLU A 294 -12.22 -1.41 -15.79
C GLU A 294 -11.46 -1.06 -14.51
N GLU A 295 -10.13 -1.09 -14.58
CA GLU A 295 -9.28 -0.76 -13.43
C GLU A 295 -9.52 0.66 -12.94
N PHE A 296 -9.38 1.65 -13.81
CA PHE A 296 -9.58 3.04 -13.41
C PHE A 296 -10.64 3.72 -14.26
N PRO A 297 -11.91 3.32 -14.12
CA PRO A 297 -13.00 3.91 -14.90
C PRO A 297 -13.21 5.37 -14.54
N GLU A 298 -13.75 6.15 -15.48
CA GLU A 298 -13.99 7.56 -15.22
C GLU A 298 -15.37 8.06 -15.67
N LYS A 299 -15.99 8.87 -14.82
CA LYS A 299 -17.29 9.42 -15.10
C LYS A 299 -17.19 10.91 -15.42
N ASP A 300 -17.55 11.28 -16.65
CA ASP A 300 -17.51 12.67 -17.08
C ASP A 300 -18.95 13.14 -17.17
N ASN A 301 -19.18 14.44 -17.04
CA ASN A 301 -20.54 14.93 -17.09
C ASN A 301 -21.05 15.11 -18.49
N GLU A 302 -20.14 15.25 -19.45
CA GLU A 302 -20.56 15.44 -20.83
C GLU A 302 -19.89 14.49 -21.78
N ILE A 303 -20.70 13.82 -22.61
CA ILE A 303 -20.18 12.89 -23.60
C ILE A 303 -20.63 13.34 -24.96
N PHE A 304 -19.66 13.63 -25.83
CA PHE A 304 -19.93 14.09 -27.19
C PHE A 304 -20.36 12.86 -27.96
N ILE A 305 -21.40 12.99 -28.77
CA ILE A 305 -21.89 11.85 -29.52
C ILE A 305 -22.10 12.14 -30.98
N ILE A 306 -21.65 11.25 -31.84
CA ILE A 306 -21.83 11.42 -33.27
C ILE A 306 -22.62 10.19 -33.69
N ASN A 307 -23.93 10.38 -33.91
CA ASN A 307 -24.80 9.27 -34.29
C ASN A 307 -24.62 8.96 -35.76
N PRO A 308 -25.12 7.77 -36.19
CA PRO A 308 -25.01 7.35 -37.59
C PRO A 308 -25.71 8.27 -38.57
N GLU A 309 -26.04 9.47 -38.13
CA GLU A 309 -26.70 10.46 -38.95
C GLU A 309 -25.80 11.70 -39.09
N GLY A 310 -24.62 11.66 -38.45
CA GLY A 310 -23.71 12.79 -38.53
C GLY A 310 -24.11 13.94 -37.62
N GLU A 311 -25.08 13.72 -36.75
CA GLU A 311 -25.55 14.76 -35.83
C GLU A 311 -24.67 14.87 -34.57
N PHE A 312 -24.65 16.04 -33.95
CA PHE A 312 -23.83 16.26 -32.76
C PHE A 312 -24.66 16.48 -31.53
N ILE A 313 -24.56 15.55 -30.59
CA ILE A 313 -25.30 15.67 -29.35
C ILE A 313 -24.26 15.79 -28.24
N LEU A 314 -24.66 16.28 -27.07
CA LEU A 314 -23.74 16.38 -25.97
C LEU A 314 -24.49 16.30 -24.65
N THR A 315 -24.70 15.08 -24.16
CA THR A 315 -25.36 14.86 -22.89
C THR A 315 -24.74 15.79 -21.86
N LYS A 316 -25.53 16.32 -20.94
CA LYS A 316 -24.96 17.24 -19.95
C LYS A 316 -24.64 16.63 -18.62
N ASN A 317 -25.13 15.42 -18.38
CA ASN A 317 -24.83 14.76 -17.11
C ASN A 317 -24.97 13.25 -17.25
N TRP A 318 -24.18 12.54 -16.46
CA TRP A 318 -24.14 11.08 -16.47
C TRP A 318 -25.52 10.46 -16.46
N GLU A 319 -26.42 11.08 -15.72
CA GLU A 319 -27.78 10.58 -15.65
C GLU A 319 -28.34 10.65 -17.04
N MET A 320 -27.90 11.65 -17.79
CA MET A 320 -28.35 11.84 -19.17
C MET A 320 -27.61 10.93 -20.12
N THR A 321 -26.28 10.96 -20.08
CA THR A 321 -25.47 10.13 -20.98
C THR A 321 -25.96 8.70 -20.97
N GLY A 322 -26.43 8.23 -19.83
CA GLY A 322 -26.90 6.86 -19.74
C GLY A 322 -28.33 6.65 -20.20
N ARG A 323 -29.10 7.74 -20.13
CA ARG A 323 -30.49 7.72 -20.54
C ARG A 323 -30.54 7.78 -22.05
N PHE A 324 -29.54 8.42 -22.64
CA PHE A 324 -29.46 8.56 -24.07
C PHE A 324 -29.19 7.20 -24.65
N ILE A 325 -28.10 6.58 -24.20
CA ILE A 325 -27.68 5.27 -24.66
C ILE A 325 -28.78 4.23 -24.47
N GLU A 326 -29.53 4.38 -23.39
CA GLU A 326 -30.62 3.47 -23.08
C GLU A 326 -31.68 3.57 -24.15
N LYS A 327 -32.05 4.80 -24.51
CA LYS A 327 -33.08 5.01 -25.50
C LYS A 327 -32.64 4.89 -26.93
N ASN A 328 -31.52 5.49 -27.27
CA ASN A 328 -31.05 5.48 -28.65
C ASN A 328 -30.12 4.36 -29.10
N ILE A 329 -29.44 3.69 -28.18
CA ILE A 329 -28.50 2.65 -28.61
C ILE A 329 -28.83 1.23 -28.15
N THR A 330 -28.83 0.98 -26.83
CA THR A 330 -29.10 -0.36 -26.33
C THR A 330 -30.54 -0.83 -26.50
N GLY A 331 -31.38 0.03 -27.08
CA GLY A 331 -32.77 -0.35 -27.27
C GLY A 331 -33.24 -0.09 -28.68
N LYS A 332 -32.29 0.10 -29.59
CA LYS A 332 -32.63 0.37 -30.97
C LYS A 332 -31.90 -0.54 -31.96
N ASP A 333 -31.44 -1.70 -31.50
CA ASP A 333 -30.77 -2.65 -32.39
C ASP A 333 -29.30 -2.41 -32.73
N TYR A 334 -28.57 -1.80 -31.82
CA TYR A 334 -27.15 -1.54 -31.99
C TYR A 334 -26.41 -2.35 -30.94
N LEU A 335 -25.16 -2.71 -31.22
CA LEU A 335 -24.40 -3.48 -30.24
C LEU A 335 -23.72 -2.57 -29.23
N TYR A 336 -23.98 -2.80 -27.96
CA TYR A 336 -23.40 -1.98 -26.92
C TYR A 336 -23.20 -2.76 -25.63
N TYR A 337 -22.07 -2.53 -25.00
CA TYR A 337 -21.76 -3.17 -23.73
C TYR A 337 -21.26 -2.10 -22.77
N PHE A 338 -21.45 -2.33 -21.46
CA PHE A 338 -20.98 -1.34 -20.48
C PHE A 338 -19.92 -1.89 -19.52
N ASN A 339 -19.13 -0.99 -18.98
CA ASN A 339 -17.88 -1.34 -18.30
C ASN A 339 -18.16 -2.41 -17.25
N ARG A 340 -17.38 -3.49 -17.28
CA ARG A 340 -17.55 -4.58 -16.32
C ARG A 340 -17.52 -4.06 -14.91
N SER A 341 -16.79 -2.98 -14.68
CA SER A 341 -16.66 -2.44 -13.34
C SER A 341 -17.65 -1.37 -12.94
N TYR A 342 -18.76 -1.33 -13.65
CA TYR A 342 -19.83 -0.43 -13.28
C TYR A 342 -20.65 -1.15 -12.22
N ASN A 343 -21.06 -0.41 -11.21
CA ASN A 343 -22.09 -0.92 -10.26
C ASN A 343 -21.22 -1.67 -9.24
N LYS A 344 -19.93 -1.81 -9.58
CA LYS A 344 -19.00 -2.46 -8.66
C LYS A 344 -18.04 -1.42 -8.10
N ILE A 345 -17.07 -1.86 -7.32
CA ILE A 345 -16.07 -0.95 -6.77
C ILE A 345 -14.81 -1.18 -7.61
N ALA A 346 -14.63 -0.36 -8.63
CA ALA A 346 -13.46 -0.50 -9.48
C ALA A 346 -12.25 -0.66 -8.57
N PRO A 347 -11.42 -1.67 -8.83
CA PRO A 347 -10.24 -1.93 -8.00
C PRO A 347 -9.14 -0.87 -8.06
N GLY A 348 -8.65 -0.60 -9.24
CA GLY A 348 -7.58 0.37 -9.36
C GLY A 348 -7.80 1.69 -8.66
N ASN A 349 -8.94 2.33 -8.91
CA ASN A 349 -9.22 3.65 -8.33
C ASN A 349 -10.34 3.72 -7.28
N LYS A 350 -10.81 2.56 -6.83
CA LYS A 350 -11.87 2.53 -5.84
C LYS A 350 -13.11 3.28 -6.35
N ALA A 351 -13.26 3.34 -7.66
CA ALA A 351 -14.37 4.05 -8.29
C ALA A 351 -15.69 3.31 -8.16
N TYR A 352 -16.78 4.08 -7.98
CA TYR A 352 -18.11 3.49 -7.90
C TYR A 352 -19.12 4.12 -8.88
N ILE A 353 -19.04 3.70 -10.14
CA ILE A 353 -19.91 4.18 -11.20
C ILE A 353 -21.18 3.31 -11.36
N GLU A 354 -22.34 3.93 -11.21
CA GLU A 354 -23.62 3.24 -11.33
C GLU A 354 -24.13 3.19 -12.75
N TRP A 355 -24.85 2.13 -13.08
CA TRP A 355 -25.40 1.99 -14.41
C TRP A 355 -26.51 0.98 -14.28
N THR A 356 -27.54 1.11 -15.11
CA THR A 356 -28.66 0.19 -15.03
C THR A 356 -28.34 -1.08 -15.76
N ASP A 357 -28.39 -2.19 -15.02
CA ASP A 357 -28.11 -3.51 -15.56
C ASP A 357 -29.43 -4.27 -15.53
N PRO A 358 -30.08 -4.44 -16.69
CA PRO A 358 -31.34 -5.16 -16.72
C PRO A 358 -31.40 -6.51 -15.99
N ILE A 359 -30.29 -7.23 -15.95
CA ILE A 359 -30.25 -8.52 -15.28
C ILE A 359 -30.48 -8.42 -13.78
N THR A 360 -30.23 -7.25 -13.20
CA THR A 360 -30.41 -7.06 -11.79
C THR A 360 -31.82 -6.64 -11.45
N LYS A 361 -32.41 -5.80 -12.29
CA LYS A 361 -33.79 -5.37 -12.09
C LYS A 361 -34.60 -6.64 -11.84
N ALA A 362 -34.56 -7.54 -12.82
CA ALA A 362 -35.27 -8.79 -12.73
C ALA A 362 -34.46 -9.82 -11.97
N LYS A 363 -34.29 -9.58 -10.68
CA LYS A 363 -33.54 -10.50 -9.84
C LYS A 363 -34.45 -10.91 -8.70
N ILE A 364 -35.22 -9.96 -8.20
CA ILE A 364 -36.12 -10.21 -7.09
C ILE A 364 -37.28 -11.10 -7.47
N ASN A 365 -37.34 -11.50 -8.74
CA ASN A 365 -38.41 -12.36 -9.19
C ASN A 365 -37.83 -13.65 -9.77
N THR A 366 -36.50 -13.76 -9.78
CA THR A 366 -35.87 -14.96 -10.30
C THR A 366 -34.98 -15.61 -9.27
N ILE A 367 -35.14 -16.92 -9.12
CA ILE A 367 -34.35 -17.66 -8.14
C ILE A 367 -33.00 -18.11 -8.69
N PRO A 368 -31.91 -17.86 -7.94
CA PRO A 368 -30.51 -18.17 -8.24
C PRO A 368 -30.14 -19.60 -8.59
N THR A 369 -29.19 -19.73 -9.50
CA THR A 369 -28.73 -21.05 -9.88
C THR A 369 -27.83 -21.52 -8.76
N SER A 370 -27.32 -22.74 -8.88
CA SER A 370 -26.46 -23.31 -7.85
C SER A 370 -25.21 -22.47 -7.72
N ALA A 371 -24.40 -22.44 -8.78
CA ALA A 371 -23.16 -21.67 -8.79
C ALA A 371 -23.37 -20.28 -8.23
N GLU A 372 -24.39 -19.59 -8.74
CA GLU A 372 -24.69 -18.25 -8.27
C GLU A 372 -24.82 -18.32 -6.74
N PHE A 373 -25.35 -19.44 -6.25
CA PHE A 373 -25.55 -19.65 -4.81
C PHE A 373 -24.27 -19.92 -4.05
N ILE A 374 -23.28 -20.46 -4.75
CA ILE A 374 -21.99 -20.75 -4.14
C ILE A 374 -21.22 -19.43 -4.09
N LYS A 375 -21.16 -18.73 -5.22
CA LYS A 375 -20.48 -17.45 -5.30
C LYS A 375 -21.03 -16.55 -4.20
N ASN A 376 -22.34 -16.57 -4.02
CA ASN A 376 -22.98 -15.76 -2.98
C ASN A 376 -22.50 -16.23 -1.61
N LEU A 377 -22.06 -17.48 -1.55
CA LEU A 377 -21.54 -18.04 -0.29
C LEU A 377 -20.08 -17.67 -0.19
N SER A 378 -19.47 -17.47 -1.36
CA SER A 378 -18.09 -17.11 -1.46
C SER A 378 -17.89 -15.71 -0.90
N SER A 379 -17.92 -14.70 -1.76
CA SER A 379 -17.65 -13.34 -1.30
C SER A 379 -18.54 -12.76 -0.20
N ILE A 380 -18.65 -13.49 0.87
CA ILE A 380 -19.31 -13.07 2.07
C ILE A 380 -18.75 -13.87 3.23
N ARG A 381 -17.65 -14.53 2.94
CA ARG A 381 -16.97 -15.39 3.92
C ARG A 381 -16.06 -14.55 4.81
N ARG A 382 -16.58 -13.39 5.23
CA ARG A 382 -15.85 -12.48 6.10
C ARG A 382 -15.35 -13.27 7.31
N SER A 383 -16.30 -13.89 7.99
CA SER A 383 -16.00 -14.71 9.16
C SER A 383 -15.56 -16.08 8.65
N LYS A 405 -26.31 -25.73 2.71
CA LYS A 405 -25.84 -27.08 2.40
C LYS A 405 -26.96 -27.91 1.78
N LYS A 406 -26.66 -28.52 0.65
CA LYS A 406 -27.61 -29.37 -0.09
C LYS A 406 -28.69 -28.55 -0.79
N ILE A 407 -28.71 -27.24 -0.54
CA ILE A 407 -29.69 -26.38 -1.18
C ILE A 407 -29.24 -26.13 -2.60
N ALA A 408 -27.93 -26.22 -2.82
CA ALA A 408 -27.38 -26.00 -4.14
C ALA A 408 -27.98 -27.01 -5.10
N GLY A 409 -28.46 -28.12 -4.57
CA GLY A 409 -29.06 -29.14 -5.42
C GLY A 409 -30.40 -28.70 -5.97
N TYR A 410 -31.35 -28.42 -5.09
CA TYR A 410 -32.68 -28.00 -5.48
C TYR A 410 -32.64 -26.80 -6.41
N LEU A 411 -31.46 -26.24 -6.63
CA LEU A 411 -31.32 -25.10 -7.53
C LEU A 411 -30.78 -25.58 -8.86
N SER A 412 -30.04 -26.67 -8.85
CA SER A 412 -29.51 -27.21 -10.09
C SER A 412 -30.59 -28.15 -10.60
N ASP A 413 -31.67 -28.21 -9.83
CA ASP A 413 -32.83 -29.02 -10.17
C ASP A 413 -33.81 -28.10 -10.88
N TYR A 414 -34.04 -26.93 -10.29
CA TYR A 414 -34.94 -25.98 -10.89
C TYR A 414 -34.47 -25.74 -12.32
N TYR A 415 -33.23 -25.31 -12.48
CA TYR A 415 -32.68 -25.06 -13.82
C TYR A 415 -32.07 -26.31 -14.44
N ASN A 416 -32.89 -27.33 -14.66
CA ASN A 416 -32.39 -28.56 -15.27
C ASN A 416 -32.54 -28.42 -16.78
N SER A 417 -31.46 -28.07 -17.48
CA SER A 417 -31.52 -27.89 -18.92
C SER A 417 -32.25 -29.02 -19.65
N ALA A 418 -32.51 -30.11 -18.94
CA ALA A 418 -33.21 -31.26 -19.53
C ALA A 418 -34.72 -31.22 -19.27
N ASN A 419 -35.32 -30.07 -19.53
CA ASN A 419 -36.75 -29.87 -19.39
C ASN A 419 -37.17 -29.60 -20.82
N HIS A 420 -36.16 -29.40 -21.67
CA HIS A 420 -36.36 -29.10 -23.09
C HIS A 420 -37.25 -30.08 -23.81
N ILE A 421 -37.74 -31.08 -23.10
CA ILE A 421 -38.61 -32.06 -23.71
C ILE A 421 -40.01 -31.89 -23.14
N PHE A 422 -40.11 -31.16 -22.03
CA PHE A 422 -41.39 -30.93 -21.40
C PHE A 422 -42.17 -29.79 -22.01
N SER A 423 -43.45 -29.73 -21.68
CA SER A 423 -44.34 -28.70 -22.16
C SER A 423 -44.42 -27.69 -21.04
N GLN A 424 -44.62 -26.42 -21.38
CA GLN A 424 -44.69 -25.38 -20.38
C GLN A 424 -45.50 -25.84 -19.17
N GLU A 425 -46.73 -26.32 -19.39
CA GLU A 425 -47.57 -26.81 -18.30
C GLU A 425 -46.73 -27.61 -17.32
N LYS A 426 -46.06 -28.64 -17.84
CA LYS A 426 -45.22 -29.47 -16.98
C LYS A 426 -44.10 -28.64 -16.40
N LYS A 427 -43.37 -27.94 -17.28
CA LYS A 427 -42.26 -27.11 -16.84
C LYS A 427 -42.70 -26.30 -15.63
N ARG A 428 -43.68 -25.43 -15.81
CA ARG A 428 -44.17 -24.60 -14.73
C ARG A 428 -44.50 -25.37 -13.45
N LYS A 429 -44.78 -26.67 -13.58
CA LYS A 429 -45.11 -27.46 -12.40
C LYS A 429 -43.86 -27.94 -11.66
N ILE A 430 -43.19 -28.94 -12.19
CA ILE A 430 -42.00 -29.48 -11.58
C ILE A 430 -41.11 -28.37 -11.06
N SER A 431 -41.14 -27.24 -11.75
CA SER A 431 -40.34 -26.09 -11.37
C SER A 431 -40.95 -25.43 -10.16
N ILE A 432 -42.27 -25.27 -10.15
CA ILE A 432 -42.94 -24.69 -9.00
C ILE A 432 -42.61 -25.58 -7.82
N PHE A 433 -42.50 -26.88 -8.08
CA PHE A 433 -42.19 -27.82 -7.01
C PHE A 433 -40.74 -27.63 -6.61
N ARG A 434 -39.83 -27.99 -7.51
CA ARG A 434 -38.40 -27.86 -7.26
C ARG A 434 -38.12 -26.53 -6.59
N GLY A 435 -39.01 -25.57 -6.83
CA GLY A 435 -38.87 -24.24 -6.26
C GLY A 435 -39.25 -24.19 -4.79
N ILE A 436 -40.28 -24.94 -4.44
CA ILE A 436 -40.70 -24.98 -3.06
C ILE A 436 -39.78 -25.97 -2.37
N GLN A 437 -39.22 -26.89 -3.15
CA GLN A 437 -38.29 -27.88 -2.62
C GLN A 437 -37.19 -27.14 -1.87
N ALA A 438 -36.58 -26.17 -2.54
CA ALA A 438 -35.50 -25.38 -1.94
C ALA A 438 -36.02 -24.48 -0.83
N TYR A 439 -37.16 -23.84 -1.06
CA TYR A 439 -37.73 -22.97 -0.04
C TYR A 439 -37.80 -23.72 1.28
N ASN A 440 -37.65 -25.04 1.21
CA ASN A 440 -37.69 -25.87 2.39
C ASN A 440 -36.33 -25.83 3.08
N GLU A 441 -35.32 -26.39 2.42
CA GLU A 441 -33.97 -26.39 2.99
C GLU A 441 -33.60 -24.99 3.47
N ILE A 442 -34.18 -23.98 2.80
CA ILE A 442 -33.86 -22.58 3.16
C ILE A 442 -34.84 -22.06 4.25
N GLU A 443 -35.21 -22.97 5.14
CA GLU A 443 -36.15 -22.73 6.22
C GLU A 443 -35.75 -23.65 7.36
N ASN A 444 -35.19 -24.79 6.99
CA ASN A 444 -34.68 -25.77 7.94
C ASN A 444 -33.42 -25.21 8.57
N VAL A 445 -33.03 -24.03 8.13
CA VAL A 445 -31.84 -23.37 8.65
C VAL A 445 -32.22 -22.15 9.48
N LEU A 446 -33.05 -21.29 8.94
CA LEU A 446 -33.51 -20.09 9.64
C LEU A 446 -34.27 -20.50 10.90
N LYS A 447 -34.46 -21.80 11.08
CA LYS A 447 -35.17 -22.32 12.24
C LYS A 447 -34.21 -23.16 13.05
N SER A 448 -32.97 -23.25 12.57
CA SER A 448 -31.93 -24.02 13.24
C SER A 448 -31.13 -23.08 14.14
N LYS A 449 -29.94 -23.53 14.54
CA LYS A 449 -29.06 -22.71 15.38
C LYS A 449 -28.91 -21.37 14.69
N GLN A 450 -28.72 -20.32 15.50
CA GLN A 450 -28.56 -18.98 14.96
C GLN A 450 -27.05 -19.25 14.88
N ILE A 451 -26.47 -19.04 13.70
CA ILE A 451 -25.03 -19.23 13.45
C ILE A 451 -24.43 -17.84 13.16
N ALA A 452 -24.91 -17.18 12.11
CA ALA A 452 -24.38 -15.86 11.77
C ALA A 452 -25.43 -14.96 11.13
N PRO A 453 -25.72 -13.81 11.77
CA PRO A 453 -26.70 -12.81 11.31
C PRO A 453 -26.37 -12.22 9.94
N GLU A 454 -25.21 -12.57 9.41
CA GLU A 454 -24.77 -12.09 8.10
C GLU A 454 -25.39 -12.98 7.01
N TYR A 455 -25.39 -14.28 7.26
CA TYR A 455 -25.94 -15.25 6.32
C TYR A 455 -27.46 -15.32 6.42
N LYS A 456 -27.99 -15.08 7.62
CA LYS A 456 -29.43 -15.10 7.84
C LYS A 456 -30.10 -14.01 7.02
N ASN A 457 -29.37 -12.91 6.82
CA ASN A 457 -29.87 -11.78 6.05
C ASN A 457 -29.78 -12.08 4.56
N TYR A 458 -29.43 -13.33 4.24
CA TYR A 458 -29.31 -13.76 2.85
C TYR A 458 -30.43 -14.74 2.56
N PHE A 459 -30.54 -15.77 3.39
CA PHE A 459 -31.58 -16.76 3.19
C PHE A 459 -32.93 -16.05 3.23
N GLN A 460 -33.01 -14.92 3.92
CA GLN A 460 -34.27 -14.19 3.95
C GLN A 460 -34.54 -13.76 2.51
N TYR A 461 -33.51 -13.22 1.86
CA TYR A 461 -33.63 -12.77 0.48
C TYR A 461 -34.13 -13.96 -0.33
N LEU A 462 -33.35 -15.04 -0.36
CA LEU A 462 -33.74 -16.22 -1.09
C LEU A 462 -35.23 -16.44 -0.90
N LYS A 463 -35.66 -16.62 0.34
CA LYS A 463 -37.08 -16.81 0.60
C LYS A 463 -37.88 -15.86 -0.30
N GLU A 464 -37.90 -14.59 0.06
CA GLU A 464 -38.64 -13.60 -0.73
C GLU A 464 -38.46 -13.83 -2.23
N ARG A 465 -37.25 -14.21 -2.66
CA ARG A 465 -37.06 -14.46 -4.07
C ARG A 465 -37.76 -15.77 -4.41
N ILE A 466 -37.25 -16.86 -3.88
CA ILE A 466 -37.85 -18.17 -4.13
C ILE A 466 -39.36 -18.05 -4.04
N THR A 467 -39.85 -17.23 -3.11
CA THR A 467 -41.28 -17.03 -2.97
C THR A 467 -41.84 -16.36 -4.22
N ASN A 468 -41.36 -15.16 -4.51
CA ASN A 468 -41.83 -14.40 -5.65
C ASN A 468 -41.89 -15.16 -6.99
N GLN A 469 -40.87 -15.94 -7.31
CA GLN A 469 -40.88 -16.67 -8.57
C GLN A 469 -41.98 -17.71 -8.60
N VAL A 470 -42.03 -18.58 -7.59
CA VAL A 470 -43.07 -19.60 -7.55
C VAL A 470 -44.41 -18.91 -7.72
N GLN A 471 -44.70 -17.98 -6.82
CA GLN A 471 -45.94 -17.21 -6.82
C GLN A 471 -46.20 -16.44 -8.12
N LEU A 472 -45.26 -16.54 -9.06
CA LEU A 472 -45.40 -15.85 -10.35
C LEU A 472 -45.80 -16.90 -11.38
N LEU A 473 -45.29 -18.11 -11.19
CA LEU A 473 -45.60 -19.21 -12.09
C LEU A 473 -47.06 -19.56 -11.84
N LEU A 474 -47.38 -19.79 -10.56
CA LEU A 474 -48.73 -20.12 -10.13
C LEU A 474 -49.73 -19.04 -10.51
N THR A 475 -49.24 -17.86 -10.90
CA THR A 475 -50.13 -16.78 -11.29
C THR A 475 -50.69 -17.10 -12.66
N HIS A 476 -50.82 -18.40 -12.92
CA HIS A 476 -51.38 -18.91 -14.15
C HIS A 476 -52.48 -19.87 -13.71
N GLN A 477 -52.30 -20.48 -12.54
CA GLN A 477 -53.26 -21.42 -11.97
C GLN A 477 -53.86 -21.00 -10.61
N PHE A 483 -53.10 -21.09 -5.91
CA PHE A 483 -52.25 -20.63 -4.80
C PHE A 483 -52.35 -19.20 -4.29
N LYS A 484 -52.43 -19.11 -2.97
CA LYS A 484 -51.68 -17.74 -2.39
C LYS A 484 -51.18 -18.10 -0.98
N LEU A 485 -51.52 -19.31 -0.53
CA LEU A 485 -51.12 -19.81 0.81
C LEU A 485 -50.88 -21.33 0.83
N LEU A 486 -50.92 -21.95 -0.35
CA LEU A 486 -50.88 -23.42 -0.44
C LEU A 486 -49.50 -23.92 -0.06
N TYR A 487 -49.23 -23.93 1.24
CA TYR A 487 -47.95 -24.40 1.75
C TYR A 487 -48.14 -25.02 3.14
N LYS A 488 -49.14 -24.55 3.86
CA LYS A 488 -49.44 -25.06 5.20
C LYS A 488 -50.16 -26.40 5.11
N GLN A 489 -50.11 -27.01 3.94
CA GLN A 489 -50.76 -28.29 3.71
C GLN A 489 -49.82 -29.27 3.00
N LEU A 490 -49.31 -28.84 1.85
CA LEU A 490 -48.39 -29.65 1.07
C LEU A 490 -47.33 -30.33 1.91
N ASN A 491 -46.71 -31.36 1.33
CA ASN A 491 -45.67 -32.14 2.01
C ASN A 491 -44.76 -31.35 2.94
N PHE A 492 -44.93 -31.57 4.24
CA PHE A 492 -44.10 -30.92 5.25
C PHE A 492 -42.81 -31.72 5.36
N THR A 493 -42.90 -32.86 6.04
CA THR A 493 -41.74 -33.74 6.20
C THR A 493 -41.53 -35.24 6.00
N GLU A 494 -41.71 -35.71 4.77
CA GLU A 494 -41.53 -37.11 4.44
C GLU A 494 -40.55 -36.86 3.30
N ASN A 495 -40.29 -37.89 2.50
CA ASN A 495 -39.36 -37.75 1.38
C ASN A 495 -39.63 -38.76 0.25
N GLU A 496 -38.58 -39.05 -0.52
CA GLU A 496 -38.77 -39.71 -1.85
C GLU A 496 -39.64 -39.21 -2.99
N THR A 497 -40.31 -40.12 -3.69
CA THR A 497 -41.15 -39.79 -4.83
C THR A 497 -42.64 -39.59 -4.53
N ASP A 498 -43.11 -40.06 -3.38
CA ASP A 498 -44.52 -39.93 -3.04
C ASP A 498 -44.91 -38.46 -2.85
N ASN A 499 -43.98 -37.65 -2.37
CA ASN A 499 -44.24 -36.23 -2.15
C ASN A 499 -44.73 -35.57 -3.43
N PHE A 500 -43.98 -35.80 -4.51
CA PHE A 500 -44.32 -35.23 -5.81
C PHE A 500 -45.72 -35.68 -6.21
N GLU A 501 -46.18 -36.78 -5.63
CA GLU A 501 -47.50 -37.32 -5.92
C GLU A 501 -48.57 -36.43 -5.30
N VAL A 502 -48.43 -36.17 -4.00
CA VAL A 502 -49.40 -35.33 -3.30
C VAL A 502 -49.57 -34.03 -4.07
N PHE A 503 -48.46 -33.46 -4.51
CA PHE A 503 -48.45 -32.22 -5.26
C PHE A 503 -49.35 -32.32 -6.49
N GLN A 504 -49.33 -33.49 -7.12
CA GLN A 504 -50.14 -33.75 -8.32
C GLN A 504 -51.56 -33.22 -8.21
N LYS A 505 -52.09 -33.20 -7.00
CA LYS A 505 -53.46 -32.73 -6.79
C LYS A 505 -53.56 -31.40 -6.06
N ILE A 506 -52.63 -31.14 -5.15
CA ILE A 506 -52.64 -29.90 -4.39
C ILE A 506 -52.76 -28.73 -5.37
N ILE A 507 -52.34 -28.98 -6.60
CA ILE A 507 -52.36 -27.97 -7.65
C ILE A 507 -53.76 -27.47 -8.04
N ASP A 508 -54.42 -28.18 -8.94
CA ASP A 508 -55.76 -27.80 -9.40
C ASP A 508 -56.87 -28.60 -8.74
N THR B 5 -8.35 -15.17 -12.53
CA THR B 5 -8.65 -14.11 -11.52
C THR B 5 -8.67 -14.72 -10.13
N GLU B 6 -8.95 -13.89 -9.12
CA GLU B 6 -8.99 -14.36 -7.74
C GLU B 6 -10.36 -14.92 -7.38
N GLU B 7 -11.41 -14.18 -7.67
CA GLU B 7 -12.76 -14.64 -7.37
C GLU B 7 -13.05 -15.95 -8.10
N GLN B 8 -12.50 -16.09 -9.31
CA GLN B 8 -12.68 -17.32 -10.07
C GLN B 8 -11.83 -18.39 -9.42
N ILE B 9 -11.75 -18.33 -8.09
CA ILE B 9 -10.99 -19.28 -7.29
C ILE B 9 -11.57 -19.35 -5.88
N ALA B 10 -11.70 -18.20 -5.25
CA ALA B 10 -12.24 -18.12 -3.89
C ALA B 10 -13.59 -18.82 -3.79
N GLU B 11 -14.38 -18.72 -4.85
CA GLU B 11 -15.70 -19.36 -4.88
C GLU B 11 -15.56 -20.84 -4.60
N PHE B 12 -14.96 -21.54 -5.56
CA PHE B 12 -14.75 -22.97 -5.50
C PHE B 12 -14.76 -23.56 -4.09
N LYS B 13 -13.86 -23.07 -3.24
CA LYS B 13 -13.75 -23.57 -1.88
C LYS B 13 -15.08 -23.89 -1.21
N GLU B 14 -16.05 -22.97 -1.33
CA GLU B 14 -17.36 -23.17 -0.72
C GLU B 14 -17.93 -24.55 -0.99
N ALA B 15 -17.66 -25.09 -2.18
CA ALA B 15 -18.15 -26.40 -2.57
C ALA B 15 -17.62 -27.48 -1.63
N PHE B 16 -16.38 -27.30 -1.18
CA PHE B 16 -15.73 -28.27 -0.30
C PHE B 16 -16.29 -28.21 1.13
N SER B 17 -17.60 -28.37 1.24
CA SER B 17 -18.29 -28.37 2.54
C SER B 17 -19.76 -28.73 2.33
N LEU B 18 -20.07 -29.31 1.17
CA LEU B 18 -21.43 -29.67 0.82
C LEU B 18 -21.87 -31.08 1.27
N PHE B 19 -21.27 -32.11 0.68
CA PHE B 19 -21.63 -33.49 1.04
C PHE B 19 -20.48 -34.48 0.90
N ASP B 20 -19.69 -34.61 1.97
CA ASP B 20 -18.55 -35.53 2.03
C ASP B 20 -18.17 -35.73 3.49
N LYS B 21 -18.58 -36.85 4.06
CA LYS B 21 -18.27 -37.15 5.45
C LYS B 21 -16.79 -37.49 5.61
N ASP B 22 -15.99 -37.08 4.65
CA ASP B 22 -14.55 -37.33 4.68
C ASP B 22 -13.93 -36.43 5.75
N GLY B 23 -14.60 -35.31 6.02
CA GLY B 23 -14.10 -34.38 7.02
C GLY B 23 -13.07 -33.42 6.44
N ASP B 24 -11.81 -33.84 6.42
CA ASP B 24 -10.75 -33.01 5.88
C ASP B 24 -10.75 -33.01 4.35
N GLY B 25 -11.88 -32.60 3.78
CA GLY B 25 -12.02 -32.53 2.34
C GLY B 25 -11.38 -33.69 1.60
N THR B 26 -12.20 -34.66 1.23
CA THR B 26 -11.70 -35.82 0.52
C THR B 26 -12.85 -36.62 -0.02
N ILE B 27 -13.22 -36.31 -1.25
CA ILE B 27 -14.30 -37.00 -1.93
C ILE B 27 -13.67 -38.08 -2.80
N THR B 28 -14.29 -38.38 -3.93
CA THR B 28 -13.77 -39.40 -4.84
C THR B 28 -14.13 -39.14 -6.30
N THR B 29 -13.78 -40.08 -7.17
CA THR B 29 -14.08 -39.98 -8.59
C THR B 29 -15.48 -40.53 -8.84
N LYS B 30 -16.15 -40.89 -7.74
CA LYS B 30 -17.52 -41.42 -7.79
C LYS B 30 -18.49 -40.36 -7.28
N GLU B 31 -17.96 -39.15 -7.07
CA GLU B 31 -18.74 -38.02 -6.60
C GLU B 31 -17.91 -36.74 -6.66
N LEU B 32 -17.18 -36.59 -7.77
CA LEU B 32 -16.36 -35.42 -8.03
C LEU B 32 -17.24 -34.41 -8.73
N GLY B 33 -17.85 -34.86 -9.83
CA GLY B 33 -18.73 -33.99 -10.59
C GLY B 33 -19.86 -33.43 -9.75
N THR B 34 -20.28 -34.19 -8.74
CA THR B 34 -21.37 -33.75 -7.86
C THR B 34 -21.05 -32.33 -7.39
N VAL B 35 -19.79 -31.94 -7.55
CA VAL B 35 -19.35 -30.60 -7.17
C VAL B 35 -19.31 -29.70 -8.40
N MET B 36 -18.72 -30.19 -9.48
CA MET B 36 -18.64 -29.43 -10.72
C MET B 36 -20.03 -29.13 -11.27
N ARG B 37 -20.92 -30.11 -11.17
CA ARG B 37 -22.30 -29.93 -11.64
C ARG B 37 -22.87 -28.76 -10.87
N SER B 38 -22.97 -28.92 -9.55
CA SER B 38 -23.49 -27.88 -8.67
C SER B 38 -22.74 -26.57 -8.85
N LEU B 39 -21.60 -26.62 -9.53
CA LEU B 39 -20.82 -25.42 -9.75
C LEU B 39 -21.09 -24.85 -11.13
N GLY B 40 -20.13 -24.98 -12.04
CA GLY B 40 -20.31 -24.45 -13.37
C GLY B 40 -20.39 -25.48 -14.49
N GLN B 41 -19.35 -25.54 -15.29
CA GLN B 41 -19.26 -26.46 -16.42
C GLN B 41 -19.90 -27.81 -16.13
N ASN B 42 -20.30 -28.52 -17.18
CA ASN B 42 -20.94 -29.81 -17.02
C ASN B 42 -20.47 -30.82 -18.05
N PRO B 43 -19.40 -31.56 -17.76
CA PRO B 43 -18.87 -32.57 -18.68
C PRO B 43 -19.51 -33.93 -18.43
N THR B 44 -19.23 -34.89 -19.30
CA THR B 44 -19.79 -36.24 -19.18
C THR B 44 -18.79 -37.18 -18.51
N GLU B 45 -19.27 -38.38 -18.15
CA GLU B 45 -18.44 -39.39 -17.49
C GLU B 45 -17.18 -39.72 -18.29
N ALA B 46 -17.20 -39.39 -19.58
CA ALA B 46 -16.07 -39.66 -20.45
C ALA B 46 -14.98 -38.59 -20.33
N GLU B 47 -15.40 -37.35 -20.07
CA GLU B 47 -14.45 -36.25 -19.91
C GLU B 47 -14.04 -36.10 -18.45
N LEU B 48 -14.36 -37.10 -17.64
CA LEU B 48 -14.02 -37.07 -16.22
C LEU B 48 -13.09 -38.22 -15.82
N GLN B 49 -12.97 -39.21 -16.68
CA GLN B 49 -12.11 -40.36 -16.40
C GLN B 49 -10.65 -40.14 -16.77
N ASP B 50 -10.39 -39.36 -17.81
CA ASP B 50 -9.02 -39.11 -18.23
C ASP B 50 -8.43 -37.79 -17.71
N MET B 51 -9.27 -36.83 -17.36
CA MET B 51 -8.77 -35.56 -16.82
C MET B 51 -8.20 -35.83 -15.44
N ILE B 52 -9.01 -36.46 -14.59
CA ILE B 52 -8.60 -36.77 -13.23
C ILE B 52 -7.44 -37.74 -13.18
N ASN B 53 -7.49 -38.77 -14.03
CA ASN B 53 -6.43 -39.76 -14.09
C ASN B 53 -5.21 -39.17 -14.80
N GLU B 54 -4.47 -38.34 -14.09
CA GLU B 54 -3.28 -37.68 -14.65
C GLU B 54 -2.44 -36.99 -13.58
N VAL B 55 -3.04 -36.03 -12.88
CA VAL B 55 -2.36 -35.28 -11.83
C VAL B 55 -2.17 -36.06 -10.53
N ASP B 56 -3.28 -36.51 -9.94
CA ASP B 56 -3.22 -37.26 -8.69
C ASP B 56 -3.80 -38.66 -8.86
N ALA B 57 -2.94 -39.62 -9.19
CA ALA B 57 -3.37 -41.01 -9.40
C ALA B 57 -2.46 -42.01 -8.67
N ASP B 58 -2.66 -42.13 -7.37
CA ASP B 58 -1.88 -43.05 -6.53
C ASP B 58 -2.60 -44.41 -6.45
N GLY B 59 -3.43 -44.58 -5.43
CA GLY B 59 -4.16 -45.83 -5.26
C GLY B 59 -5.67 -45.61 -5.23
N ASN B 60 -6.11 -44.65 -4.41
CA ASN B 60 -7.53 -44.33 -4.29
C ASN B 60 -7.82 -42.94 -4.86
N GLY B 61 -6.89 -42.41 -5.64
CA GLY B 61 -7.08 -41.10 -6.22
C GLY B 61 -7.48 -40.07 -5.19
N THR B 62 -6.49 -39.53 -4.47
CA THR B 62 -6.76 -38.53 -3.44
C THR B 62 -7.27 -37.25 -4.09
N ILE B 63 -8.42 -36.76 -3.62
CA ILE B 63 -9.02 -35.55 -4.15
C ILE B 63 -9.10 -34.45 -3.10
N ASP B 64 -8.46 -33.31 -3.38
CA ASP B 64 -8.46 -32.21 -2.44
C ASP B 64 -8.51 -30.79 -3.04
N PHE B 65 -7.53 -29.97 -2.69
CA PHE B 65 -7.48 -28.59 -3.15
C PHE B 65 -6.51 -28.30 -4.30
N PRO B 66 -5.20 -28.49 -4.06
CA PRO B 66 -4.23 -28.23 -5.13
C PRO B 66 -4.53 -29.02 -6.40
N GLU B 67 -5.57 -29.84 -6.33
CA GLU B 67 -5.98 -30.67 -7.46
C GLU B 67 -7.08 -30.00 -8.28
N PHE B 68 -8.32 -30.13 -7.82
CA PHE B 68 -9.47 -29.53 -8.49
C PHE B 68 -9.14 -28.10 -8.87
N LEU B 69 -8.67 -27.34 -7.89
CA LEU B 69 -8.29 -25.95 -8.09
C LEU B 69 -7.32 -25.79 -9.26
N THR B 70 -6.83 -26.93 -9.76
CA THR B 70 -5.89 -26.94 -10.88
C THR B 70 -6.55 -27.43 -12.16
N MET B 71 -7.45 -28.40 -12.03
CA MET B 71 -8.14 -28.96 -13.19
C MET B 71 -8.89 -27.88 -13.98
N MET B 72 -9.62 -27.02 -13.27
CA MET B 72 -10.38 -25.95 -13.90
C MET B 72 -9.46 -24.98 -14.66
N ALA B 73 -8.20 -24.92 -14.22
CA ALA B 73 -7.22 -24.02 -14.83
C ALA B 73 -7.01 -24.22 -16.33
N ARG B 74 -7.69 -25.21 -16.91
CA ARG B 74 -7.56 -25.48 -18.34
C ARG B 74 -8.93 -25.67 -18.99
N LYS B 75 -9.89 -26.13 -18.21
CA LYS B 75 -11.25 -26.34 -18.71
C LYS B 75 -12.00 -25.02 -18.57
N MET B 76 -11.84 -24.39 -17.40
CA MET B 76 -12.48 -23.11 -17.10
C MET B 76 -11.48 -22.00 -17.44
N LYS B 77 -10.83 -22.13 -18.60
CA LYS B 77 -9.84 -21.17 -19.05
C LYS B 77 -10.25 -20.48 -20.35
N ASP B 78 -10.36 -21.26 -21.42
CA ASP B 78 -10.76 -20.72 -22.72
C ASP B 78 -12.22 -20.28 -22.62
N THR B 79 -12.97 -20.97 -21.77
CA THR B 79 -14.39 -20.65 -21.57
C THR B 79 -14.51 -19.66 -20.41
N ASP B 80 -13.53 -18.76 -20.30
CA ASP B 80 -13.47 -17.73 -19.26
C ASP B 80 -14.60 -16.71 -19.48
N SER B 81 -15.66 -17.18 -20.12
CA SER B 81 -16.82 -16.36 -20.44
C SER B 81 -17.54 -15.82 -19.21
N GLU B 82 -18.83 -16.12 -19.09
CA GLU B 82 -19.67 -15.65 -17.99
C GLU B 82 -19.90 -14.16 -18.16
N GLU B 83 -18.82 -13.44 -18.50
CA GLU B 83 -18.87 -12.00 -18.72
C GLU B 83 -19.08 -11.83 -20.22
N GLU B 84 -18.27 -12.55 -21.00
CA GLU B 84 -18.34 -12.54 -22.44
C GLU B 84 -19.78 -12.95 -22.85
N ILE B 85 -20.55 -13.46 -21.89
CA ILE B 85 -21.93 -13.89 -22.11
C ILE B 85 -23.00 -12.96 -21.53
N ARG B 86 -22.90 -12.69 -20.24
CA ARG B 86 -23.85 -11.81 -19.55
C ARG B 86 -24.08 -10.51 -20.31
N GLU B 87 -23.25 -10.24 -21.31
CA GLU B 87 -23.37 -9.02 -22.10
C GLU B 87 -24.11 -9.37 -23.37
N ALA B 88 -24.03 -10.64 -23.76
CA ALA B 88 -24.71 -11.11 -24.94
C ALA B 88 -26.18 -10.97 -24.60
N PHE B 89 -26.49 -11.34 -23.37
CA PHE B 89 -27.84 -11.27 -22.86
C PHE B 89 -28.39 -9.87 -23.03
N ARG B 90 -27.73 -8.90 -22.41
CA ARG B 90 -28.15 -7.51 -22.49
C ARG B 90 -28.38 -7.03 -23.92
N VAL B 91 -27.84 -7.75 -24.89
CA VAL B 91 -28.02 -7.36 -26.28
C VAL B 91 -29.40 -7.79 -26.75
N PHE B 92 -29.77 -9.05 -26.54
CA PHE B 92 -31.09 -9.51 -26.95
C PHE B 92 -32.17 -8.81 -26.16
N ASP B 93 -31.84 -8.37 -24.96
CA ASP B 93 -32.83 -7.74 -24.11
C ASP B 93 -33.00 -6.23 -24.27
N LYS B 94 -33.30 -5.78 -25.48
CA LYS B 94 -33.49 -4.37 -25.75
C LYS B 94 -34.63 -3.73 -24.98
N ASP B 95 -35.50 -4.54 -24.40
CA ASP B 95 -36.62 -4.01 -23.62
C ASP B 95 -36.19 -3.52 -22.23
N GLY B 96 -35.30 -4.28 -21.59
CA GLY B 96 -34.83 -3.95 -20.26
C GLY B 96 -35.67 -4.69 -19.23
N ASN B 97 -36.55 -5.58 -19.69
CA ASN B 97 -37.39 -6.33 -18.78
C ASN B 97 -36.61 -7.27 -17.87
N GLY B 98 -35.38 -7.59 -18.26
CA GLY B 98 -34.58 -8.50 -17.48
C GLY B 98 -34.63 -9.90 -18.08
N TYR B 99 -35.67 -10.16 -18.89
CA TYR B 99 -35.85 -11.45 -19.56
C TYR B 99 -35.98 -11.30 -21.10
N ILE B 100 -35.48 -12.30 -21.81
CA ILE B 100 -35.53 -12.33 -23.27
C ILE B 100 -36.90 -12.81 -23.68
N SER B 101 -37.53 -12.12 -24.63
CA SER B 101 -38.85 -12.49 -25.09
C SER B 101 -38.81 -12.87 -26.56
N ALA B 102 -39.77 -13.68 -26.97
CA ALA B 102 -39.88 -14.14 -28.35
C ALA B 102 -39.41 -13.04 -29.28
N ALA B 103 -40.13 -11.93 -29.25
CA ALA B 103 -39.80 -10.78 -30.09
C ALA B 103 -38.32 -10.47 -29.94
N GLU B 104 -37.89 -10.21 -28.70
CA GLU B 104 -36.51 -9.87 -28.41
C GLU B 104 -35.51 -10.68 -29.21
N LEU B 105 -35.78 -11.97 -29.40
CA LEU B 105 -34.88 -12.83 -30.16
C LEU B 105 -35.03 -12.64 -31.66
N ARG B 106 -36.24 -12.33 -32.11
CA ARG B 106 -36.48 -12.10 -33.53
C ARG B 106 -35.65 -10.87 -33.92
N HIS B 107 -36.04 -9.72 -33.39
CA HIS B 107 -35.35 -8.46 -33.66
C HIS B 107 -33.84 -8.61 -33.80
N VAL B 108 -33.23 -9.40 -32.93
CA VAL B 108 -31.79 -9.59 -32.97
C VAL B 108 -31.39 -10.49 -34.14
N MET B 109 -32.19 -11.53 -34.38
CA MET B 109 -31.91 -12.46 -35.47
C MET B 109 -32.14 -11.85 -36.84
N THR B 110 -33.28 -11.17 -37.01
CA THR B 110 -33.61 -10.57 -38.29
C THR B 110 -32.57 -9.53 -38.69
N ASN B 111 -31.62 -9.26 -37.80
CA ASN B 111 -30.57 -8.29 -38.08
C ASN B 111 -29.22 -8.94 -38.30
N LEU B 112 -28.98 -10.07 -37.64
CA LEU B 112 -27.72 -10.75 -37.85
C LEU B 112 -27.77 -11.29 -39.28
N GLY B 113 -28.93 -11.11 -39.92
CA GLY B 113 -29.10 -11.54 -41.30
C GLY B 113 -30.07 -12.68 -41.60
N GLU B 114 -30.50 -13.41 -40.57
CA GLU B 114 -31.41 -14.53 -40.79
C GLU B 114 -32.88 -14.27 -40.45
N LYS B 115 -33.68 -14.03 -41.49
CA LYS B 115 -35.11 -13.77 -41.33
C LYS B 115 -35.78 -15.01 -40.71
N LEU B 116 -36.07 -14.93 -39.41
CA LEU B 116 -36.70 -16.05 -38.72
C LEU B 116 -38.21 -16.07 -38.79
N THR B 117 -38.76 -17.26 -39.03
CA THR B 117 -40.20 -17.45 -39.14
C THR B 117 -40.84 -17.21 -37.78
N ASP B 118 -41.97 -16.50 -37.76
CA ASP B 118 -42.66 -16.18 -36.51
C ASP B 118 -42.96 -17.44 -35.68
N GLU B 119 -42.68 -18.59 -36.28
CA GLU B 119 -42.89 -19.89 -35.66
C GLU B 119 -41.66 -20.30 -34.88
N GLU B 120 -40.53 -20.39 -35.59
CA GLU B 120 -39.26 -20.77 -34.98
C GLU B 120 -38.98 -19.94 -33.74
N VAL B 121 -38.92 -18.63 -33.89
CA VAL B 121 -38.67 -17.76 -32.75
C VAL B 121 -39.38 -18.27 -31.52
N ASP B 122 -40.67 -18.53 -31.65
CA ASP B 122 -41.46 -19.02 -30.55
C ASP B 122 -41.08 -20.43 -30.14
N GLU B 123 -40.27 -21.10 -30.94
CA GLU B 123 -39.83 -22.45 -30.61
C GLU B 123 -38.46 -22.38 -29.91
N MET B 124 -37.66 -21.39 -30.29
CA MET B 124 -36.34 -21.20 -29.70
C MET B 124 -36.50 -20.67 -28.28
N ILE B 125 -37.60 -19.96 -28.05
CA ILE B 125 -37.86 -19.41 -26.73
C ILE B 125 -38.29 -20.56 -25.83
N ARG B 126 -39.22 -21.37 -26.31
CA ARG B 126 -39.71 -22.49 -25.52
C ARG B 126 -38.63 -23.50 -25.15
N GLU B 127 -37.85 -23.96 -26.13
CA GLU B 127 -36.79 -24.92 -25.84
C GLU B 127 -35.79 -24.33 -24.86
N ALA B 128 -35.35 -23.10 -25.14
CA ALA B 128 -34.38 -22.40 -24.31
C ALA B 128 -34.95 -22.15 -22.93
N ASP B 129 -36.27 -22.03 -22.87
CA ASP B 129 -36.96 -21.79 -21.61
C ASP B 129 -36.82 -23.00 -20.72
N ILE B 130 -36.71 -22.78 -19.42
CA ILE B 130 -36.56 -23.89 -18.48
C ILE B 130 -37.64 -23.90 -17.43
N ASP B 131 -37.79 -22.80 -16.72
CA ASP B 131 -38.81 -22.69 -15.68
C ASP B 131 -40.15 -22.62 -16.33
N GLY B 132 -40.15 -22.42 -17.65
CA GLY B 132 -41.38 -22.36 -18.41
C GLY B 132 -42.27 -21.16 -18.19
N ASP B 133 -41.69 -19.98 -17.97
CA ASP B 133 -42.52 -18.80 -17.76
C ASP B 133 -42.89 -18.17 -19.09
N GLY B 134 -42.27 -18.64 -20.17
CA GLY B 134 -42.57 -18.09 -21.49
C GLY B 134 -41.50 -17.16 -22.01
N GLN B 135 -40.47 -16.93 -21.19
CA GLN B 135 -39.34 -16.07 -21.55
C GLN B 135 -38.11 -16.53 -20.78
N VAL B 136 -36.94 -16.25 -21.34
CA VAL B 136 -35.67 -16.64 -20.73
C VAL B 136 -35.06 -15.61 -19.79
N ASN B 137 -34.80 -15.98 -18.54
CA ASN B 137 -34.18 -15.05 -17.60
C ASN B 137 -32.68 -15.29 -17.72
N TYR B 138 -31.86 -14.35 -17.25
CA TYR B 138 -30.42 -14.52 -17.37
C TYR B 138 -29.95 -15.94 -17.04
N GLU B 139 -30.21 -16.38 -15.81
CA GLU B 139 -29.80 -17.71 -15.40
C GLU B 139 -30.04 -18.76 -16.48
N GLU B 140 -31.21 -18.74 -17.10
CA GLU B 140 -31.54 -19.69 -18.15
C GLU B 140 -30.66 -19.53 -19.36
N PHE B 141 -30.36 -18.28 -19.71
CA PHE B 141 -29.52 -17.94 -20.85
C PHE B 141 -28.11 -18.47 -20.58
N VAL B 142 -27.73 -18.52 -19.31
CA VAL B 142 -26.43 -19.03 -18.94
C VAL B 142 -26.48 -20.51 -19.27
N GLN B 143 -27.35 -21.21 -18.56
CA GLN B 143 -27.52 -22.64 -18.75
C GLN B 143 -27.58 -22.97 -20.23
N MET B 144 -28.56 -22.40 -20.90
CA MET B 144 -28.74 -22.65 -22.31
C MET B 144 -27.45 -22.45 -23.12
N MET B 145 -26.50 -21.71 -22.55
CA MET B 145 -25.26 -21.41 -23.25
C MET B 145 -24.04 -22.25 -22.88
N THR B 146 -24.20 -23.21 -21.98
CA THR B 146 -23.08 -24.05 -21.59
C THR B 146 -23.41 -25.54 -21.44
N ALA B 147 -24.23 -25.87 -20.45
CA ALA B 147 -24.63 -27.26 -20.19
C ALA B 147 -24.83 -28.13 -21.43
N ASP C 4 -11.20 20.74 37.12
CA ASP C 4 -12.44 21.03 36.35
C ASP C 4 -12.99 19.70 35.85
N VAL C 5 -14.13 19.31 36.41
CA VAL C 5 -14.76 18.06 36.04
C VAL C 5 -16.25 18.31 35.93
N LEU C 6 -16.68 18.73 34.74
CA LEU C 6 -18.08 19.03 34.49
C LEU C 6 -19.01 17.94 35.00
N LYS C 7 -20.14 18.34 35.58
CA LYS C 7 -21.09 17.36 36.08
C LYS C 7 -22.50 17.89 36.07
N GLY C 8 -23.46 16.96 35.98
CA GLY C 8 -24.86 17.34 35.98
C GLY C 8 -25.41 17.74 34.63
N GLU C 9 -26.63 18.28 34.64
CA GLU C 9 -27.28 18.69 33.41
C GLU C 9 -26.30 19.46 32.53
N LYS C 10 -25.45 20.27 33.14
CA LYS C 10 -24.48 21.07 32.41
C LYS C 10 -23.45 20.21 31.64
N ALA C 11 -23.31 18.95 32.04
CA ALA C 11 -22.38 18.06 31.39
C ALA C 11 -23.17 17.04 30.60
N LEU C 12 -24.45 17.31 30.44
CA LEU C 12 -25.34 16.44 29.68
C LEU C 12 -25.49 17.12 28.32
N LYS C 13 -25.35 18.44 28.33
CA LYS C 13 -25.46 19.21 27.10
C LYS C 13 -24.22 18.96 26.28
N ALA C 14 -23.08 18.78 26.95
CA ALA C 14 -21.83 18.54 26.25
C ALA C 14 -21.66 17.05 25.97
N SER C 15 -22.52 16.25 26.60
CA SER C 15 -22.51 14.79 26.46
C SER C 15 -22.94 14.38 25.05
N GLY C 16 -23.88 15.13 24.49
CA GLY C 16 -24.37 14.87 23.16
C GLY C 16 -25.48 13.86 23.00
N LEU C 17 -25.78 13.09 24.04
CA LEU C 17 -26.85 12.13 23.93
C LEU C 17 -28.16 12.60 24.51
N VAL C 18 -29.24 12.14 23.87
CA VAL C 18 -30.60 12.49 24.23
C VAL C 18 -30.86 12.43 25.72
N PRO C 19 -31.32 13.56 26.28
CA PRO C 19 -31.62 13.69 27.72
C PRO C 19 -32.54 12.60 28.28
N GLU C 20 -33.73 12.45 27.71
CA GLU C 20 -34.66 11.43 28.19
C GLU C 20 -33.99 10.06 28.16
N HIS C 21 -32.97 9.93 27.32
CA HIS C 21 -32.24 8.67 27.21
C HIS C 21 -31.27 8.52 28.33
N ALA C 22 -30.48 9.58 28.53
CA ALA C 22 -29.46 9.63 29.57
C ALA C 22 -30.10 9.52 30.94
N ASP C 23 -30.98 10.46 31.24
CA ASP C 23 -31.68 10.46 32.52
C ASP C 23 -32.27 9.07 32.65
N ALA C 24 -32.96 8.62 31.62
CA ALA C 24 -33.56 7.30 31.67
C ALA C 24 -32.50 6.21 31.57
N PHE C 25 -31.26 6.57 31.86
CA PHE C 25 -30.15 5.62 31.77
C PHE C 25 -29.53 5.30 33.16
N LYS C 26 -29.67 6.26 34.09
CA LYS C 26 -29.14 6.09 35.43
C LYS C 26 -29.85 4.95 36.09
N LYS C 27 -31.17 4.92 35.95
CA LYS C 27 -31.94 3.86 36.55
C LYS C 27 -31.65 2.55 35.82
N ILE C 28 -30.37 2.32 35.53
CA ILE C 28 -29.94 1.11 34.85
C ILE C 28 -28.58 0.76 35.45
N ALA C 29 -27.75 1.80 35.61
CA ALA C 29 -26.41 1.71 36.18
C ALA C 29 -26.55 1.56 37.69
N ARG C 30 -27.45 2.31 38.18
CA ARG C 30 -27.84 2.33 39.52
C ARG C 30 -28.57 1.05 39.89
N GLU C 31 -29.57 0.76 39.06
CA GLU C 31 -30.37 -0.43 39.15
C GLU C 31 -29.41 -1.57 39.48
N LEU C 32 -28.55 -1.91 38.55
CA LEU C 32 -27.53 -2.94 38.77
C LEU C 32 -26.18 -2.22 38.81
N ASN C 33 -25.80 -1.90 40.03
CA ASN C 33 -24.65 -1.04 40.36
C ASN C 33 -23.49 -1.11 39.36
N THR C 34 -23.28 -0.03 38.60
CA THR C 34 -22.19 0.00 37.61
C THR C 34 -21.99 1.36 36.92
N TYR C 35 -20.75 1.62 36.49
CA TYR C 35 -20.40 2.86 35.80
C TYR C 35 -20.57 2.70 34.30
N ILE C 36 -21.21 3.70 33.68
CA ILE C 36 -21.45 3.71 32.23
C ILE C 36 -20.56 4.77 31.57
N LEU C 37 -19.66 4.36 30.68
CA LEU C 37 -18.81 5.33 30.00
C LEU C 37 -19.07 5.50 28.50
N PHE C 38 -19.41 6.72 28.10
CA PHE C 38 -19.73 7.02 26.69
C PHE C 38 -18.76 7.91 25.89
N ARG C 39 -18.35 7.42 24.73
CA ARG C 39 -17.51 8.16 23.80
C ARG C 39 -18.48 9.24 23.26
N PRO C 40 -18.02 10.49 23.16
CA PRO C 40 -18.81 11.64 22.70
C PRO C 40 -19.63 11.45 21.43
N VAL C 41 -20.91 11.82 21.51
CA VAL C 41 -21.85 11.70 20.40
C VAL C 41 -22.12 13.05 19.71
N ASN C 42 -22.34 13.03 18.39
CA ASN C 42 -22.59 14.25 17.62
C ASN C 42 -23.74 15.04 18.22
N LYS C 43 -23.60 16.36 18.35
CA LYS C 43 -24.71 17.13 18.91
C LYS C 43 -25.85 17.28 17.91
N LEU C 44 -25.56 17.77 16.71
CA LEU C 44 -26.64 17.90 15.73
C LEU C 44 -27.36 16.57 15.54
N ALA C 45 -26.68 15.45 15.79
CA ALA C 45 -27.33 14.16 15.63
C ALA C 45 -28.27 13.85 16.79
N THR C 46 -27.88 14.32 17.95
CA THR C 46 -28.63 14.07 19.15
C THR C 46 -30.11 14.29 19.00
N ASN C 47 -30.51 15.16 18.06
CA ASN C 47 -31.95 15.44 17.92
C ASN C 47 -32.69 14.55 16.94
N LEU C 48 -32.03 14.14 15.87
CA LEU C 48 -32.68 13.19 14.94
C LEU C 48 -32.81 11.92 15.76
N ILE C 49 -31.91 11.78 16.72
CA ILE C 49 -31.94 10.63 17.59
C ILE C 49 -33.25 10.60 18.43
N LYS C 50 -33.47 11.66 19.21
CA LYS C 50 -34.69 11.75 20.03
C LYS C 50 -35.88 11.55 19.10
N SER C 51 -35.78 12.14 17.91
CA SER C 51 -36.85 12.02 16.91
C SER C 51 -36.84 10.63 16.25
N GLY C 52 -36.49 9.63 17.03
CA GLY C 52 -36.49 8.27 16.55
C GLY C 52 -35.69 7.85 15.33
N VAL C 53 -34.88 8.75 14.76
CA VAL C 53 -34.09 8.36 13.58
C VAL C 53 -33.22 7.13 13.83
N ALA C 54 -33.11 6.30 12.79
CA ALA C 54 -32.29 5.09 12.89
C ALA C 54 -30.85 5.41 13.31
N THR C 55 -30.15 4.38 13.80
CA THR C 55 -28.77 4.58 14.23
C THR C 55 -27.78 3.84 13.34
N LYS C 56 -26.62 4.46 13.12
CA LYS C 56 -25.54 3.87 12.32
C LYS C 56 -25.00 2.64 13.00
N GLY C 57 -25.14 1.50 12.33
CA GLY C 57 -24.70 0.23 12.88
C GLY C 57 -23.20 0.14 12.97
N LEU C 58 -22.65 -1.03 12.60
CA LEU C 58 -21.19 -1.21 12.58
C LEU C 58 -20.91 -1.68 11.18
N ASN C 59 -21.95 -1.56 10.35
CA ASN C 59 -21.89 -1.97 8.96
C ASN C 59 -21.81 -0.72 8.09
N VAL C 60 -21.81 0.44 8.74
CA VAL C 60 -21.69 1.71 8.03
C VAL C 60 -20.68 2.58 8.78
N HIS C 61 -19.46 2.67 8.27
CA HIS C 61 -18.42 3.45 8.94
C HIS C 61 -18.29 4.91 8.50
N GLY C 62 -19.12 5.34 7.58
CA GLY C 62 -19.05 6.72 7.16
C GLY C 62 -19.33 7.62 8.36
N LYS C 63 -18.71 8.79 8.32
CA LYS C 63 -18.84 9.75 9.38
C LYS C 63 -19.97 10.71 9.08
N SER C 64 -20.72 11.08 10.12
CA SER C 64 -21.85 12.02 10.02
C SER C 64 -21.39 13.47 9.77
N SER C 65 -22.35 14.37 9.74
CA SER C 65 -22.06 15.78 9.50
C SER C 65 -22.45 16.67 10.68
N ASP C 66 -21.77 17.79 10.83
CA ASP C 66 -22.10 18.71 11.90
C ASP C 66 -22.05 20.14 11.41
N TRP C 67 -22.43 20.29 10.14
CA TRP C 67 -22.52 21.59 9.47
C TRP C 67 -23.44 21.45 8.28
N GLY C 68 -24.13 22.54 7.98
CA GLY C 68 -25.05 22.55 6.85
C GLY C 68 -26.26 21.62 6.89
N PRO C 69 -27.00 21.57 5.78
CA PRO C 69 -28.22 20.78 5.57
C PRO C 69 -28.11 19.39 6.16
N VAL C 70 -27.11 18.63 5.70
CA VAL C 70 -26.93 17.27 6.19
C VAL C 70 -26.59 17.15 7.66
N ALA C 71 -26.12 18.22 8.28
CA ALA C 71 -25.72 18.17 9.69
C ALA C 71 -26.51 17.13 10.47
N GLY C 72 -25.81 16.10 10.97
CA GLY C 72 -26.45 15.07 11.75
C GLY C 72 -26.77 13.80 10.98
N TYR C 73 -26.87 13.90 9.67
CA TYR C 73 -27.13 12.69 8.87
C TYR C 73 -25.80 12.16 8.35
N ILE C 74 -25.85 11.05 7.62
CA ILE C 74 -24.60 10.50 7.10
C ILE C 74 -24.58 10.71 5.59
N PRO C 75 -23.84 11.75 5.17
CA PRO C 75 -23.68 12.14 3.76
C PRO C 75 -22.97 11.02 3.01
N PHE C 76 -23.38 10.77 1.77
CA PHE C 76 -22.73 9.72 0.99
C PHE C 76 -21.34 10.29 0.69
N ASP C 77 -21.38 11.44 0.03
CA ASP C 77 -20.20 12.17 -0.37
C ASP C 77 -19.61 12.78 0.90
N GLN C 78 -18.62 12.07 1.43
CA GLN C 78 -17.94 12.46 2.65
C GLN C 78 -17.34 13.87 2.75
N ASP C 79 -17.20 14.62 1.66
CA ASP C 79 -16.66 15.97 1.80
C ASP C 79 -17.80 16.87 2.35
N LEU C 80 -18.92 16.22 2.70
CA LEU C 80 -20.06 16.95 3.24
C LEU C 80 -20.21 16.65 4.73
N SER C 81 -19.31 15.81 5.25
CA SER C 81 -19.32 15.44 6.67
C SER C 81 -18.39 16.35 7.42
N LYS C 82 -18.21 16.05 8.70
CA LYS C 82 -17.29 16.82 9.54
C LYS C 82 -15.88 16.80 8.87
N LYS C 83 -15.45 15.65 8.40
CA LYS C 83 -14.15 15.61 7.77
C LYS C 83 -14.08 16.44 6.48
N HIS C 84 -14.82 17.56 6.44
CA HIS C 84 -14.83 18.41 5.26
C HIS C 84 -13.47 18.98 4.97
N GLY C 85 -13.15 19.11 3.69
CA GLY C 85 -11.89 19.70 3.28
C GLY C 85 -10.64 18.91 3.59
N GLN C 86 -10.75 17.86 4.41
CA GLN C 86 -9.57 17.08 4.75
C GLN C 86 -9.52 15.88 3.80
N GLN C 87 -9.24 16.16 2.53
CA GLN C 87 -9.20 15.16 1.46
C GLN C 87 -9.04 13.65 1.79
N LEU C 88 -7.97 13.29 2.50
CA LEU C 88 -7.73 11.89 2.86
C LEU C 88 -8.88 11.33 3.69
N ALA C 89 -9.36 12.14 4.63
CA ALA C 89 -10.46 11.72 5.49
C ALA C 89 -11.65 11.46 4.61
N VAL C 90 -11.84 12.37 3.66
CA VAL C 90 -12.94 12.28 2.74
C VAL C 90 -12.77 11.02 1.93
N GLU C 91 -11.71 10.96 1.13
CA GLU C 91 -11.46 9.78 0.31
C GLU C 91 -11.62 8.48 1.11
N LYS C 92 -11.35 8.52 2.42
CA LYS C 92 -11.47 7.32 3.25
C LYS C 92 -12.94 7.00 3.57
N GLY C 93 -13.61 7.90 4.28
CA GLY C 93 -15.01 7.70 4.62
C GLY C 93 -15.78 7.31 3.38
N ASN C 94 -15.56 8.04 2.30
CA ASN C 94 -16.21 7.78 1.02
C ASN C 94 -16.16 6.29 0.71
N LEU C 95 -15.00 5.84 0.24
CA LEU C 95 -14.84 4.43 -0.08
C LEU C 95 -15.60 3.63 0.97
N GLU C 96 -15.29 3.91 2.23
CA GLU C 96 -15.90 3.21 3.35
C GLU C 96 -17.41 3.05 3.15
N ASN C 97 -18.02 4.06 2.55
CA ASN C 97 -19.44 3.98 2.30
C ASN C 97 -19.74 3.08 1.12
N LYS C 98 -19.03 3.33 0.02
CA LYS C 98 -19.18 2.55 -1.20
C LYS C 98 -19.42 1.12 -0.73
N LYS C 99 -18.50 0.65 0.11
CA LYS C 99 -18.59 -0.69 0.66
C LYS C 99 -19.95 -0.99 1.27
N SER C 100 -20.32 -0.24 2.31
CA SER C 100 -21.60 -0.42 2.97
C SER C 100 -22.60 -0.68 1.86
N ILE C 101 -22.66 0.27 0.94
CA ILE C 101 -23.56 0.21 -0.21
C ILE C 101 -23.39 -1.03 -1.08
N THR C 102 -22.15 -1.53 -1.15
CA THR C 102 -21.82 -2.69 -1.98
C THR C 102 -21.93 -4.03 -1.28
N GLU C 103 -21.09 -4.21 -0.27
CA GLU C 103 -21.01 -5.45 0.49
C GLU C 103 -22.29 -5.82 1.21
N HIS C 104 -23.11 -4.83 1.56
CA HIS C 104 -24.36 -5.12 2.26
C HIS C 104 -25.59 -4.78 1.46
N GLU C 105 -25.54 -5.20 0.20
CA GLU C 105 -26.58 -4.99 -0.80
C GLU C 105 -28.03 -5.11 -0.31
N GLY C 106 -28.86 -4.16 -0.74
CA GLY C 106 -30.26 -4.13 -0.37
C GLY C 106 -30.53 -3.99 1.11
N GLU C 107 -29.47 -4.00 1.93
CA GLU C 107 -29.58 -3.86 3.39
C GLU C 107 -29.14 -2.49 3.84
N ILE C 108 -28.16 -1.95 3.11
CA ILE C 108 -27.63 -0.63 3.36
C ILE C 108 -27.71 0.17 2.07
N GLY C 109 -28.31 1.34 2.14
CA GLY C 109 -28.44 2.13 0.94
C GLY C 109 -28.23 3.62 1.10
N LYS C 110 -28.47 4.35 0.03
CA LYS C 110 -28.30 5.77 0.07
C LYS C 110 -29.49 6.38 -0.62
N ILE C 111 -30.17 7.28 0.07
CA ILE C 111 -31.35 7.92 -0.48
C ILE C 111 -31.27 9.42 -0.33
N PRO C 112 -32.13 10.16 -1.02
CA PRO C 112 -32.13 11.62 -0.95
C PRO C 112 -32.42 12.12 0.45
N LEU C 113 -31.80 13.25 0.79
CA LEU C 113 -31.99 13.88 2.10
C LEU C 113 -33.15 14.82 1.94
N LYS C 114 -34.19 14.67 2.76
CA LYS C 114 -35.31 15.60 2.66
C LYS C 114 -35.50 16.32 3.96
N LEU C 115 -35.37 17.62 3.97
CA LEU C 115 -35.53 18.32 5.22
C LEU C 115 -36.95 18.79 5.53
N ASP C 116 -37.45 18.28 6.64
CA ASP C 116 -38.78 18.58 7.15
C ASP C 116 -38.99 20.05 7.52
N HIS C 117 -40.20 20.54 7.28
CA HIS C 117 -40.59 21.92 7.57
C HIS C 117 -40.18 22.29 8.99
N LEU C 118 -39.85 21.27 9.77
CA LEU C 118 -39.46 21.46 11.15
C LEU C 118 -37.97 21.38 11.33
N ARG C 119 -37.39 20.25 10.94
CA ARG C 119 -35.95 20.01 11.03
C ARG C 119 -35.12 21.19 10.59
N ILE C 120 -35.70 22.03 9.74
CA ILE C 120 -35.04 23.23 9.27
C ILE C 120 -35.11 24.24 10.39
N GLU C 121 -36.33 24.53 10.85
CA GLU C 121 -36.53 25.44 11.97
C GLU C 121 -35.62 25.01 13.11
N GLU C 122 -35.49 23.69 13.28
CA GLU C 122 -34.65 23.10 14.31
C GLU C 122 -33.17 23.46 14.12
N LEU C 123 -32.76 23.58 12.86
CA LEU C 123 -31.38 23.91 12.52
C LEU C 123 -31.23 25.43 12.47
N LYS C 124 -32.34 26.09 12.16
CA LYS C 124 -32.40 27.54 12.10
C LYS C 124 -32.17 28.16 13.44
N GLU C 125 -32.84 27.64 14.46
CA GLU C 125 -32.67 28.12 15.82
C GLU C 125 -31.43 27.46 16.41
N ASN C 126 -30.73 26.70 15.57
CA ASN C 126 -29.53 26.00 15.99
C ASN C 126 -28.28 26.77 15.56
N GLY C 127 -28.44 27.63 14.55
CA GLY C 127 -27.35 28.44 14.04
C GLY C 127 -26.59 27.82 12.89
N ILE C 128 -27.19 26.78 12.29
CA ILE C 128 -26.49 26.03 11.21
C ILE C 128 -26.76 26.45 9.78
N ILE C 129 -28.00 26.86 9.47
CA ILE C 129 -28.37 27.29 8.13
C ILE C 129 -29.63 28.16 8.22
N LEU C 130 -30.05 28.70 7.07
CA LEU C 130 -31.25 29.54 7.00
C LEU C 130 -31.86 29.58 5.61
N LYS C 131 -33.16 29.29 5.54
CA LYS C 131 -33.89 29.32 4.28
C LYS C 131 -33.97 30.77 3.82
N GLY C 132 -33.72 31.01 2.52
CA GLY C 132 -33.77 32.42 2.09
C GLY C 132 -34.67 32.96 0.94
N LYS C 133 -34.13 32.84 -0.30
CA LYS C 133 -34.88 33.45 -1.49
C LYS C 133 -35.43 32.40 -2.46
N LYS C 134 -36.54 32.73 -3.12
CA LYS C 134 -37.17 31.83 -4.10
C LYS C 134 -36.31 31.72 -5.35
N GLU C 135 -36.30 30.53 -5.96
CA GLU C 135 -35.54 30.32 -7.18
C GLU C 135 -36.29 29.32 -8.05
N ILE C 136 -36.65 29.75 -9.28
CA ILE C 136 -37.42 28.93 -10.23
C ILE C 136 -36.60 28.37 -11.35
N ASP C 137 -36.59 27.05 -11.53
CA ASP C 137 -35.74 26.43 -12.56
C ASP C 137 -36.47 25.65 -13.66
N ASN C 138 -36.09 24.38 -13.80
CA ASN C 138 -36.69 23.50 -14.81
C ASN C 138 -38.23 23.46 -14.70
N GLY C 139 -38.80 24.45 -14.01
CA GLY C 139 -40.24 24.53 -13.81
C GLY C 139 -40.56 24.17 -12.37
N LYS C 140 -39.52 23.78 -11.62
CA LYS C 140 -39.68 23.40 -10.23
C LYS C 140 -39.50 24.62 -9.31
N LYS C 141 -40.06 24.54 -8.12
CA LYS C 141 -39.98 25.65 -7.17
C LYS C 141 -38.97 25.32 -6.07
N TYR C 142 -37.78 25.92 -6.14
CA TYR C 142 -36.75 25.67 -5.13
C TYR C 142 -36.57 26.84 -4.19
N TYR C 143 -36.02 26.55 -3.01
CA TYR C 143 -35.76 27.57 -2.02
C TYR C 143 -34.29 27.54 -1.59
N LEU C 144 -33.60 28.63 -1.88
CA LEU C 144 -32.20 28.75 -1.50
C LEU C 144 -32.05 28.47 0.00
N LEU C 145 -30.95 27.79 0.36
CA LEU C 145 -30.68 27.42 1.73
C LEU C 145 -29.29 27.95 2.07
N GLU C 146 -29.17 28.94 2.96
CA GLU C 146 -27.83 29.54 3.25
C GLU C 146 -27.11 29.03 4.50
N SER C 147 -25.81 29.29 4.54
CA SER C 147 -24.94 28.90 5.64
C SER C 147 -23.70 29.83 5.75
N ASN C 148 -22.55 29.25 6.08
CA ASN C 148 -21.30 30.00 6.18
C ASN C 148 -20.20 29.25 5.44
N ASN C 149 -20.53 28.08 4.98
CA ASN C 149 -19.61 27.27 4.21
C ASN C 149 -19.26 28.16 3.03
N GLN C 150 -18.13 27.93 2.33
CA GLN C 150 -17.79 28.78 1.20
C GLN C 150 -17.32 27.96 -0.01
N VAL C 151 -17.73 26.69 -0.05
CA VAL C 151 -17.40 25.80 -1.14
C VAL C 151 -18.67 25.33 -1.81
N TYR C 152 -19.70 25.16 -0.98
CA TYR C 152 -20.98 24.69 -1.48
C TYR C 152 -22.15 25.66 -1.28
N GLU C 153 -23.15 25.51 -2.15
CA GLU C 153 -24.39 26.28 -2.15
C GLU C 153 -25.49 25.27 -1.96
N PHE C 154 -26.46 25.54 -1.09
CA PHE C 154 -27.55 24.57 -0.90
C PHE C 154 -28.95 25.07 -1.24
N ARG C 155 -29.87 24.13 -1.38
CA ARG C 155 -31.25 24.46 -1.71
C ARG C 155 -32.18 23.26 -1.50
N ILE C 156 -33.44 23.55 -1.18
CA ILE C 156 -34.42 22.51 -0.99
C ILE C 156 -35.60 22.76 -1.94
N SER C 157 -36.29 21.72 -2.37
CA SER C 157 -37.41 21.93 -3.26
C SER C 157 -38.69 22.01 -2.44
N ASP C 158 -39.48 23.07 -2.62
CA ASP C 158 -40.73 23.16 -1.96
C ASP C 158 -41.56 22.02 -2.46
N GLU C 159 -41.08 21.46 -3.56
CA GLU C 159 -41.71 20.31 -4.20
C GLU C 159 -41.86 19.20 -3.16
N ASN C 160 -40.76 18.47 -2.96
CA ASN C 160 -40.72 17.32 -2.04
C ASN C 160 -39.66 17.42 -0.95
N ASN C 161 -39.06 18.60 -0.80
CA ASN C 161 -38.17 18.85 0.34
C ASN C 161 -36.78 18.25 0.07
N GLU C 162 -36.61 17.56 -1.06
CA GLU C 162 -35.30 17.00 -1.37
C GLU C 162 -34.34 18.20 -1.44
N VAL C 163 -33.23 18.11 -0.71
CA VAL C 163 -32.23 19.18 -0.70
C VAL C 163 -31.19 18.93 -1.78
N GLN C 164 -30.60 20.00 -2.28
CA GLN C 164 -29.59 19.85 -3.30
C GLN C 164 -28.41 20.73 -3.02
N TYR C 165 -27.31 20.46 -3.72
CA TYR C 165 -26.10 21.25 -3.52
C TYR C 165 -25.22 21.23 -4.76
N LYS C 166 -24.44 22.30 -4.95
CA LYS C 166 -23.53 22.40 -6.08
C LYS C 166 -22.28 23.15 -5.60
N THR C 167 -21.20 23.08 -6.41
CA THR C 167 -19.94 23.74 -6.08
C THR C 167 -20.05 25.22 -6.37
N LYS C 168 -19.78 26.03 -5.37
CA LYS C 168 -19.81 27.49 -5.53
C LYS C 168 -19.17 27.90 -6.86
N GLU C 169 -19.59 29.03 -7.41
CA GLU C 169 -19.05 29.49 -8.68
C GLU C 169 -17.55 29.77 -8.60
N GLY C 170 -16.77 28.90 -9.23
CA GLY C 170 -15.33 29.07 -9.21
C GLY C 170 -14.64 28.19 -8.18
N LYS C 171 -15.13 28.25 -6.95
CA LYS C 171 -14.58 27.45 -5.86
C LYS C 171 -14.65 25.97 -6.26
N ILE C 172 -13.82 25.11 -5.67
CA ILE C 172 -13.87 23.68 -6.02
C ILE C 172 -13.64 22.72 -4.88
N THR C 173 -14.12 21.49 -5.07
CA THR C 173 -14.02 20.40 -4.09
C THR C 173 -12.58 20.10 -3.65
N VAL C 174 -12.43 19.29 -2.60
CA VAL C 174 -11.10 18.90 -2.15
C VAL C 174 -10.59 17.92 -3.19
N LEU C 175 -11.43 16.99 -3.60
CA LEU C 175 -11.06 16.01 -4.61
C LEU C 175 -11.00 16.73 -5.97
N GLY C 176 -11.23 18.04 -5.89
CA GLY C 176 -11.16 18.90 -7.07
C GLY C 176 -12.22 18.72 -8.14
N GLU C 177 -13.45 18.44 -7.74
CA GLU C 177 -14.51 18.27 -8.73
C GLU C 177 -15.16 19.62 -8.83
N LYS C 178 -16.13 19.74 -9.73
CA LYS C 178 -16.83 21.00 -9.95
C LYS C 178 -18.20 20.73 -10.57
N PHE C 179 -19.10 20.14 -9.79
CA PHE C 179 -20.44 19.82 -10.27
C PHE C 179 -21.44 20.96 -10.05
N ASN C 180 -22.71 20.71 -10.54
CA ASN C 180 -23.83 21.68 -10.50
C ASN C 180 -25.17 21.12 -10.05
N TRP C 181 -25.53 21.31 -8.78
CA TRP C 181 -27.11 21.35 -8.55
C TRP C 181 -27.34 19.83 -8.75
N ARG C 182 -27.27 19.09 -7.63
CA ARG C 182 -27.50 17.65 -7.58
C ARG C 182 -28.16 17.36 -6.24
N ASN C 183 -28.84 16.22 -6.13
CA ASN C 183 -29.50 15.85 -4.88
C ASN C 183 -28.49 15.24 -3.93
N ILE C 184 -28.60 15.60 -2.64
CA ILE C 184 -27.71 15.11 -1.60
C ILE C 184 -28.18 13.73 -1.13
N GLU C 185 -27.35 12.69 -1.31
CA GLU C 185 -27.72 11.36 -0.84
C GLU C 185 -27.21 11.17 0.59
N VAL C 186 -27.93 10.33 1.33
CA VAL C 186 -27.67 10.00 2.73
C VAL C 186 -27.63 8.49 2.91
N MET C 187 -26.76 8.00 3.80
CA MET C 187 -26.70 6.57 4.06
C MET C 187 -28.05 6.15 4.61
N ALA C 188 -28.51 4.97 4.27
CA ALA C 188 -29.80 4.57 4.76
C ALA C 188 -29.95 3.07 4.95
N LYS C 189 -30.48 2.69 6.10
CA LYS C 189 -30.70 1.28 6.41
C LYS C 189 -32.02 0.83 5.80
N ASN C 190 -32.06 -0.46 5.46
CA ASN C 190 -33.25 -1.04 4.87
C ASN C 190 -34.08 -1.53 6.03
N VAL C 191 -35.20 -0.86 6.25
CA VAL C 191 -36.08 -1.27 7.32
C VAL C 191 -37.34 -1.87 6.74
N GLU C 192 -37.59 -3.13 7.11
CA GLU C 192 -38.79 -3.84 6.68
C GLU C 192 -39.00 -3.66 5.17
N GLY C 193 -37.91 -3.74 4.40
CA GLY C 193 -38.00 -3.60 2.95
C GLY C 193 -37.94 -2.17 2.40
N VAL C 194 -38.01 -1.18 3.29
CA VAL C 194 -37.91 0.21 2.88
C VAL C 194 -36.45 0.65 3.13
N LEU C 195 -36.20 1.95 3.10
CA LEU C 195 -34.86 2.45 3.34
C LEU C 195 -34.96 3.70 4.17
N LYS C 196 -34.37 3.66 5.36
CA LYS C 196 -34.40 4.83 6.23
C LYS C 196 -33.01 5.41 6.53
N PRO C 197 -32.94 6.75 6.63
CA PRO C 197 -31.71 7.48 6.92
C PRO C 197 -31.31 7.14 8.34
N LEU C 198 -30.01 7.10 8.62
CA LEU C 198 -29.52 6.74 9.96
C LEU C 198 -28.46 7.71 10.50
N THR C 199 -28.76 8.37 11.62
CA THR C 199 -27.78 9.30 12.22
C THR C 199 -26.83 8.47 13.10
N ALA C 200 -25.84 9.11 13.70
CA ALA C 200 -24.89 8.39 14.56
C ALA C 200 -25.53 7.74 15.78
N ASP C 201 -24.93 6.66 16.25
CA ASP C 201 -25.38 5.90 17.42
C ASP C 201 -24.78 6.47 18.71
N TYR C 202 -24.95 5.76 19.82
CA TYR C 202 -24.32 6.14 21.09
C TYR C 202 -23.11 5.19 21.22
N ASP C 203 -21.93 5.70 21.58
CA ASP C 203 -20.78 4.81 21.71
C ASP C 203 -20.27 4.67 23.12
N LEU C 204 -20.02 3.44 23.52
CA LEU C 204 -19.55 3.21 24.89
C LEU C 204 -18.05 3.10 25.04
N PHE C 205 -17.50 4.06 25.79
CA PHE C 205 -16.08 4.11 26.12
C PHE C 205 -15.76 2.81 26.88
N ALA C 206 -16.56 2.56 27.93
CA ALA C 206 -16.39 1.37 28.74
C ALA C 206 -17.54 1.13 29.72
N LEU C 207 -17.56 -0.09 30.25
CA LEU C 207 -18.57 -0.52 31.22
C LEU C 207 -17.78 -0.96 32.44
N ALA C 208 -18.15 -0.45 33.60
CA ALA C 208 -17.44 -0.78 34.82
C ALA C 208 -18.44 -1.17 35.90
N PRO C 209 -18.86 -2.44 35.91
CA PRO C 209 -19.83 -3.02 36.85
C PRO C 209 -19.26 -3.23 38.25
N SER C 210 -20.10 -3.01 39.28
CA SER C 210 -19.65 -3.22 40.66
C SER C 210 -19.15 -4.68 40.79
N LEU C 211 -17.96 -4.83 41.36
CA LEU C 211 -17.34 -6.15 41.51
C LEU C 211 -18.32 -7.20 42.02
N THR C 212 -19.25 -6.75 42.87
CA THR C 212 -20.26 -7.64 43.40
C THR C 212 -20.93 -8.15 42.13
N GLU C 213 -21.53 -7.21 41.39
CA GLU C 213 -22.25 -7.48 40.14
C GLU C 213 -21.64 -8.52 39.19
N ILE C 214 -20.41 -8.95 39.48
CA ILE C 214 -19.75 -9.93 38.63
C ILE C 214 -19.78 -11.32 39.26
N LYS C 215 -20.25 -11.42 40.50
CA LYS C 215 -20.38 -12.71 41.15
C LYS C 215 -21.71 -13.20 40.58
N LYS C 216 -22.69 -12.31 40.61
CA LYS C 216 -24.00 -12.61 40.05
C LYS C 216 -23.70 -12.78 38.56
N GLN C 217 -22.92 -13.80 38.23
CA GLN C 217 -22.91 -14.27 36.80
C GLN C 217 -22.34 -15.68 36.72
N ILE C 218 -21.72 -16.10 37.82
CA ILE C 218 -21.12 -17.42 37.92
C ILE C 218 -22.11 -18.36 38.62
N PRO C 219 -22.44 -19.49 37.99
CA PRO C 219 -23.38 -20.42 38.62
C PRO C 219 -22.93 -20.87 40.01
N GLN C 220 -23.89 -20.94 40.94
CA GLN C 220 -23.64 -21.34 42.33
C GLN C 220 -23.11 -22.77 42.44
N LYS C 221 -22.24 -23.15 41.52
CA LYS C 221 -21.69 -24.49 41.52
C LYS C 221 -20.16 -24.44 41.48
N GLU C 222 -19.60 -24.02 40.35
CA GLU C 222 -18.15 -23.95 40.19
C GLU C 222 -17.54 -22.99 41.18
N TRP C 223 -18.34 -22.02 41.64
CA TRP C 223 -17.85 -21.05 42.60
C TRP C 223 -17.73 -21.73 43.97
N ASP C 224 -18.51 -22.78 44.16
CA ASP C 224 -18.49 -23.55 45.40
C ASP C 224 -17.30 -24.50 45.31
N LYS C 225 -17.38 -25.39 44.34
CA LYS C 225 -16.33 -26.39 44.11
C LYS C 225 -14.93 -25.83 44.33
N VAL C 226 -14.53 -24.91 43.47
CA VAL C 226 -13.20 -24.33 43.54
C VAL C 226 -12.87 -23.58 44.83
N VAL C 227 -13.88 -22.97 45.45
CA VAL C 227 -13.65 -22.19 46.66
C VAL C 227 -13.48 -22.97 47.96
N ASN C 228 -13.13 -24.25 47.85
CA ASN C 228 -12.95 -25.12 49.03
C ASN C 228 -11.59 -24.97 49.72
N THR C 229 -10.89 -23.89 49.41
CA THR C 229 -9.56 -23.56 49.98
C THR C 229 -8.56 -24.72 50.13
N PRO C 230 -8.39 -25.55 49.07
CA PRO C 230 -7.45 -26.68 49.14
C PRO C 230 -5.99 -26.26 48.86
N ASN C 231 -5.60 -25.07 49.33
CA ASN C 231 -4.25 -24.55 49.13
C ASN C 231 -4.01 -23.97 47.73
N GLU C 234 -5.01 -24.08 46.84
CA GLU C 234 -4.87 -23.55 45.48
C GLU C 234 -6.19 -23.00 44.90
N LYS C 235 -7.02 -22.40 45.76
CA LYS C 235 -8.28 -21.81 45.32
C LYS C 235 -7.94 -20.37 44.95
N GLN C 236 -6.70 -20.02 45.28
CA GLN C 236 -6.15 -18.71 44.97
C GLN C 236 -6.35 -18.58 43.46
N LYS C 237 -5.44 -19.22 42.72
CA LYS C 237 -5.48 -19.25 41.27
C LYS C 237 -6.86 -19.72 40.80
N GLY C 238 -7.68 -20.13 41.77
CA GLY C 238 -9.01 -20.60 41.45
C GLY C 238 -9.97 -19.49 41.12
N VAL C 239 -10.22 -18.60 42.09
CA VAL C 239 -11.15 -17.51 41.84
C VAL C 239 -10.70 -16.57 40.72
N THR C 240 -9.42 -16.21 40.66
CA THR C 240 -9.00 -15.30 39.60
C THR C 240 -9.38 -15.88 38.24
N ASN C 241 -8.99 -17.12 37.96
CA ASN C 241 -9.33 -17.72 36.66
C ASN C 241 -10.83 -17.86 36.53
N LEU C 242 -11.54 -18.00 37.64
CA LEU C 242 -12.99 -18.08 37.54
C LEU C 242 -13.42 -16.64 37.20
N LEU C 243 -13.09 -15.72 38.10
CA LEU C 243 -13.40 -14.31 37.94
C LEU C 243 -12.99 -13.82 36.56
N ILE C 244 -11.95 -14.43 36.01
CA ILE C 244 -11.45 -14.05 34.68
C ILE C 244 -12.44 -14.27 33.55
N LYS C 245 -13.12 -15.42 33.52
CA LYS C 245 -14.06 -15.69 32.44
C LYS C 245 -15.44 -15.06 32.60
N TYR C 246 -15.92 -14.88 33.82
CA TYR C 246 -17.23 -14.26 33.98
C TYR C 246 -17.07 -12.79 34.31
N GLY C 247 -15.87 -12.33 34.10
CA GLY C 247 -15.64 -10.95 34.25
C GLY C 247 -14.75 -10.52 33.09
N ILE C 248 -13.79 -11.38 32.59
CA ILE C 248 -12.80 -10.82 31.58
C ILE C 248 -12.10 -11.48 30.41
N GLU C 249 -12.69 -12.32 29.62
CA GLU C 249 -12.10 -12.78 28.42
C GLU C 249 -13.21 -12.33 27.49
N ARG C 250 -12.94 -11.52 26.46
CA ARG C 250 -13.99 -11.12 25.53
C ARG C 250 -13.98 -12.05 24.33
N LYS C 251 -14.87 -11.80 23.38
CA LYS C 251 -14.98 -12.62 22.19
C LYS C 251 -15.74 -11.89 21.10
N PRO C 252 -15.47 -12.24 19.85
CA PRO C 252 -16.13 -11.65 18.67
C PRO C 252 -17.67 -11.78 18.67
N ASP C 253 -18.31 -10.91 17.90
CA ASP C 253 -19.74 -11.25 17.48
C ASP C 253 -20.16 -10.86 16.05
N SER C 254 -19.29 -10.12 15.37
CA SER C 254 -19.51 -9.68 13.98
C SER C 254 -20.65 -8.67 13.80
N THR C 255 -21.18 -8.16 14.91
CA THR C 255 -22.26 -7.20 14.84
C THR C 255 -22.07 -6.19 15.96
N LYS C 256 -21.69 -6.70 17.13
CA LYS C 256 -21.45 -5.89 18.31
C LYS C 256 -19.96 -5.82 18.59
N GLY C 257 -19.19 -6.31 17.62
CA GLY C 257 -17.74 -6.31 17.72
C GLY C 257 -17.21 -7.45 18.54
N THR C 258 -16.28 -7.11 19.41
CA THR C 258 -15.64 -8.06 20.31
C THR C 258 -15.99 -7.53 21.69
N LEU C 259 -16.85 -8.25 22.41
CA LEU C 259 -17.27 -7.83 23.76
C LEU C 259 -17.34 -8.98 24.75
N SER C 260 -18.08 -8.77 25.83
CA SER C 260 -18.23 -9.79 26.84
C SER C 260 -19.69 -10.16 26.96
N ASN C 261 -19.96 -11.45 27.16
CA ASN C 261 -21.32 -11.95 27.32
C ASN C 261 -22.03 -11.05 28.33
N TRP C 262 -21.34 -10.72 29.43
CA TRP C 262 -21.92 -9.85 30.44
C TRP C 262 -22.34 -8.50 29.82
N GLN C 263 -21.43 -7.94 29.03
CA GLN C 263 -21.65 -6.66 28.37
C GLN C 263 -22.76 -6.75 27.37
N LYS C 264 -22.77 -7.86 26.64
CA LYS C 264 -23.80 -8.13 25.64
C LYS C 264 -25.17 -7.93 26.29
N GLN C 265 -25.37 -8.54 27.44
CA GLN C 265 -26.62 -8.41 28.18
C GLN C 265 -26.82 -6.94 28.44
N MET C 266 -25.82 -6.35 29.10
CA MET C 266 -25.85 -4.94 29.46
C MET C 266 -26.18 -4.13 28.22
N LEU C 267 -25.74 -4.63 27.07
CA LEU C 267 -25.98 -3.98 25.80
C LEU C 267 -27.46 -4.10 25.43
N ASP C 268 -28.11 -5.13 25.97
CA ASP C 268 -29.54 -5.37 25.74
C ASP C 268 -30.32 -4.43 26.64
N ARG C 269 -30.13 -4.62 27.95
CA ARG C 269 -30.80 -3.80 28.94
C ARG C 269 -30.88 -2.35 28.46
N LEU C 270 -29.71 -1.79 28.18
CA LEU C 270 -29.55 -0.41 27.71
C LEU C 270 -30.53 -0.02 26.60
N ASN C 271 -30.65 -0.88 25.59
CA ASN C 271 -31.54 -0.61 24.46
C ASN C 271 -33.00 -0.64 24.84
N GLU C 272 -33.45 -1.82 25.24
CA GLU C 272 -34.85 -1.99 25.62
C GLU C 272 -35.11 -0.91 26.68
N ALA C 273 -34.03 -0.35 27.21
CA ALA C 273 -34.13 0.70 28.20
C ALA C 273 -34.41 2.05 27.57
N VAL C 274 -33.91 2.27 26.36
CA VAL C 274 -34.14 3.57 25.72
C VAL C 274 -35.48 3.58 25.06
N LYS C 275 -35.88 2.41 24.56
CA LYS C 275 -37.15 2.24 23.88
C LYS C 275 -38.30 2.76 24.75
N TYR C 276 -38.30 2.32 26.00
CA TYR C 276 -39.29 2.72 27.01
C TYR C 276 -39.45 4.23 27.07
N THR C 277 -38.87 4.95 26.12
CA THR C 277 -38.98 6.40 26.16
C THR C 277 -39.59 6.94 24.88
N GLY C 278 -39.77 6.05 23.90
CA GLY C 278 -40.37 6.49 22.66
C GLY C 278 -39.48 6.39 21.44
N TYR C 279 -38.21 6.06 21.65
CA TYR C 279 -37.30 5.94 20.51
C TYR C 279 -37.67 4.71 19.70
N THR C 280 -38.32 4.94 18.58
CA THR C 280 -38.74 3.85 17.71
C THR C 280 -37.67 3.49 16.70
N GLY C 281 -37.62 2.22 16.32
CA GLY C 281 -36.66 1.80 15.32
C GLY C 281 -35.19 1.74 15.68
N GLY C 282 -34.72 0.52 15.89
CA GLY C 282 -33.34 0.28 16.21
C GLY C 282 -32.85 0.54 17.62
N ASP C 283 -31.73 -0.11 17.92
CA ASP C 283 -31.03 0.02 19.18
C ASP C 283 -30.20 1.28 19.01
N VAL C 284 -29.86 1.91 20.12
CA VAL C 284 -29.08 3.12 20.07
C VAL C 284 -27.62 2.76 20.41
N VAL C 285 -27.43 1.57 20.96
CA VAL C 285 -26.12 1.08 21.26
C VAL C 285 -26.04 -0.20 20.45
N ASN C 286 -25.06 -0.29 19.56
CA ASN C 286 -24.95 -1.47 18.72
C ASN C 286 -23.64 -2.25 18.86
N HIS C 287 -22.67 -1.75 19.62
CA HIS C 287 -21.45 -2.53 19.71
C HIS C 287 -20.60 -2.37 20.98
N GLY C 288 -19.49 -3.08 20.97
CA GLY C 288 -18.55 -3.08 22.07
C GLY C 288 -18.04 -1.74 22.58
N THR C 289 -17.35 -1.85 23.70
CA THR C 289 -16.78 -0.69 24.37
C THR C 289 -15.48 -0.32 23.67
N GLU C 290 -15.17 0.97 23.65
CA GLU C 290 -13.95 1.41 22.98
C GLU C 290 -12.78 0.55 23.42
N GLN C 291 -12.78 0.23 24.71
CA GLN C 291 -11.76 -0.57 25.35
C GLN C 291 -11.41 -1.91 24.69
N ASP C 292 -12.26 -2.39 23.80
CA ASP C 292 -11.97 -3.62 23.12
C ASP C 292 -11.74 -3.39 21.64
N ASN C 293 -11.56 -2.11 21.31
CA ASN C 293 -11.28 -1.70 19.95
C ASN C 293 -9.76 -1.55 19.83
N GLU C 294 -9.06 -2.66 19.86
CA GLU C 294 -7.61 -2.65 19.79
C GLU C 294 -7.01 -2.32 18.42
N GLU C 295 -7.82 -2.33 17.36
CA GLU C 295 -7.27 -2.08 16.03
C GLU C 295 -7.33 -0.65 15.49
N PHE C 296 -8.37 0.09 15.83
CA PHE C 296 -8.48 1.47 15.37
C PHE C 296 -8.96 2.24 16.56
N PRO C 297 -8.09 2.39 17.57
CA PRO C 297 -8.47 3.11 18.77
C PRO C 297 -8.58 4.59 18.47
N GLU C 298 -9.65 5.19 18.97
CA GLU C 298 -9.89 6.61 18.78
C GLU C 298 -9.86 7.24 20.16
N LYS C 299 -8.93 8.16 20.39
CA LYS C 299 -8.82 8.83 21.68
C LYS C 299 -9.60 10.16 21.64
N ASP C 300 -10.45 10.37 22.64
CA ASP C 300 -11.25 11.58 22.68
C ASP C 300 -10.96 12.43 23.89
N ASN C 301 -11.37 13.69 23.82
CA ASN C 301 -11.14 14.56 24.94
C ASN C 301 -12.10 14.25 26.07
N GLU C 302 -13.39 14.56 25.91
CA GLU C 302 -14.39 14.31 26.97
C GLU C 302 -15.21 13.01 26.91
N ILE C 303 -15.21 12.26 28.02
CA ILE C 303 -15.97 11.03 28.14
C ILE C 303 -17.11 11.30 29.10
N PHE C 304 -18.27 10.77 28.77
CA PHE C 304 -19.45 10.96 29.62
C PHE C 304 -19.56 9.82 30.63
N ILE C 305 -19.79 10.16 31.90
CA ILE C 305 -19.91 9.09 32.88
C ILE C 305 -21.23 9.06 33.62
N ILE C 306 -21.84 7.88 33.57
CA ILE C 306 -23.07 7.58 34.26
C ILE C 306 -22.51 6.76 35.40
N ASN C 307 -22.66 7.26 36.63
CA ASN C 307 -22.13 6.54 37.77
C ASN C 307 -23.20 5.75 38.49
N PRO C 308 -22.78 4.71 39.26
CA PRO C 308 -23.70 3.86 40.00
C PRO C 308 -24.81 4.64 40.72
N GLU C 309 -24.46 5.65 41.51
CA GLU C 309 -25.51 6.41 42.18
C GLU C 309 -26.48 6.98 41.15
N GLY C 310 -25.97 7.31 39.97
CA GLY C 310 -26.82 7.83 38.91
C GLY C 310 -26.66 9.29 38.56
N GLU C 311 -25.49 9.85 38.80
CA GLU C 311 -25.25 11.25 38.49
C GLU C 311 -24.38 11.43 37.25
N PHE C 312 -24.40 12.65 36.72
CA PHE C 312 -23.65 12.96 35.50
C PHE C 312 -22.24 13.60 35.60
N ILE C 313 -21.29 12.98 34.90
CA ILE C 313 -19.92 13.41 34.93
C ILE C 313 -19.37 13.55 33.52
N LEU C 314 -18.50 14.54 33.31
CA LEU C 314 -17.88 14.73 32.00
C LEU C 314 -16.41 15.04 32.08
N THR C 315 -15.57 14.04 31.82
CA THR C 315 -14.13 14.27 31.84
C THR C 315 -13.85 15.33 30.80
N LYS C 316 -12.77 16.09 30.99
CA LYS C 316 -12.39 17.16 30.05
C LYS C 316 -11.25 16.82 29.11
N ASN C 317 -10.61 15.68 29.30
CA ASN C 317 -9.50 15.25 28.44
C ASN C 317 -8.81 14.01 28.97
N TRP C 318 -8.49 13.12 28.05
CA TRP C 318 -7.80 11.87 28.33
C TRP C 318 -7.14 11.83 29.68
N GLU C 319 -6.26 12.79 29.90
CA GLU C 319 -5.50 12.88 31.14
C GLU C 319 -6.46 12.77 32.31
N MET C 320 -7.42 13.71 32.38
CA MET C 320 -8.41 13.72 33.45
C MET C 320 -9.41 12.55 33.38
N THR C 321 -9.81 12.18 32.17
CA THR C 321 -10.73 11.07 32.04
C THR C 321 -10.14 9.85 32.74
N GLY C 322 -8.86 9.61 32.50
CA GLY C 322 -8.19 8.49 33.11
C GLY C 322 -8.06 8.64 34.63
N ARG C 323 -7.85 9.86 35.11
CA ARG C 323 -7.71 10.04 36.55
C ARG C 323 -9.03 9.72 37.21
N PHE C 324 -10.12 9.95 36.51
CA PHE C 324 -11.45 9.64 37.05
C PHE C 324 -11.66 8.10 37.14
N ILE C 325 -11.18 7.35 36.14
CA ILE C 325 -11.33 5.90 36.12
C ILE C 325 -10.43 5.27 37.18
N GLU C 326 -9.42 6.05 37.59
CA GLU C 326 -8.43 5.64 38.58
C GLU C 326 -9.03 5.77 39.98
N LYS C 327 -9.34 6.99 40.37
CA LYS C 327 -9.93 7.25 41.66
C LYS C 327 -11.24 6.51 41.92
N ASN C 328 -12.26 6.76 41.11
CA ASN C 328 -13.57 6.14 41.32
C ASN C 328 -13.94 4.77 40.76
N ILE C 329 -13.10 4.20 39.90
CA ILE C 329 -13.47 2.91 39.34
C ILE C 329 -12.39 1.86 39.47
N THR C 330 -11.40 1.94 38.60
CA THR C 330 -10.31 0.96 38.61
C THR C 330 -9.83 0.72 40.03
N GLY C 331 -9.47 1.80 40.72
CA GLY C 331 -9.01 1.65 42.09
C GLY C 331 -10.15 1.76 43.07
N LYS C 332 -11.28 1.15 42.75
CA LYS C 332 -12.10 0.70 44.07
C LYS C 332 -12.48 -0.76 44.35
N ASP C 333 -13.60 -1.20 43.81
CA ASP C 333 -14.03 -2.60 43.96
C ASP C 333 -14.28 -2.93 42.48
N TYR C 334 -15.02 -2.05 41.80
CA TYR C 334 -15.40 -2.17 40.39
C TYR C 334 -14.41 -2.80 39.39
N LEU C 335 -14.92 -3.72 38.56
CA LEU C 335 -14.12 -4.39 37.52
C LEU C 335 -13.96 -3.44 36.34
N TYR C 336 -12.81 -3.49 35.67
CA TYR C 336 -12.54 -2.60 34.54
C TYR C 336 -11.24 -3.02 33.88
N TYR C 337 -11.15 -2.85 32.56
CA TYR C 337 -9.93 -3.19 31.82
C TYR C 337 -9.71 -2.12 30.76
N PHE C 338 -8.49 -1.98 30.26
CA PHE C 338 -8.24 -0.97 29.24
C PHE C 338 -7.69 -1.48 27.92
N ASN C 339 -8.09 -0.83 26.83
CA ASN C 339 -7.68 -1.20 25.47
C ASN C 339 -6.25 -1.69 25.39
N ARG C 340 -6.10 -3.01 25.21
CA ARG C 340 -4.81 -3.69 25.10
C ARG C 340 -3.82 -3.02 24.18
N SER C 341 -4.33 -2.14 23.32
CA SER C 341 -3.48 -1.43 22.37
C SER C 341 -2.88 -0.20 22.98
N TYR C 342 -3.45 0.26 24.08
CA TYR C 342 -2.88 1.44 24.70
C TYR C 342 -1.39 1.16 24.93
N ASN C 343 -0.59 2.21 25.01
CA ASN C 343 0.85 2.09 25.20
C ASN C 343 1.45 1.18 24.15
N LYS C 344 1.35 1.57 22.88
CA LYS C 344 1.91 0.78 21.77
C LYS C 344 1.24 1.16 20.50
N ILE C 345 1.88 0.86 19.37
CA ILE C 345 1.29 1.24 18.11
C ILE C 345 0.10 0.38 17.69
N ALA C 346 -1.11 0.94 17.76
CA ALA C 346 -2.29 0.20 17.37
C ALA C 346 -2.10 -0.31 15.96
N PRO C 347 -2.32 -1.62 15.75
CA PRO C 347 -2.15 -2.25 14.43
C PRO C 347 -2.89 -1.58 13.29
N GLY C 348 -4.19 -1.33 13.49
CA GLY C 348 -5.02 -0.70 12.45
C GLY C 348 -4.72 0.74 12.07
N ASN C 349 -4.81 1.67 13.00
CA ASN C 349 -4.57 3.07 12.65
C ASN C 349 -3.26 3.63 13.21
N LYS C 350 -2.26 2.79 13.38
CA LYS C 350 -0.98 3.25 13.92
C LYS C 350 -1.14 4.24 15.07
N ALA C 351 -2.28 4.17 15.75
CA ALA C 351 -2.58 5.04 16.89
C ALA C 351 -1.63 4.70 18.01
N TYR C 352 -1.51 5.57 19.01
CA TYR C 352 -0.62 5.31 20.15
C TYR C 352 -1.16 6.01 21.37
N ILE C 353 -2.27 5.51 21.90
CA ILE C 353 -2.88 6.15 23.09
C ILE C 353 -2.22 5.60 24.35
N GLU C 354 -1.67 6.47 25.17
CA GLU C 354 -1.00 6.01 26.37
C GLU C 354 -1.92 5.97 27.57
N TRP C 355 -1.65 5.02 28.46
CA TRP C 355 -2.46 4.85 29.66
C TRP C 355 -1.58 4.32 30.76
N THR C 356 -1.91 4.65 32.01
CA THR C 356 -1.12 4.21 33.15
C THR C 356 -1.37 2.75 33.56
N ASP C 357 -0.42 1.90 33.20
CA ASP C 357 -0.46 0.48 33.48
C ASP C 357 0.54 0.14 34.59
N PRO C 358 0.08 0.19 35.86
CA PRO C 358 0.85 -0.09 37.08
C PRO C 358 2.04 -1.03 36.93
N ILE C 359 1.89 -2.03 36.09
CA ILE C 359 2.94 -3.00 35.88
C ILE C 359 4.15 -2.38 35.21
N THR C 360 3.99 -1.85 33.99
CA THR C 360 5.13 -1.25 33.30
C THR C 360 5.55 0.03 34.02
N LYS C 361 5.15 0.11 35.28
CA LYS C 361 5.47 1.23 36.17
C LYS C 361 6.49 0.74 37.19
N ALA C 362 5.99 0.04 38.21
CA ALA C 362 6.84 -0.50 39.25
C ALA C 362 7.72 -1.64 38.73
N LYS C 363 8.69 -1.30 37.90
CA LYS C 363 9.60 -2.30 37.37
C LYS C 363 10.83 -2.37 38.28
N ILE C 364 11.07 -3.56 38.83
CA ILE C 364 12.20 -3.82 39.73
C ILE C 364 12.36 -5.34 39.77
N ASN C 365 11.85 -6.00 38.73
CA ASN C 365 11.86 -7.47 38.64
C ASN C 365 12.93 -8.13 37.77
N THR C 366 12.55 -9.28 37.23
CA THR C 366 13.42 -10.07 36.37
C THR C 366 12.53 -11.15 35.73
N ILE C 367 12.48 -11.15 34.41
CA ILE C 367 11.65 -12.09 33.63
C ILE C 367 12.35 -13.47 33.51
N PRO C 368 11.80 -14.42 32.74
CA PRO C 368 12.52 -15.69 32.65
C PRO C 368 13.94 -15.53 32.11
N SER C 412 19.22 -17.13 37.73
CA SER C 412 18.09 -16.81 36.84
C SER C 412 16.81 -17.53 37.26
N ASP C 413 16.51 -17.47 38.55
CA ASP C 413 15.10 -17.74 39.03
C ASP C 413 14.77 -17.05 40.35
N TYR C 414 15.10 -15.76 40.44
CA TYR C 414 14.83 -14.98 41.65
C TYR C 414 13.57 -15.45 42.37
N TYR C 415 12.48 -15.53 41.61
CA TYR C 415 11.21 -15.98 42.14
C TYR C 415 11.23 -17.51 42.16
N ASN C 416 11.44 -18.07 43.35
CA ASN C 416 11.50 -19.52 43.54
C ASN C 416 10.19 -20.22 43.21
N SER C 417 10.25 -21.16 42.27
CA SER C 417 9.09 -21.94 41.84
C SER C 417 8.30 -22.37 43.07
N ALA C 418 8.91 -23.27 43.86
CA ALA C 418 8.33 -23.78 45.09
C ALA C 418 9.11 -23.13 46.24
N ASN C 419 8.57 -22.05 46.78
CA ASN C 419 9.25 -21.32 47.84
C ASN C 419 8.32 -20.95 48.99
N HIS C 420 7.02 -21.15 48.79
CA HIS C 420 6.03 -20.80 49.81
C HIS C 420 6.18 -21.59 51.12
N ILE C 421 7.13 -22.53 51.12
CA ILE C 421 7.38 -23.38 52.27
C ILE C 421 8.42 -22.86 53.28
N PHE C 422 9.47 -22.21 52.79
CA PHE C 422 10.53 -21.68 53.64
C PHE C 422 10.06 -20.61 54.62
N SER C 423 10.99 -20.12 55.43
CA SER C 423 10.70 -19.09 56.42
C SER C 423 10.63 -17.71 55.76
N GLN C 424 9.77 -16.85 56.29
CA GLN C 424 9.60 -15.50 55.75
C GLN C 424 10.96 -14.84 55.50
N GLU C 425 11.70 -14.64 56.58
CA GLU C 425 13.02 -14.02 56.49
C GLU C 425 13.91 -14.81 55.53
N LYS C 426 13.67 -16.11 55.41
CA LYS C 426 14.46 -16.94 54.51
C LYS C 426 14.46 -16.28 53.13
N LYS C 427 13.32 -16.35 52.46
CA LYS C 427 13.15 -15.75 51.12
C LYS C 427 13.32 -14.23 51.20
N ARG C 428 12.89 -13.66 52.32
CA ARG C 428 12.99 -12.23 52.58
C ARG C 428 14.46 -11.91 52.86
N LYS C 429 15.35 -12.81 52.43
CA LYS C 429 16.79 -12.67 52.60
C LYS C 429 17.53 -13.44 51.52
N ILE C 430 17.24 -14.73 51.40
CA ILE C 430 17.87 -15.60 50.40
C ILE C 430 17.72 -15.07 48.98
N SER C 431 16.59 -14.44 48.72
CA SER C 431 16.32 -13.88 47.42
C SER C 431 17.43 -12.90 47.04
N ILE C 432 17.78 -12.01 47.96
CA ILE C 432 18.81 -11.00 47.74
C ILE C 432 20.06 -11.54 47.06
N PHE C 433 20.28 -12.85 47.17
CA PHE C 433 21.44 -13.50 46.57
C PHE C 433 21.15 -14.01 45.17
N ARG C 434 19.95 -14.56 45.00
CA ARG C 434 19.53 -15.11 43.72
C ARG C 434 19.80 -14.11 42.59
N GLY C 435 19.40 -12.86 42.80
CA GLY C 435 19.60 -11.84 41.79
C GLY C 435 21.06 -11.56 41.54
N ILE C 436 21.84 -11.58 42.62
CA ILE C 436 23.28 -11.34 42.53
C ILE C 436 23.92 -12.50 41.77
N GLN C 437 23.90 -12.42 40.45
CA GLN C 437 24.46 -13.48 39.62
C GLN C 437 24.86 -12.98 38.22
N ALA C 438 24.21 -11.92 37.74
CA ALA C 438 24.52 -11.38 36.42
C ALA C 438 25.52 -10.23 36.49
N TYR C 439 26.75 -10.57 36.82
CA TYR C 439 27.82 -9.58 36.95
C TYR C 439 29.12 -10.10 36.35
N ASN C 440 29.34 -11.41 36.44
CA ASN C 440 30.22 -11.80 34.99
C ASN C 440 29.80 -12.84 33.95
N GLU C 441 30.03 -14.12 34.24
CA GLU C 441 29.17 -15.18 33.50
C GLU C 441 29.43 -14.93 32.01
N ILE C 442 28.40 -15.09 31.19
CA ILE C 442 28.52 -14.85 29.75
C ILE C 442 28.54 -13.35 29.54
N GLU C 443 28.50 -12.62 30.66
CA GLU C 443 28.08 -11.17 30.58
C GLU C 443 29.44 -10.51 30.32
N ASN C 444 29.62 -9.32 30.89
CA ASN C 444 30.84 -8.53 30.76
C ASN C 444 31.08 -8.16 29.29
N VAL C 445 30.00 -8.12 28.52
CA VAL C 445 30.08 -7.78 27.10
C VAL C 445 29.89 -6.26 26.97
N LEU C 446 30.16 -5.57 28.08
CA LEU C 446 30.04 -4.12 28.14
C LEU C 446 31.29 -3.51 27.49
N LYS C 447 32.38 -3.54 28.19
CA LYS C 447 33.68 -3.12 27.62
C LYS C 447 34.25 -4.21 26.82
N SER C 448 33.38 -5.02 26.29
CA SER C 448 34.16 -6.35 25.91
C SER C 448 34.35 -5.92 24.46
N LYS C 449 33.42 -6.42 23.69
CA LYS C 449 33.44 -6.36 22.26
C LYS C 449 32.37 -5.32 21.83
N GLN C 450 32.51 -4.03 22.11
CA GLN C 450 31.71 -2.87 21.66
C GLN C 450 30.19 -2.93 21.38
N ILE C 451 29.42 -3.02 22.45
CA ILE C 451 27.96 -2.95 22.37
C ILE C 451 27.43 -1.62 22.92
N ALA C 452 26.67 -0.92 22.09
CA ALA C 452 26.09 0.37 22.45
C ALA C 452 25.30 0.30 23.77
N PRO C 453 24.81 1.46 24.25
CA PRO C 453 24.04 1.53 25.50
C PRO C 453 22.67 0.83 25.48
N GLU C 454 22.58 -0.30 24.78
CA GLU C 454 21.33 -1.06 24.73
C GLU C 454 21.54 -2.38 25.46
N TYR C 455 22.13 -3.35 24.79
CA TYR C 455 22.40 -4.62 25.46
C TYR C 455 23.17 -4.20 26.70
N LYS C 456 23.91 -3.10 26.57
CA LYS C 456 24.70 -2.54 27.65
C LYS C 456 23.81 -2.00 28.74
N ASN C 457 23.36 -0.75 28.57
CA ASN C 457 22.51 -0.07 29.53
C ASN C 457 21.42 -0.99 30.08
N TYR C 458 21.03 -2.01 29.33
CA TYR C 458 20.01 -2.94 29.79
C TYR C 458 20.45 -3.50 31.13
N PHE C 459 21.67 -4.02 31.18
CA PHE C 459 22.19 -4.55 32.42
C PHE C 459 22.38 -3.35 33.33
N GLN C 460 22.76 -2.22 32.72
CA GLN C 460 22.96 -0.98 33.46
C GLN C 460 21.59 -0.43 33.83
N TYR C 461 20.61 -1.32 33.81
CA TYR C 461 19.23 -1.02 34.17
C TYR C 461 18.78 -2.15 35.09
N LEU C 462 19.11 -3.37 34.68
CA LEU C 462 18.78 -4.54 35.49
C LEU C 462 19.44 -4.33 36.83
N LYS C 463 20.70 -3.89 36.78
CA LYS C 463 21.49 -3.59 37.97
C LYS C 463 20.83 -2.47 38.78
N GLU C 464 20.33 -1.47 38.07
CA GLU C 464 19.66 -0.33 38.71
C GLU C 464 18.30 -0.80 39.23
N ARG C 465 17.73 -1.81 38.58
CA ARG C 465 16.44 -2.35 38.98
C ARG C 465 16.62 -3.25 40.19
N ILE C 466 17.28 -4.39 39.96
CA ILE C 466 17.54 -5.40 40.98
C ILE C 466 17.68 -4.86 42.39
N THR C 467 18.36 -3.72 42.51
CA THR C 467 18.60 -3.08 43.80
C THR C 467 17.36 -2.85 44.69
N ASN C 468 16.57 -1.84 44.36
CA ASN C 468 15.36 -1.50 45.14
C ASN C 468 14.49 -2.73 45.41
N GLN C 469 14.64 -3.76 44.57
CA GLN C 469 13.89 -5.01 44.67
C GLN C 469 14.42 -5.92 45.77
N VAL C 470 15.70 -5.74 46.12
CA VAL C 470 16.35 -6.54 47.14
C VAL C 470 16.41 -5.79 48.47
N GLN C 471 16.30 -4.47 48.41
CA GLN C 471 16.32 -3.66 49.62
C GLN C 471 14.90 -3.40 50.08
N LEU C 472 13.94 -3.48 49.16
CA LEU C 472 12.53 -3.28 49.49
C LEU C 472 12.21 -4.20 50.67
N LEU C 473 12.86 -5.36 50.68
CA LEU C 473 12.69 -6.35 51.72
C LEU C 473 13.78 -6.16 52.78
N LEU C 474 14.91 -5.60 52.35
CA LEU C 474 16.03 -5.32 53.23
C LEU C 474 15.74 -4.05 54.02
N THR C 475 14.49 -3.61 53.97
CA THR C 475 14.05 -2.42 54.69
C THR C 475 13.10 -2.88 55.80
N HIS C 476 13.08 -4.19 56.02
CA HIS C 476 12.28 -4.80 57.07
C HIS C 476 13.36 -5.39 57.97
N GLN C 477 14.46 -5.79 57.33
CA GLN C 477 15.62 -6.39 57.97
C GLN C 477 16.57 -5.33 58.51
N LYS C 484 21.74 -0.14 49.33
CA LYS C 484 23.09 0.38 49.48
C LYS C 484 23.65 0.07 50.86
N LEU C 485 24.25 -1.12 50.99
CA LEU C 485 24.83 -1.54 52.26
C LEU C 485 26.32 -1.82 52.11
N LEU C 486 26.67 -3.03 51.67
CA LEU C 486 28.06 -3.41 51.50
C LEU C 486 28.31 -4.40 50.36
N TYR C 487 29.31 -4.09 49.54
CA TYR C 487 29.68 -4.95 48.42
C TYR C 487 31.20 -5.03 48.34
N LYS C 488 31.85 -4.88 49.49
CA LYS C 488 33.31 -4.94 49.59
C LYS C 488 33.73 -6.19 50.35
N GLN C 489 32.75 -6.84 50.98
CA GLN C 489 32.98 -8.05 51.76
C GLN C 489 32.35 -9.27 51.10
N LEU C 490 32.43 -9.34 49.78
CA LEU C 490 31.87 -10.45 49.00
C LEU C 490 32.69 -10.68 47.74
N ASN C 491 32.96 -11.95 47.42
CA ASN C 491 33.74 -12.27 46.23
C ASN C 491 33.27 -13.54 45.53
N PHE C 492 32.88 -13.39 44.28
CA PHE C 492 32.44 -14.51 43.47
C PHE C 492 33.31 -14.55 42.22
N THR C 493 34.32 -15.41 42.23
CA THR C 493 35.23 -15.56 41.11
C THR C 493 35.35 -17.04 40.74
N GLU C 494 34.70 -17.88 41.53
CA GLU C 494 34.70 -19.32 41.33
C GLU C 494 33.28 -19.85 41.44
N ASN C 495 33.14 -21.18 41.41
CA ASN C 495 31.83 -21.83 41.51
C ASN C 495 30.88 -21.13 42.48
N GLU C 496 29.59 -21.09 42.13
CA GLU C 496 28.57 -20.44 42.95
C GLU C 496 28.23 -21.27 44.20
N THR C 497 29.16 -22.11 44.62
CA THR C 497 28.96 -22.97 45.79
C THR C 497 29.91 -22.61 46.93
N ASP C 498 31.15 -22.26 46.58
CA ASP C 498 32.16 -21.92 47.58
C ASP C 498 31.76 -20.69 48.38
N ASN C 499 31.80 -19.52 47.74
CA ASN C 499 31.44 -18.28 48.39
C ASN C 499 29.99 -18.26 48.86
N PHE C 500 29.29 -19.38 48.67
CA PHE C 500 27.89 -19.46 49.10
C PHE C 500 27.85 -19.48 50.61
N GLU C 501 28.73 -20.27 51.22
CA GLU C 501 28.80 -20.38 52.67
C GLU C 501 29.33 -19.08 53.28
N VAL C 502 29.65 -18.12 52.42
CA VAL C 502 30.15 -16.81 52.84
C VAL C 502 29.00 -15.82 52.85
N PHE C 503 28.01 -16.07 52.00
CA PHE C 503 26.85 -15.22 51.90
C PHE C 503 25.96 -15.31 53.15
N GLN C 504 25.50 -16.51 53.48
CA GLN C 504 24.63 -16.71 54.64
C GLN C 504 25.14 -15.99 55.88
N LYS C 505 26.43 -15.67 55.87
CA LYS C 505 27.06 -14.97 56.99
C LYS C 505 26.45 -13.56 57.14
N ILE C 506 25.72 -13.14 56.12
CA ILE C 506 25.09 -11.83 56.10
C ILE C 506 23.77 -11.79 56.88
N ILE C 507 23.89 -11.70 58.20
CA ILE C 507 22.67 -11.09 58.96
C ILE C 507 22.99 -10.07 60.05
N ASP C 508 24.21 -10.16 60.58
CA ASP C 508 24.69 -9.25 61.63
C ASP C 508 26.19 -8.96 61.44
N THR D 5 0.06 -14.00 15.59
CA THR D 5 1.00 -13.93 16.74
C THR D 5 2.42 -14.34 16.32
N GLU D 6 3.03 -13.55 15.45
CA GLU D 6 4.39 -13.85 14.98
C GLU D 6 5.31 -14.18 16.14
N GLU D 7 5.21 -13.39 17.21
CA GLU D 7 6.06 -13.60 18.37
C GLU D 7 5.81 -14.94 19.05
N GLN D 8 4.56 -15.28 19.30
CA GLN D 8 4.25 -16.57 19.92
C GLN D 8 4.52 -17.65 18.88
N ILE D 9 5.39 -17.31 17.93
CA ILE D 9 5.79 -18.22 16.85
C ILE D 9 7.28 -18.00 16.56
N ALA D 10 7.78 -16.81 16.89
CA ALA D 10 9.18 -16.48 16.66
C ALA D 10 9.95 -16.24 17.96
N GLU D 11 9.24 -15.82 19.00
CA GLU D 11 9.86 -15.56 20.29
C GLU D 11 10.51 -16.83 20.81
N PHE D 12 10.22 -17.95 20.15
CA PHE D 12 10.76 -19.24 20.54
C PHE D 12 12.05 -19.60 19.82
N LYS D 13 12.36 -18.85 18.76
CA LYS D 13 13.58 -19.10 18.00
C LYS D 13 14.81 -18.70 18.82
N GLU D 14 14.66 -17.68 19.65
CA GLU D 14 15.76 -17.17 20.47
C GLU D 14 16.05 -18.05 21.69
N ALA D 15 15.56 -19.28 21.69
CA ALA D 15 15.77 -20.18 22.81
C ALA D 15 16.93 -21.14 22.61
N PHE D 16 17.03 -21.72 21.41
CA PHE D 16 18.09 -22.66 21.09
C PHE D 16 19.45 -21.97 20.99
N SER D 17 19.80 -21.17 22.00
CA SER D 17 21.09 -20.48 22.00
C SER D 17 21.60 -20.09 23.39
N LEU D 18 21.33 -20.91 24.40
CA LEU D 18 21.80 -20.62 25.75
C LEU D 18 22.79 -21.66 26.27
N PHE D 19 22.69 -22.89 25.79
CA PHE D 19 23.63 -23.94 26.20
C PHE D 19 23.47 -25.28 25.49
N ASP D 20 24.30 -25.49 24.47
CA ASP D 20 24.34 -26.71 23.67
C ASP D 20 25.20 -26.49 22.43
N LYS D 21 26.49 -26.67 22.58
CA LYS D 21 27.43 -26.48 21.48
C LYS D 21 27.19 -27.52 20.37
N ASP D 22 25.96 -28.01 20.26
CA ASP D 22 25.65 -29.01 19.24
C ASP D 22 26.00 -28.54 17.82
N GLY D 23 26.03 -27.23 17.62
CA GLY D 23 26.36 -26.68 16.32
C GLY D 23 25.23 -25.91 15.66
N ASP D 24 24.14 -26.62 15.35
CA ASP D 24 22.97 -26.03 14.72
C ASP D 24 21.71 -26.43 15.48
N GLY D 25 21.09 -25.45 16.13
CA GLY D 25 19.88 -25.66 16.90
C GLY D 25 19.33 -27.07 17.02
N THR D 26 20.12 -27.99 17.56
CA THR D 26 19.70 -29.38 17.75
C THR D 26 20.16 -29.86 19.12
N ILE D 27 19.22 -29.92 20.06
CA ILE D 27 19.53 -30.35 21.42
C ILE D 27 19.12 -31.79 21.69
N THR D 28 18.95 -32.09 22.98
CA THR D 28 18.55 -33.43 23.43
C THR D 28 17.31 -33.32 24.34
N THR D 29 16.50 -34.37 24.35
CA THR D 29 15.28 -34.40 25.15
C THR D 29 15.55 -34.45 26.66
N LYS D 30 16.69 -35.02 27.06
CA LYS D 30 17.04 -35.13 28.47
C LYS D 30 17.12 -33.74 29.12
N GLU D 31 17.36 -32.72 28.30
CA GLU D 31 17.48 -31.35 28.78
C GLU D 31 16.55 -30.39 28.02
N LEU D 32 15.60 -30.94 27.28
CA LEU D 32 14.65 -30.12 26.53
C LEU D 32 13.92 -29.19 27.49
N GLY D 33 13.56 -29.72 28.65
CA GLY D 33 12.87 -28.94 29.64
C GLY D 33 13.67 -27.73 30.10
N THR D 34 14.98 -27.92 30.29
CA THR D 34 15.85 -26.82 30.73
C THR D 34 15.55 -25.54 29.97
N VAL D 35 15.14 -25.67 28.72
CA VAL D 35 14.83 -24.52 27.87
C VAL D 35 13.45 -23.96 28.20
N MET D 36 12.52 -24.87 28.49
CA MET D 36 11.15 -24.48 28.84
C MET D 36 11.03 -24.20 30.33
N ARG D 37 12.03 -24.62 31.09
CA ARG D 37 12.06 -24.41 32.53
C ARG D 37 12.43 -22.95 32.77
N SER D 38 13.19 -22.41 31.83
CA SER D 38 13.63 -21.02 31.89
C SER D 38 12.79 -20.16 30.95
N LEU D 39 11.49 -20.45 30.89
CA LEU D 39 10.58 -19.71 30.02
C LEU D 39 9.37 -19.24 30.83
N GLY D 40 8.30 -20.04 30.80
CA GLY D 40 7.10 -19.67 31.54
C GLY D 40 6.24 -20.87 31.89
N GLN D 41 6.76 -22.07 31.62
CA GLN D 41 6.02 -23.29 31.91
C GLN D 41 6.79 -24.24 32.84
N ASN D 42 6.04 -25.15 33.48
CA ASN D 42 6.62 -26.14 34.41
C ASN D 42 6.19 -27.54 33.99
N PRO D 43 6.84 -28.13 32.97
CA PRO D 43 6.50 -29.48 32.50
C PRO D 43 7.10 -30.58 33.37
N THR D 44 6.36 -31.68 33.51
CA THR D 44 6.83 -32.81 34.31
C THR D 44 7.43 -33.86 33.37
N GLU D 45 8.50 -34.50 33.81
CA GLU D 45 9.18 -35.52 33.02
C GLU D 45 8.18 -36.41 32.26
N ALA D 46 7.02 -36.64 32.86
CA ALA D 46 5.99 -37.48 32.27
C ALA D 46 5.40 -36.92 30.97
N GLU D 47 5.00 -35.66 31.01
CA GLU D 47 4.38 -35.02 29.84
C GLU D 47 5.28 -34.91 28.60
N LEU D 48 6.55 -34.57 28.80
CA LEU D 48 7.48 -34.43 27.68
C LEU D 48 7.47 -35.61 26.71
N GLN D 49 7.73 -36.80 27.23
CA GLN D 49 7.78 -38.01 26.41
C GLN D 49 6.58 -38.20 25.47
N ASP D 50 5.38 -38.35 26.03
CA ASP D 50 4.19 -38.56 25.21
C ASP D 50 4.00 -37.55 24.08
N MET D 51 4.69 -36.42 24.16
CA MET D 51 4.59 -35.40 23.11
C MET D 51 5.73 -35.54 22.09
N ILE D 52 6.97 -35.46 22.56
CA ILE D 52 8.13 -35.57 21.69
C ILE D 52 8.16 -36.93 21.01
N ASN D 53 7.69 -37.96 21.72
CA ASN D 53 7.64 -39.32 21.19
C ASN D 53 6.39 -39.43 20.34
N GLU D 54 6.34 -38.62 19.28
CA GLU D 54 5.20 -38.61 18.38
C GLU D 54 5.62 -38.36 16.93
N VAL D 55 5.67 -37.09 16.53
CA VAL D 55 6.05 -36.71 15.17
C VAL D 55 7.56 -36.84 14.92
N ASP D 56 8.35 -36.65 15.97
CA ASP D 56 9.81 -36.74 15.87
C ASP D 56 10.31 -37.94 16.68
N ALA D 57 9.96 -39.14 16.22
CA ALA D 57 10.36 -40.37 16.89
C ALA D 57 11.27 -41.21 16.00
N ASP D 58 12.36 -40.60 15.54
CA ASP D 58 13.32 -41.29 14.69
C ASP D 58 14.10 -42.31 15.52
N GLY D 59 15.09 -41.84 16.28
CA GLY D 59 15.89 -42.73 17.11
C GLY D 59 16.57 -42.02 18.27
N ASN D 60 17.08 -40.82 18.02
CA ASN D 60 17.75 -40.03 19.06
C ASN D 60 16.97 -38.75 19.34
N GLY D 61 15.91 -38.53 18.58
CA GLY D 61 15.08 -37.35 18.76
C GLY D 61 15.65 -36.07 18.19
N THR D 62 15.67 -35.96 16.86
CA THR D 62 16.21 -34.76 16.21
C THR D 62 15.38 -33.54 16.58
N ILE D 63 16.03 -32.51 17.10
CA ILE D 63 15.35 -31.30 17.48
C ILE D 63 15.90 -30.06 16.78
N ASP D 64 15.11 -29.47 15.90
CA ASP D 64 15.50 -28.27 15.15
C ASP D 64 14.52 -27.13 15.41
N PHE D 65 13.78 -26.70 14.38
CA PHE D 65 12.84 -25.60 14.55
C PHE D 65 11.36 -25.92 14.26
N PRO D 66 11.03 -26.36 13.04
CA PRO D 66 9.63 -26.69 12.68
C PRO D 66 9.00 -27.72 13.61
N GLU D 67 9.70 -28.04 14.69
CA GLU D 67 9.23 -29.00 15.67
C GLU D 67 8.77 -28.26 16.93
N PHE D 68 9.73 -27.73 17.68
CA PHE D 68 9.43 -27.00 18.91
C PHE D 68 8.41 -25.89 18.66
N LEU D 69 8.44 -25.32 17.47
CA LEU D 69 7.52 -24.25 17.12
C LEU D 69 6.16 -24.84 16.74
N THR D 70 6.06 -26.17 16.85
CA THR D 70 4.82 -26.89 16.54
C THR D 70 4.26 -27.48 17.82
N MET D 71 5.13 -27.70 18.81
CA MET D 71 4.73 -28.28 20.09
C MET D 71 3.83 -27.31 20.84
N MET D 72 3.77 -26.06 20.37
CA MET D 72 2.95 -25.04 20.99
C MET D 72 1.60 -24.96 20.30
N ALA D 73 1.32 -25.95 19.45
CA ALA D 73 0.06 -26.01 18.71
C ALA D 73 -0.96 -26.88 19.43
N ARG D 74 -0.92 -26.86 20.76
CA ARG D 74 -1.85 -27.65 21.57
C ARG D 74 -1.75 -27.25 23.03
N LYS D 75 -0.53 -27.09 23.53
CA LYS D 75 -0.32 -26.70 24.92
C LYS D 75 -0.61 -25.21 25.04
N MET D 76 0.27 -24.39 24.48
CA MET D 76 0.11 -22.93 24.51
C MET D 76 -1.12 -22.55 23.69
N LYS D 77 -1.96 -23.54 23.44
CA LYS D 77 -3.18 -23.34 22.66
C LYS D 77 -4.29 -22.73 23.51
N ASP D 78 -4.87 -23.53 24.40
CA ASP D 78 -5.93 -23.04 25.27
C ASP D 78 -5.46 -21.96 26.22
N THR D 79 -4.25 -22.14 26.76
CA THR D 79 -3.68 -21.17 27.69
C THR D 79 -3.18 -19.88 27.02
N ASP D 80 -4.03 -19.26 26.21
CA ASP D 80 -3.68 -18.02 25.50
C ASP D 80 -4.06 -16.81 26.35
N SER D 81 -3.89 -16.96 27.67
CA SER D 81 -4.20 -15.90 28.60
C SER D 81 -3.22 -14.74 28.55
N GLU D 82 -2.27 -14.73 29.48
CA GLU D 82 -1.25 -13.69 29.58
C GLU D 82 -1.94 -12.33 29.67
N GLU D 83 -2.47 -11.88 28.55
CA GLU D 83 -3.20 -10.61 28.49
C GLU D 83 -4.40 -10.83 29.41
N GLU D 84 -5.07 -11.96 29.23
CA GLU D 84 -6.24 -12.32 30.03
C GLU D 84 -5.84 -12.27 31.51
N ILE D 85 -4.55 -12.48 31.80
CA ILE D 85 -4.06 -12.47 33.18
C ILE D 85 -3.61 -11.09 33.67
N ARG D 86 -2.61 -10.53 33.00
CA ARG D 86 -2.08 -9.23 33.37
C ARG D 86 -3.21 -8.26 33.68
N GLU D 87 -4.31 -8.37 32.94
CA GLU D 87 -5.45 -7.50 33.15
C GLU D 87 -6.08 -7.71 34.51
N ALA D 88 -6.01 -8.94 35.00
CA ALA D 88 -6.60 -9.27 36.29
C ALA D 88 -5.66 -8.90 37.44
N PHE D 89 -4.38 -8.72 37.14
CA PHE D 89 -3.44 -8.34 38.19
C PHE D 89 -3.87 -6.97 38.64
N ARG D 90 -4.14 -6.12 37.65
CA ARG D 90 -4.54 -4.74 37.88
C ARG D 90 -5.93 -4.67 38.50
N VAL D 91 -6.63 -5.80 38.52
CA VAL D 91 -7.97 -5.83 39.10
C VAL D 91 -7.86 -5.97 40.61
N PHE D 92 -6.90 -6.75 41.05
CA PHE D 92 -6.69 -6.93 42.47
C PHE D 92 -6.01 -5.65 42.95
N ASP D 93 -4.92 -5.33 42.28
CA ASP D 93 -4.08 -4.16 42.58
C ASP D 93 -4.78 -2.79 42.47
N LYS D 94 -5.91 -2.63 43.15
CA LYS D 94 -6.67 -1.38 43.14
C LYS D 94 -5.87 -0.10 43.39
N ASP D 95 -4.85 -0.18 44.27
CA ASP D 95 -4.04 1.00 44.55
C ASP D 95 -3.23 1.44 43.33
N GLY D 96 -2.77 0.48 42.54
CA GLY D 96 -1.97 0.80 41.38
C GLY D 96 -0.51 0.88 41.76
N ASN D 97 -0.20 0.40 42.96
CA ASN D 97 1.17 0.40 43.47
C ASN D 97 2.03 -0.60 42.70
N GLY D 98 1.38 -1.41 41.86
CA GLY D 98 2.09 -2.41 41.08
C GLY D 98 2.24 -3.69 41.87
N TYR D 99 1.84 -3.62 43.13
CA TYR D 99 1.95 -4.75 44.04
C TYR D 99 0.60 -5.12 44.66
N ILE D 100 0.38 -6.44 44.80
CA ILE D 100 -0.85 -6.94 45.39
C ILE D 100 -0.57 -7.34 46.83
N SER D 101 -1.15 -6.58 47.77
CA SER D 101 -0.99 -6.82 49.19
C SER D 101 -2.29 -7.36 49.75
N ALA D 102 -2.20 -7.97 50.93
CA ALA D 102 -3.36 -8.55 51.60
C ALA D 102 -4.58 -7.60 51.59
N ALA D 103 -4.36 -6.37 52.02
CA ALA D 103 -5.44 -5.39 52.03
C ALA D 103 -6.20 -5.49 50.71
N GLU D 104 -5.51 -5.18 49.63
CA GLU D 104 -6.08 -5.23 48.28
C GLU D 104 -6.72 -6.59 48.02
N LEU D 105 -5.94 -7.66 48.17
CA LEU D 105 -6.43 -9.00 47.91
C LEU D 105 -7.68 -9.33 48.75
N ARG D 106 -7.89 -8.57 49.81
CA ARG D 106 -9.06 -8.80 50.65
C ARG D 106 -10.31 -8.60 49.79
N HIS D 107 -10.71 -7.34 49.67
CA HIS D 107 -11.89 -6.93 48.92
C HIS D 107 -12.20 -7.78 47.69
N VAL D 108 -11.17 -8.11 46.92
CA VAL D 108 -11.35 -8.92 45.72
C VAL D 108 -12.09 -10.21 46.10
N MET D 109 -11.50 -10.95 47.03
CA MET D 109 -12.07 -12.22 47.49
C MET D 109 -13.34 -12.00 48.31
N THR D 110 -13.55 -10.78 48.80
CA THR D 110 -14.73 -10.48 49.63
C THR D 110 -15.99 -10.17 48.83
N ASN D 111 -15.82 -9.63 47.63
CA ASN D 111 -16.95 -9.29 46.78
C ASN D 111 -17.48 -10.48 46.00
N LEU D 112 -16.58 -11.37 45.56
CA LEU D 112 -16.98 -12.55 44.82
C LEU D 112 -17.61 -13.57 45.76
N GLY D 113 -17.99 -13.10 46.95
CA GLY D 113 -18.62 -13.96 47.93
C GLY D 113 -17.77 -14.50 49.06
N GLU D 114 -16.62 -15.09 48.73
CA GLU D 114 -15.74 -15.68 49.73
C GLU D 114 -15.23 -14.73 50.82
N LYS D 115 -16.08 -14.44 51.79
CA LYS D 115 -15.71 -13.57 52.91
C LYS D 115 -14.54 -14.22 53.65
N LEU D 116 -13.34 -13.70 53.46
CA LEU D 116 -12.17 -14.27 54.12
C LEU D 116 -11.92 -13.73 55.52
N THR D 117 -11.21 -14.51 56.31
CA THR D 117 -10.88 -14.17 57.70
C THR D 117 -9.51 -13.52 57.85
N ASP D 118 -9.36 -12.80 58.96
CA ASP D 118 -8.12 -12.10 59.27
C ASP D 118 -6.88 -13.01 59.28
N GLU D 119 -7.06 -14.27 58.88
CA GLU D 119 -5.93 -15.20 58.85
C GLU D 119 -5.60 -15.65 57.43
N GLU D 120 -6.61 -16.14 56.70
CA GLU D 120 -6.40 -16.59 55.32
C GLU D 120 -5.84 -15.47 54.45
N VAL D 121 -6.28 -14.25 54.72
CA VAL D 121 -5.82 -13.08 53.97
C VAL D 121 -4.29 -13.04 54.02
N ASP D 122 -3.73 -12.64 55.16
CA ASP D 122 -2.28 -12.56 55.34
C ASP D 122 -1.66 -13.94 55.14
N GLU D 123 -2.50 -14.93 54.90
CA GLU D 123 -2.07 -16.30 54.70
C GLU D 123 -1.77 -16.54 53.21
N MET D 124 -2.77 -16.31 52.36
CA MET D 124 -2.63 -16.52 50.92
C MET D 124 -1.43 -15.87 50.24
N ILE D 125 -1.21 -14.59 50.50
CA ILE D 125 -0.09 -13.86 49.90
C ILE D 125 1.25 -14.57 50.15
N ARG D 126 1.38 -15.19 51.31
CA ARG D 126 2.60 -15.90 51.70
C ARG D 126 2.96 -17.01 50.73
N GLU D 127 1.97 -17.81 50.38
CA GLU D 127 2.17 -18.92 49.46
C GLU D 127 2.31 -18.41 48.02
N ALA D 128 1.87 -17.18 47.81
CA ALA D 128 1.93 -16.54 46.51
C ALA D 128 3.23 -15.76 46.40
N ASP D 129 3.65 -15.18 47.52
CA ASP D 129 4.88 -14.40 47.59
C ASP D 129 6.05 -15.33 47.30
N ILE D 130 7.16 -14.79 46.84
CA ILE D 130 8.30 -15.64 46.51
C ILE D 130 9.64 -14.99 46.82
N ASP D 131 9.60 -13.74 47.29
CA ASP D 131 10.83 -13.05 47.62
C ASP D 131 10.80 -12.51 49.04
N GLY D 132 9.59 -12.35 49.59
CA GLY D 132 9.46 -11.87 50.96
C GLY D 132 8.89 -10.48 51.16
N ASP D 133 8.81 -9.70 50.09
CA ASP D 133 8.28 -8.33 50.18
C ASP D 133 6.91 -8.26 50.88
N GLY D 134 6.31 -9.44 51.11
CA GLY D 134 5.01 -9.47 51.78
C GLY D 134 3.86 -9.01 50.91
N GLN D 135 4.16 -8.79 49.64
CA GLN D 135 3.16 -8.36 48.66
C GLN D 135 3.41 -9.06 47.34
N VAL D 136 2.45 -9.02 46.41
CA VAL D 136 2.63 -9.69 45.13
C VAL D 136 2.78 -8.78 43.93
N ASN D 137 3.91 -8.92 43.25
CA ASN D 137 4.19 -8.12 42.07
C ASN D 137 3.77 -8.97 40.88
N TYR D 138 3.40 -8.32 39.78
CA TYR D 138 2.96 -9.04 38.58
C TYR D 138 3.62 -10.40 38.41
N GLU D 139 4.93 -10.39 38.22
CA GLU D 139 5.72 -11.61 38.03
C GLU D 139 5.24 -12.80 38.86
N GLU D 140 5.17 -12.61 40.17
CA GLU D 140 4.74 -13.68 41.07
C GLU D 140 3.31 -14.12 40.74
N PHE D 141 2.43 -13.14 40.53
CA PHE D 141 1.03 -13.42 40.21
C PHE D 141 0.98 -14.21 38.91
N VAL D 142 2.07 -14.14 38.15
CA VAL D 142 2.16 -14.86 36.90
C VAL D 142 2.45 -16.31 37.23
N GLN D 143 3.44 -16.52 38.10
CA GLN D 143 3.85 -17.85 38.54
C GLN D 143 2.69 -18.57 39.18
N MET D 144 1.89 -17.80 39.92
CA MET D 144 0.72 -18.30 40.63
C MET D 144 -0.37 -18.84 39.71
N MET D 145 -0.18 -18.73 38.41
CA MET D 145 -1.19 -19.22 37.47
C MET D 145 -0.63 -20.04 36.30
N THR D 146 0.53 -20.66 36.49
CA THR D 146 1.14 -21.46 35.41
C THR D 146 0.63 -22.91 35.33
N ALA D 147 1.04 -23.76 36.29
CA ALA D 147 0.64 -25.18 36.29
C ALA D 147 -0.32 -25.58 37.44
N ARG E 2 33.98 29.98 -14.48
CA ARG E 2 33.59 30.85 -13.33
C ARG E 2 32.06 30.87 -13.14
N ILE E 3 31.60 30.41 -11.98
CA ILE E 3 30.17 30.36 -11.68
C ILE E 3 29.71 31.22 -10.51
N ASP E 4 28.45 31.04 -10.12
CA ASP E 4 27.83 31.81 -9.04
C ASP E 4 27.50 30.90 -7.85
N VAL E 5 28.54 30.47 -7.15
CA VAL E 5 28.38 29.60 -5.99
C VAL E 5 29.02 30.20 -4.74
N LEU E 6 28.21 30.87 -3.93
CA LEU E 6 28.68 31.50 -2.69
C LEU E 6 29.93 30.83 -2.15
N LYS E 7 30.87 31.63 -1.68
CA LYS E 7 32.13 31.11 -1.16
C LYS E 7 32.39 31.62 0.25
N GLY E 8 33.45 31.09 0.86
CA GLY E 8 33.84 31.48 2.20
C GLY E 8 32.73 31.70 3.21
N GLU E 9 32.89 32.73 4.01
CA GLU E 9 31.92 33.06 5.05
C GLU E 9 30.45 32.98 4.62
N LYS E 10 30.10 33.65 3.54
CA LYS E 10 28.72 33.63 3.08
C LYS E 10 28.25 32.23 2.69
N ALA E 11 29.13 31.25 2.82
CA ALA E 11 28.80 29.85 2.50
C ALA E 11 28.63 29.11 3.80
N LEU E 12 29.43 29.47 4.79
CA LEU E 12 29.34 28.85 6.08
C LEU E 12 27.98 29.23 6.68
N LYS E 13 27.46 30.39 6.29
CA LYS E 13 26.19 30.88 6.82
C LYS E 13 25.03 30.04 6.35
N ALA E 14 24.99 29.80 5.04
CA ALA E 14 23.92 29.02 4.44
C ALA E 14 24.05 27.56 4.82
N SER E 15 25.28 27.09 4.92
CA SER E 15 25.57 25.70 5.28
C SER E 15 24.68 25.25 6.43
N GLY E 16 24.78 25.95 7.55
CA GLY E 16 23.99 25.61 8.71
C GLY E 16 24.88 25.02 9.78
N LEU E 17 26.11 24.71 9.41
CA LEU E 17 27.03 24.12 10.36
C LEU E 17 27.53 25.14 11.35
N VAL E 18 27.83 24.67 12.56
CA VAL E 18 28.34 25.53 13.60
C VAL E 18 29.69 25.93 13.05
N PRO E 19 29.94 27.24 12.92
CA PRO E 19 31.18 27.83 12.41
C PRO E 19 32.43 27.23 13.04
N GLU E 20 32.35 27.07 14.35
CA GLU E 20 33.45 26.51 15.12
C GLU E 20 33.74 25.08 14.68
N HIS E 21 32.71 24.40 14.19
CA HIS E 21 32.82 23.02 13.73
C HIS E 21 33.32 22.90 12.30
N ALA E 22 32.89 23.81 11.43
CA ALA E 22 33.29 23.76 10.04
C ALA E 22 34.76 24.08 9.88
N ASP E 23 35.23 25.07 10.62
CA ASP E 23 36.63 25.45 10.59
C ASP E 23 37.34 24.18 11.01
N ALA E 24 36.94 23.64 12.14
CA ALA E 24 37.52 22.42 12.67
C ALA E 24 37.68 21.37 11.56
N PHE E 25 36.71 21.30 10.65
CA PHE E 25 36.76 20.36 9.53
C PHE E 25 37.80 20.82 8.52
N LYS E 26 37.83 22.13 8.30
CA LYS E 26 38.75 22.77 7.38
C LYS E 26 40.06 22.01 7.40
N LYS E 27 40.44 21.57 8.58
CA LYS E 27 41.68 20.84 8.75
C LYS E 27 41.68 19.51 8.03
N ILE E 28 40.67 18.68 8.27
CA ILE E 28 40.61 17.37 7.65
C ILE E 28 40.75 17.45 6.13
N ALA E 29 40.13 18.46 5.53
CA ALA E 29 40.19 18.62 4.08
C ALA E 29 41.61 18.58 3.58
N ARG E 30 42.36 19.60 3.96
CA ARG E 30 43.76 19.78 3.57
C ARG E 30 44.67 18.62 3.98
N GLU E 31 44.70 18.34 5.27
CA GLU E 31 45.55 17.27 5.77
C GLU E 31 45.36 15.99 4.96
N LEU E 32 44.12 15.52 4.84
CA LEU E 32 43.84 14.29 4.11
C LEU E 32 43.45 14.45 2.65
N ASN E 33 43.62 15.64 2.10
CA ASN E 33 43.31 15.90 0.70
C ASN E 33 41.97 15.25 0.33
N THR E 34 40.90 15.69 0.99
CA THR E 34 39.59 15.13 0.76
C THR E 34 38.51 16.20 0.73
N TYR E 35 37.65 16.16 -0.28
CA TYR E 35 36.54 17.10 -0.42
C TYR E 35 35.41 16.61 0.48
N ILE E 36 34.93 17.48 1.36
CA ILE E 36 33.83 17.11 2.24
C ILE E 36 32.62 17.91 1.80
N LEU E 37 31.54 17.20 1.45
CA LEU E 37 30.31 17.82 0.98
C LEU E 37 29.13 17.47 1.89
N PHE E 38 28.48 18.49 2.47
CA PHE E 38 27.33 18.34 3.39
C PHE E 38 25.98 18.78 2.86
N ARG E 39 24.95 18.01 3.15
CA ARG E 39 23.61 18.37 2.75
C ARG E 39 23.30 19.40 3.80
N PRO E 40 22.41 20.36 3.49
CA PRO E 40 22.05 21.40 4.43
C PRO E 40 21.88 20.92 5.87
N VAL E 41 21.70 21.86 6.77
CA VAL E 41 21.51 21.54 8.17
C VAL E 41 20.54 22.56 8.75
N ASN E 42 19.47 22.08 9.37
CA ASN E 42 18.47 22.95 9.96
C ASN E 42 19.15 24.12 10.67
N LYS E 43 18.94 25.32 10.17
CA LYS E 43 19.56 26.51 10.74
C LYS E 43 19.17 26.87 12.16
N LEU E 44 17.94 26.54 12.55
CA LEU E 44 17.47 26.83 13.89
C LEU E 44 18.07 25.81 14.85
N ALA E 45 18.84 24.89 14.29
CA ALA E 45 19.49 23.84 15.07
C ALA E 45 20.97 24.14 15.27
N THR E 46 21.57 24.91 14.38
CA THR E 46 22.98 25.22 14.49
C THR E 46 23.38 25.56 15.92
N ASN E 47 22.90 26.70 16.40
CA ASN E 47 23.18 27.15 17.75
C ASN E 47 22.84 26.12 18.80
N LEU E 48 21.91 25.23 18.46
CA LEU E 48 21.47 24.20 19.36
C LEU E 48 22.56 23.15 19.51
N ILE E 49 23.30 22.92 18.43
CA ILE E 49 24.38 21.93 18.40
C ILE E 49 25.60 22.46 19.14
N LYS E 50 26.01 23.67 18.80
CA LYS E 50 27.16 24.30 19.43
C LYS E 50 26.91 24.21 20.92
N SER E 51 25.64 24.29 21.28
CA SER E 51 25.20 24.19 22.68
C SER E 51 25.55 22.84 23.26
N GLY E 52 25.57 21.82 22.41
CA GLY E 52 25.89 20.49 22.86
C GLY E 52 24.76 19.49 22.80
N VAL E 53 23.64 19.86 22.18
CA VAL E 53 22.49 18.97 22.09
C VAL E 53 22.85 17.73 21.31
N ALA E 54 22.46 16.58 21.81
CA ALA E 54 22.77 15.33 21.12
C ALA E 54 22.01 15.23 19.82
N THR E 55 22.67 14.77 18.75
CA THR E 55 21.96 14.66 17.47
C THR E 55 21.51 13.27 17.10
N LYS E 56 20.35 13.23 16.47
CA LYS E 56 19.66 12.02 16.04
C LYS E 56 20.33 11.07 15.09
N GLY E 57 20.30 9.81 15.47
CA GLY E 57 20.88 8.77 14.65
C GLY E 57 19.88 8.06 13.75
N LEU E 58 20.36 7.08 12.99
CA LEU E 58 19.49 6.37 12.08
C LEU E 58 18.32 5.63 12.72
N ASN E 59 18.01 5.94 13.97
CA ASN E 59 16.90 5.28 14.65
C ASN E 59 15.95 6.33 15.20
N VAL E 60 16.02 7.53 14.61
CA VAL E 60 15.19 8.67 15.00
C VAL E 60 14.96 9.47 13.72
N HIS E 61 14.05 8.99 12.87
CA HIS E 61 13.78 9.63 11.58
C HIS E 61 12.86 10.84 11.56
N GLY E 62 12.22 11.12 12.69
CA GLY E 62 11.32 12.27 12.80
C GLY E 62 12.03 13.56 12.45
N LYS E 63 11.36 14.40 11.67
CA LYS E 63 11.92 15.68 11.25
C LYS E 63 11.88 16.70 12.37
N SER E 64 12.78 17.68 12.31
CA SER E 64 12.86 18.71 13.35
C SER E 64 12.17 20.02 12.99
N SER E 65 11.61 20.68 13.99
CA SER E 65 10.95 21.94 13.76
C SER E 65 11.87 23.08 13.37
N ASP E 66 11.41 23.92 12.45
CA ASP E 66 12.19 25.08 12.06
C ASP E 66 11.40 26.37 12.26
N TRP E 67 10.42 26.30 13.14
CA TRP E 67 9.59 27.45 13.47
C TRP E 67 8.97 27.21 14.82
N GLY E 68 8.65 28.30 15.52
CA GLY E 68 8.06 28.13 16.84
C GLY E 68 9.05 27.77 17.94
N PRO E 69 8.61 27.82 19.21
CA PRO E 69 9.51 27.49 20.31
C PRO E 69 10.22 26.17 20.13
N VAL E 70 9.50 25.15 19.69
CA VAL E 70 10.12 23.84 19.49
C VAL E 70 11.13 23.78 18.32
N ALA E 71 11.47 24.95 17.77
CA ALA E 71 12.41 25.05 16.65
C ALA E 71 13.78 24.52 17.01
N GLY E 72 14.37 23.74 16.11
CA GLY E 72 15.68 23.16 16.35
C GLY E 72 15.59 21.75 16.92
N TYR E 73 14.47 21.48 17.59
CA TYR E 73 14.21 20.19 18.21
C TYR E 73 13.36 19.31 17.31
N ILE E 74 13.06 18.12 17.79
CA ILE E 74 12.25 17.20 17.02
C ILE E 74 10.98 16.92 17.79
N PRO E 75 9.93 17.71 17.55
CA PRO E 75 8.66 17.51 18.25
C PRO E 75 8.17 16.11 18.04
N PHE E 76 7.51 15.57 19.05
CA PHE E 76 6.98 14.21 18.93
C PHE E 76 5.78 14.31 18.02
N ASP E 77 5.17 15.49 18.03
CA ASP E 77 4.00 15.76 17.20
C ASP E 77 4.56 16.40 15.97
N GLN E 78 4.89 15.60 14.96
CA GLN E 78 5.48 16.12 13.73
C GLN E 78 4.74 17.25 13.00
N ASP E 79 3.60 17.68 13.51
CA ASP E 79 2.90 18.77 12.88
C ASP E 79 3.66 20.01 13.27
N LEU E 80 4.39 19.95 14.38
CA LEU E 80 5.15 21.09 14.86
C LEU E 80 6.50 21.19 14.16
N SER E 81 6.79 20.20 13.31
CA SER E 81 8.05 20.16 12.59
C SER E 81 7.99 21.01 11.35
N LYS E 82 9.03 20.92 10.53
CA LYS E 82 9.12 21.68 9.30
C LYS E 82 8.12 21.15 8.32
N LYS E 83 7.74 19.90 8.48
CA LYS E 83 6.78 19.32 7.58
C LYS E 83 5.38 19.66 8.05
N HIS E 84 5.26 20.77 8.78
CA HIS E 84 3.98 21.25 9.31
C HIS E 84 2.94 21.54 8.26
N GLY E 85 1.72 21.10 8.52
CA GLY E 85 0.64 21.36 7.57
C GLY E 85 0.52 20.32 6.49
N GLN E 86 1.61 19.66 6.16
CA GLN E 86 1.61 18.65 5.14
C GLN E 86 1.14 17.30 5.67
N GLN E 87 -0.16 17.06 5.64
CA GLN E 87 -0.72 15.81 6.17
C GLN E 87 0.05 14.52 6.03
N LEU E 88 0.21 14.04 4.80
CA LEU E 88 0.90 12.78 4.57
C LEU E 88 2.34 12.72 5.06
N ALA E 89 2.95 13.88 5.27
CA ALA E 89 4.31 13.92 5.77
C ALA E 89 4.24 13.79 7.28
N VAL E 90 3.49 14.69 7.90
CA VAL E 90 3.32 14.71 9.35
C VAL E 90 2.93 13.34 9.83
N GLU E 91 2.17 12.63 9.00
CA GLU E 91 1.72 11.28 9.30
C GLU E 91 2.92 10.33 9.30
N LYS E 92 3.75 10.41 8.27
CA LYS E 92 4.90 9.53 8.23
C LYS E 92 5.78 9.95 9.38
N GLY E 93 5.89 11.26 9.56
CA GLY E 93 6.70 11.79 10.63
C GLY E 93 6.29 11.19 11.95
N ASN E 94 5.01 11.27 12.26
CA ASN E 94 4.56 10.71 13.52
C ASN E 94 4.85 9.24 13.61
N LEU E 95 4.33 8.42 12.70
CA LEU E 95 4.56 7.00 12.79
C LEU E 95 6.00 6.68 13.12
N GLU E 96 6.94 7.46 12.59
CA GLU E 96 8.33 7.20 12.89
C GLU E 96 8.56 7.30 14.39
N ASN E 97 8.39 8.48 14.96
CA ASN E 97 8.57 8.69 16.39
C ASN E 97 8.01 7.52 17.16
N LYS E 98 6.73 7.22 16.93
CA LYS E 98 6.08 6.12 17.61
C LYS E 98 6.93 4.87 17.53
N LYS E 99 7.45 4.58 16.33
CA LYS E 99 8.28 3.40 16.18
C LYS E 99 9.49 3.58 17.07
N SER E 100 10.29 4.61 16.81
CA SER E 100 11.49 4.86 17.60
C SER E 100 11.19 4.64 19.07
N ILE E 101 10.18 5.34 19.55
CA ILE E 101 9.78 5.22 20.95
C ILE E 101 9.50 3.81 21.39
N THR E 102 8.86 3.01 20.54
CA THR E 102 8.50 1.64 20.91
C THR E 102 9.50 0.57 20.54
N GLU E 103 10.12 0.66 19.37
CA GLU E 103 11.10 -0.33 18.94
C GLU E 103 12.46 0.00 19.54
N HIS E 104 12.49 0.91 20.51
CA HIS E 104 13.73 1.29 21.16
C HIS E 104 13.52 1.70 22.61
N GLU E 105 12.61 1.01 23.29
CA GLU E 105 12.32 1.34 24.68
C GLU E 105 13.62 1.52 25.46
N GLY E 106 13.61 2.43 26.42
CA GLY E 106 14.79 2.68 27.21
C GLY E 106 15.86 3.45 26.45
N GLU E 107 15.99 3.17 25.15
CA GLU E 107 16.99 3.84 24.33
C GLU E 107 16.54 5.21 23.84
N ILE E 108 15.29 5.30 23.37
CA ILE E 108 14.74 6.56 22.88
C ILE E 108 13.37 6.78 23.51
N GLY E 109 13.05 8.04 23.76
CA GLY E 109 11.78 8.37 24.36
C GLY E 109 11.43 9.81 24.08
N LYS E 110 10.55 10.38 24.89
CA LYS E 110 10.16 11.77 24.71
C LYS E 110 10.08 12.51 26.02
N ILE E 111 10.44 13.78 25.98
CA ILE E 111 10.48 14.64 27.16
C ILE E 111 9.80 15.99 26.91
N PRO E 112 9.30 16.66 27.97
CA PRO E 112 8.64 17.96 27.85
C PRO E 112 9.66 18.97 27.36
N LEU E 113 9.24 19.83 26.43
CA LEU E 113 10.14 20.83 25.91
C LEU E 113 10.33 21.95 26.91
N LYS E 114 11.58 22.26 27.22
CA LYS E 114 11.88 23.33 28.16
C LYS E 114 12.80 24.35 27.50
N LEU E 115 12.41 25.61 27.54
CA LEU E 115 13.21 26.66 26.93
C LEU E 115 13.84 27.56 27.97
N ASP E 116 15.16 27.41 28.12
CA ASP E 116 15.92 28.21 29.06
C ASP E 116 15.94 29.70 28.73
N HIS E 117 15.92 30.48 29.80
CA HIS E 117 15.93 31.92 29.80
C HIS E 117 16.83 32.46 28.68
N LEU E 118 17.88 31.70 28.36
CA LEU E 118 18.87 32.08 27.34
C LEU E 118 18.53 31.64 25.92
N ARG E 119 17.81 30.54 25.81
CA ARG E 119 17.39 30.01 24.51
C ARG E 119 16.18 30.78 24.03
N ILE E 120 15.37 31.24 24.98
CA ILE E 120 14.20 32.00 24.63
C ILE E 120 14.68 33.27 23.97
N GLU E 121 15.80 33.80 24.47
CA GLU E 121 16.38 35.04 23.94
C GLU E 121 17.01 34.89 22.55
N GLU E 122 17.48 33.68 22.23
CA GLU E 122 18.07 33.44 20.92
C GLU E 122 16.96 33.54 19.91
N LEU E 123 15.87 32.82 20.19
CA LEU E 123 14.72 32.77 19.31
C LEU E 123 14.07 34.13 19.34
N LYS E 124 14.02 34.70 20.53
CA LYS E 124 13.44 36.01 20.77
C LYS E 124 13.99 37.01 19.75
N GLU E 125 15.31 36.99 19.54
CA GLU E 125 15.97 37.90 18.61
C GLU E 125 15.86 37.52 17.15
N ASN E 126 16.30 36.33 16.79
CA ASN E 126 16.25 35.88 15.41
C ASN E 126 14.86 36.04 14.80
N GLY E 127 13.87 36.28 15.66
CA GLY E 127 12.52 36.49 15.17
C GLY E 127 11.63 35.28 15.13
N ILE E 128 12.02 34.19 15.79
CA ILE E 128 11.22 33.00 15.77
C ILE E 128 9.96 33.12 16.60
N ILE E 129 10.10 33.64 17.82
CA ILE E 129 8.94 33.83 18.71
C ILE E 129 8.86 35.22 19.32
N LEU E 130 7.97 35.36 20.29
CA LEU E 130 7.76 36.63 20.98
C LEU E 130 7.20 36.43 22.37
N LYS E 131 7.98 36.63 23.41
CA LYS E 131 7.48 36.48 24.76
C LYS E 131 6.25 37.38 24.82
N GLY E 132 5.12 36.83 25.25
CA GLY E 132 3.89 37.62 25.31
C GLY E 132 3.42 37.98 26.71
N LYS E 133 2.17 38.42 26.81
CA LYS E 133 1.64 38.82 28.12
C LYS E 133 1.53 37.62 29.04
N LYS E 134 1.20 37.91 30.29
CA LYS E 134 1.05 36.87 31.30
C LYS E 134 -0.34 36.28 31.23
N GLU E 135 -0.50 35.10 31.79
CA GLU E 135 -1.73 34.40 31.86
C GLU E 135 -1.65 33.48 33.03
N ILE E 136 -2.72 33.36 33.80
CA ILE E 136 -2.71 32.47 34.96
C ILE E 136 -3.86 31.47 34.85
N ASP E 137 -3.54 30.17 34.70
CA ASP E 137 -4.60 29.12 34.46
C ASP E 137 -4.68 27.99 35.52
N ASN E 138 -5.79 27.91 36.20
CA ASN E 138 -5.47 27.30 37.69
C ASN E 138 -4.54 27.70 38.84
N GLY E 139 -3.65 28.66 38.60
CA GLY E 139 -2.75 29.07 39.65
C GLY E 139 -1.29 29.07 39.24
N LYS E 140 -1.02 28.65 38.02
CA LYS E 140 0.35 28.62 37.52
C LYS E 140 0.56 29.80 36.58
N LYS E 141 1.70 30.46 36.70
CA LYS E 141 2.02 31.62 35.88
C LYS E 141 2.68 31.25 34.57
N TYR E 142 1.95 31.50 33.48
CA TYR E 142 2.45 31.22 32.14
C TYR E 142 2.57 32.54 31.39
N TYR E 143 3.55 32.67 30.51
CA TYR E 143 3.69 33.86 29.69
C TYR E 143 3.46 33.34 28.29
N LEU E 144 2.61 33.99 27.51
CA LEU E 144 2.34 33.50 26.17
C LEU E 144 3.51 33.63 25.20
N LEU E 145 3.44 32.92 24.08
CA LEU E 145 4.51 32.97 23.09
C LEU E 145 3.90 33.02 21.70
N GLU E 146 4.01 34.19 21.08
CA GLU E 146 3.46 34.40 19.75
C GLU E 146 4.43 33.94 18.69
N SER E 147 3.87 33.61 17.54
CA SER E 147 4.62 33.16 16.38
C SER E 147 3.60 33.38 15.29
N ASN E 148 4.04 33.58 14.07
CA ASN E 148 3.09 33.80 13.01
C ASN E 148 2.28 32.56 12.68
N ASN E 149 2.38 31.51 13.50
CA ASN E 149 1.62 30.29 13.22
C ASN E 149 0.12 30.56 13.07
N GLN E 150 -0.60 29.62 12.44
CA GLN E 150 -2.02 29.81 12.20
C GLN E 150 -2.97 28.71 12.70
N VAL E 151 -2.43 27.62 13.22
CA VAL E 151 -3.24 26.53 13.73
C VAL E 151 -2.99 26.35 15.19
N TYR E 152 -1.75 26.62 15.60
CA TYR E 152 -1.33 26.46 16.97
C TYR E 152 -1.08 27.67 17.83
N GLU E 153 -1.36 27.53 19.12
CA GLU E 153 -1.15 28.60 20.09
C GLU E 153 -0.11 28.08 21.12
N PHE E 154 0.80 28.93 21.57
CA PHE E 154 1.79 28.45 22.52
C PHE E 154 1.93 29.36 23.74
N ARG E 155 2.43 28.79 24.85
CA ARG E 155 2.67 29.51 26.10
C ARG E 155 3.75 28.75 26.86
N ILE E 156 4.41 29.40 27.81
CA ILE E 156 5.46 28.74 28.57
C ILE E 156 5.26 28.96 30.06
N SER E 157 5.62 27.96 30.86
CA SER E 157 5.45 28.07 32.30
C SER E 157 6.53 28.91 32.97
N ASP E 158 6.20 29.44 34.13
CA ASP E 158 7.15 30.25 34.88
C ASP E 158 7.85 29.37 35.90
N GLU E 159 7.13 28.37 36.42
CA GLU E 159 7.70 27.44 37.39
C GLU E 159 8.89 26.70 36.79
N ASN E 160 8.61 25.77 35.85
CA ASN E 160 9.64 24.93 35.21
C ASN E 160 9.94 25.12 33.72
N ASN E 161 9.77 26.33 33.20
CA ASN E 161 10.05 26.63 31.80
C ASN E 161 9.55 25.63 30.76
N GLU E 162 8.38 25.02 30.98
CA GLU E 162 7.85 24.07 30.02
C GLU E 162 6.89 24.73 29.04
N VAL E 163 7.13 24.47 27.77
CA VAL E 163 6.32 25.03 26.71
C VAL E 163 5.13 24.12 26.46
N GLN E 164 3.96 24.73 26.31
CA GLN E 164 2.72 24.01 26.04
C GLN E 164 2.12 24.52 24.73
N TYR E 165 1.10 23.84 24.22
CA TYR E 165 0.47 24.30 22.98
C TYR E 165 -0.95 23.78 22.83
N LYS E 166 -1.79 24.55 22.15
CA LYS E 166 -3.19 24.18 21.88
C LYS E 166 -3.57 24.68 20.50
N THR E 167 -4.73 24.29 20.02
CA THR E 167 -5.15 24.74 18.70
C THR E 167 -6.10 25.91 18.89
N LYS E 168 -5.76 27.03 18.29
CA LYS E 168 -6.57 28.23 18.41
C LYS E 168 -8.05 27.93 18.21
N GLU E 169 -8.88 28.65 18.95
CA GLU E 169 -10.32 28.47 18.85
C GLU E 169 -10.69 28.69 17.39
N GLY E 170 -11.41 27.73 16.82
CA GLY E 170 -11.84 27.86 15.45
C GLY E 170 -11.02 27.08 14.43
N LYS E 171 -9.70 27.12 14.56
CA LYS E 171 -8.83 26.42 13.63
C LYS E 171 -8.79 24.94 14.00
N ILE E 172 -8.24 24.14 13.09
CA ILE E 172 -8.16 22.72 13.31
C ILE E 172 -6.83 22.22 12.75
N THR E 173 -6.27 21.20 13.40
CA THR E 173 -5.00 20.61 13.00
C THR E 173 -5.04 19.86 11.68
N VAL E 174 -3.87 19.64 11.12
CA VAL E 174 -3.69 18.93 9.86
C VAL E 174 -4.40 17.61 9.83
N LEU E 175 -4.26 16.88 10.94
CA LEU E 175 -4.85 15.56 11.10
C LEU E 175 -6.34 15.61 11.37
N GLY E 176 -6.87 16.80 11.61
CA GLY E 176 -8.29 16.91 11.88
C GLY E 176 -8.61 17.06 13.35
N GLU E 177 -7.55 17.16 14.15
CA GLU E 177 -7.67 17.29 15.59
C GLU E 177 -7.75 18.74 16.12
N LYS E 178 -8.43 18.89 17.22
CA LYS E 178 -8.48 20.17 17.89
C LYS E 178 -8.35 19.77 19.34
N PHE E 179 -7.46 20.42 20.07
CA PHE E 179 -7.28 20.08 21.45
C PHE E 179 -6.86 21.34 22.19
N ASN E 180 -6.84 21.25 23.51
CA ASN E 180 -6.50 22.39 24.36
C ASN E 180 -5.15 22.22 25.02
N TRP E 181 -4.71 23.24 25.74
CA TRP E 181 -3.23 23.34 26.10
C TRP E 181 -2.71 22.00 26.58
N ARG E 182 -1.46 21.70 26.25
CA ARG E 182 -0.81 20.45 26.65
C ARG E 182 0.67 20.56 26.33
N ASN E 183 1.53 20.06 27.21
CA ASN E 183 2.98 20.16 26.99
C ASN E 183 3.48 19.61 25.67
N ILE E 184 4.52 20.25 25.15
CA ILE E 184 5.14 19.84 23.89
C ILE E 184 6.23 18.84 24.20
N GLU E 185 6.09 17.63 23.69
CA GLU E 185 7.12 16.64 23.94
C GLU E 185 8.10 16.60 22.77
N VAL E 186 9.35 16.35 23.08
CA VAL E 186 10.36 16.29 22.04
C VAL E 186 11.10 14.98 22.09
N MET E 187 11.52 14.49 20.93
CA MET E 187 12.27 13.25 20.89
C MET E 187 13.51 13.46 21.71
N ALA E 188 13.89 12.42 22.46
CA ALA E 188 15.06 12.44 23.34
C ALA E 188 15.76 11.09 23.41
N LYS E 189 17.08 11.14 23.49
CA LYS E 189 17.97 9.99 23.59
C LYS E 189 18.16 9.63 25.05
N ASN E 190 18.90 8.56 25.32
CA ASN E 190 19.14 8.15 26.69
C ASN E 190 20.63 8.11 27.02
N VAL E 191 21.15 9.18 27.63
CA VAL E 191 22.56 9.19 27.99
C VAL E 191 22.69 8.92 29.50
N GLU E 192 22.95 7.67 29.82
CA GLU E 192 23.10 7.20 31.18
C GLU E 192 22.00 7.68 32.13
N GLY E 193 20.91 6.92 32.18
CA GLY E 193 19.80 7.22 33.07
C GLY E 193 18.94 8.46 32.85
N VAL E 194 19.47 9.45 32.15
CA VAL E 194 18.69 10.64 31.91
C VAL E 194 18.43 10.78 30.41
N LEU E 195 17.25 11.29 30.10
CA LEU E 195 16.83 11.47 28.73
C LEU E 195 17.17 12.86 28.24
N LYS E 196 17.96 12.96 27.17
CA LYS E 196 18.32 14.26 26.64
C LYS E 196 17.69 14.44 25.26
N PRO E 197 17.32 15.67 24.91
CA PRO E 197 16.70 15.98 23.62
C PRO E 197 17.66 15.85 22.46
N LEU E 198 17.15 15.49 21.29
CA LEU E 198 18.02 15.37 20.11
C LEU E 198 17.73 16.50 19.14
N THR E 199 18.72 16.85 18.34
CA THR E 199 18.52 17.87 17.32
C THR E 199 19.04 17.31 16.02
N ALA E 200 19.22 18.17 15.03
CA ALA E 200 19.70 17.71 13.74
C ALA E 200 21.18 17.41 13.79
N ASP E 201 21.62 16.50 12.94
CA ASP E 201 23.04 16.15 12.89
C ASP E 201 23.63 16.58 11.55
N TYR E 202 24.92 16.36 11.36
CA TYR E 202 25.52 16.70 10.09
C TYR E 202 25.34 15.47 9.18
N ASP E 203 24.79 15.67 8.00
CA ASP E 203 24.63 14.52 7.11
C ASP E 203 25.48 14.73 5.86
N LEU E 204 26.39 13.80 5.63
CA LEU E 204 27.26 13.92 4.48
C LEU E 204 26.52 13.59 3.20
N PHE E 205 26.78 14.39 2.17
CA PHE E 205 26.20 14.21 0.86
C PHE E 205 27.09 13.22 0.18
N ALA E 206 28.35 13.63 0.02
CA ALA E 206 29.37 12.82 -0.61
C ALA E 206 30.72 13.18 0.00
N LEU E 207 31.65 12.22 -0.02
CA LEU E 207 33.02 12.39 0.47
C LEU E 207 33.97 12.03 -0.66
N ALA E 208 34.89 12.92 -1.01
CA ALA E 208 35.81 12.60 -2.10
C ALA E 208 37.27 12.77 -1.73
N PRO E 209 38.02 11.67 -1.72
CA PRO E 209 39.45 11.71 -1.38
C PRO E 209 40.26 11.68 -2.66
N SER E 210 41.52 12.07 -2.59
CA SER E 210 42.34 12.03 -3.79
C SER E 210 42.70 10.56 -3.98
N LEU E 211 43.14 10.20 -5.18
CA LEU E 211 43.51 8.82 -5.45
C LEU E 211 44.73 8.48 -4.61
N THR E 212 45.59 9.46 -4.41
CA THR E 212 46.79 9.27 -3.61
C THR E 212 46.37 8.84 -2.21
N GLU E 213 45.48 9.62 -1.61
CA GLU E 213 45.00 9.36 -0.27
C GLU E 213 44.38 7.98 -0.13
N ILE E 214 43.91 7.43 -1.24
CA ILE E 214 43.30 6.11 -1.23
C ILE E 214 44.42 5.08 -1.26
N LYS E 215 45.39 5.33 -2.13
CA LYS E 215 46.55 4.46 -2.27
C LYS E 215 47.04 4.05 -0.88
N LYS E 216 47.17 5.05 -0.01
CA LYS E 216 47.62 4.81 1.35
C LYS E 216 46.76 3.76 2.02
N GLN E 217 45.51 3.65 1.60
CA GLN E 217 44.59 2.70 2.20
C GLN E 217 44.98 1.26 1.88
N ILE E 218 45.73 1.06 0.85
CA ILE E 218 46.11 -0.30 0.44
C ILE E 218 47.27 -0.80 1.28
N PRO E 219 47.17 -2.12 1.60
CA PRO E 219 48.27 -2.88 2.34
C PRO E 219 49.56 -2.97 1.59
N GLN E 220 50.54 -2.06 1.59
CA GLN E 220 51.72 -2.31 0.71
C GLN E 220 52.40 -3.68 0.87
N LYS E 221 51.63 -4.71 0.66
CA LYS E 221 52.47 -5.94 0.01
C LYS E 221 51.52 -6.63 -0.91
N GLU E 222 50.32 -6.08 -0.95
CA GLU E 222 49.26 -6.58 -1.81
C GLU E 222 49.25 -5.69 -3.05
N TRP E 223 49.69 -4.47 -2.89
CA TRP E 223 49.80 -3.55 -4.01
C TRP E 223 50.92 -4.08 -4.87
N ASP E 224 51.91 -4.65 -4.20
CA ASP E 224 53.07 -5.23 -4.87
C ASP E 224 52.74 -6.41 -5.76
N LYS E 225 52.09 -7.45 -5.22
CA LYS E 225 51.75 -8.61 -6.03
C LYS E 225 51.11 -8.19 -7.36
N VAL E 226 50.49 -7.01 -7.37
CA VAL E 226 49.84 -6.49 -8.56
C VAL E 226 50.81 -5.74 -9.46
N VAL E 227 51.77 -5.05 -8.86
CA VAL E 227 52.77 -4.30 -9.61
C VAL E 227 54.00 -5.17 -9.90
N ASN E 228 54.13 -6.27 -9.16
CA ASN E 228 55.22 -7.23 -9.33
C ASN E 228 54.71 -8.43 -10.15
N THR E 229 54.44 -8.19 -11.44
CA THR E 229 53.94 -9.23 -12.39
C THR E 229 53.90 -8.75 -13.85
N PRO E 230 53.50 -9.68 -14.75
CA PRO E 230 53.94 -9.48 -16.25
C PRO E 230 52.75 -8.82 -16.72
N ASN E 231 52.64 -9.26 -17.95
CA ASN E 231 50.95 -9.62 -18.14
C ASN E 231 50.43 -8.21 -18.08
N SER E 232 50.88 -7.35 -18.99
CA SER E 232 50.45 -5.96 -19.03
C SER E 232 48.97 -5.80 -18.74
N LEU E 233 48.14 -6.61 -19.39
CA LEU E 233 46.70 -6.53 -19.20
C LEU E 233 46.25 -6.82 -17.77
N GLU E 234 46.69 -7.95 -17.24
CA GLU E 234 46.31 -8.37 -15.89
C GLU E 234 46.88 -7.47 -14.79
N LYS E 235 47.87 -6.65 -15.13
CA LYS E 235 48.46 -5.75 -14.15
C LYS E 235 47.44 -4.66 -13.81
N GLN E 236 46.86 -4.08 -14.85
CA GLN E 236 45.87 -3.02 -14.67
C GLN E 236 44.54 -3.59 -14.18
N LYS E 237 44.31 -4.87 -14.43
CA LYS E 237 43.08 -5.48 -13.97
C LYS E 237 43.18 -5.55 -12.46
N GLY E 238 44.42 -5.62 -11.97
CA GLY E 238 44.67 -5.70 -10.54
C GLY E 238 44.66 -4.32 -9.92
N VAL E 239 45.34 -3.38 -10.55
CA VAL E 239 45.37 -2.00 -10.09
C VAL E 239 43.92 -1.61 -9.86
N THR E 240 43.13 -1.73 -10.94
CA THR E 240 41.72 -1.40 -10.93
C THR E 240 40.96 -2.16 -9.84
N ASN E 241 41.25 -3.45 -9.71
CA ASN E 241 40.57 -4.25 -8.71
C ASN E 241 40.94 -3.86 -7.27
N LEU E 242 41.93 -2.99 -7.14
CA LEU E 242 42.34 -2.54 -5.82
C LEU E 242 41.53 -1.32 -5.41
N LEU E 243 41.13 -0.52 -6.38
CA LEU E 243 40.28 0.62 -6.08
C LEU E 243 39.01 0.01 -5.52
N ILE E 244 38.40 -0.85 -6.33
CA ILE E 244 37.19 -1.55 -5.96
C ILE E 244 37.36 -2.22 -4.61
N LYS E 245 38.59 -2.25 -4.13
CA LYS E 245 38.92 -2.89 -2.86
C LYS E 245 38.94 -1.92 -1.71
N TYR E 246 39.90 -1.00 -1.78
CA TYR E 246 40.10 0.01 -0.77
C TYR E 246 39.75 1.39 -1.29
N GLY E 247 38.53 1.54 -1.80
CA GLY E 247 38.13 2.84 -2.33
C GLY E 247 36.74 3.00 -2.91
N ILE E 248 36.16 1.93 -3.44
CA ILE E 248 34.83 2.05 -4.01
C ILE E 248 33.85 1.15 -3.30
N GLU E 249 34.30 -0.03 -2.90
CA GLU E 249 33.42 -0.98 -2.23
C GLU E 249 32.83 -0.43 -0.96
N ARG E 250 31.52 -0.59 -0.81
CA ARG E 250 30.80 -0.14 0.37
C ARG E 250 30.01 -1.31 0.91
N LYS E 251 29.76 -1.32 2.21
CA LYS E 251 29.01 -2.40 2.83
C LYS E 251 28.30 -1.91 4.07
N PRO E 252 27.05 -2.35 4.27
CA PRO E 252 26.22 -1.97 5.41
C PRO E 252 26.83 -2.30 6.75
N ASP E 253 26.45 -1.54 7.79
CA ASP E 253 27.20 -1.62 9.06
C ASP E 253 26.03 -2.06 9.95
N SER E 254 25.78 -1.30 11.02
CA SER E 254 24.34 -1.42 11.57
C SER E 254 23.83 -0.14 12.18
N THR E 255 24.73 0.82 12.42
CA THR E 255 24.31 2.09 12.99
C THR E 255 24.70 3.21 12.04
N LYS E 256 25.83 3.06 11.37
CA LYS E 256 26.30 4.09 10.47
C LYS E 256 25.71 3.97 9.08
N GLY E 257 24.79 3.03 8.92
CA GLY E 257 24.14 2.84 7.64
C GLY E 257 25.01 2.06 6.67
N THR E 258 24.88 2.34 5.39
CA THR E 258 25.65 1.65 4.38
C THR E 258 26.79 2.48 3.85
N LEU E 259 27.94 2.40 4.54
CA LEU E 259 29.13 3.14 4.15
C LEU E 259 30.29 2.19 3.86
N SER E 260 31.47 2.77 3.65
CA SER E 260 32.67 1.99 3.36
C SER E 260 33.65 1.97 4.53
N ASN E 261 34.93 1.87 4.22
CA ASN E 261 35.95 1.86 5.25
C ASN E 261 36.59 3.24 5.31
N TRP E 262 37.23 3.65 4.23
CA TRP E 262 37.85 4.96 4.28
C TRP E 262 36.81 6.00 4.60
N GLN E 263 35.54 5.60 4.52
CA GLN E 263 34.42 6.49 4.81
C GLN E 263 34.14 6.34 6.28
N LYS E 264 34.16 5.10 6.73
CA LYS E 264 33.92 4.77 8.12
C LYS E 264 34.93 5.49 9.02
N GLN E 265 36.08 5.86 8.43
CA GLN E 265 37.16 6.56 9.13
C GLN E 265 36.95 8.06 9.09
N MET E 266 36.92 8.62 7.89
CA MET E 266 36.71 10.06 7.69
C MET E 266 35.63 10.54 8.64
N LEU E 267 34.76 9.61 9.01
CA LEU E 267 33.66 9.90 9.92
C LEU E 267 34.29 10.30 11.25
N ASP E 268 34.87 9.34 11.94
CA ASP E 268 35.51 9.58 13.22
C ASP E 268 36.33 10.86 13.17
N ARG E 269 37.23 10.97 12.20
CA ARG E 269 38.05 12.17 12.10
C ARG E 269 37.15 13.40 12.23
N LEU E 270 35.96 13.34 11.65
CA LEU E 270 35.04 14.48 11.71
C LEU E 270 34.36 14.57 13.05
N ASN E 271 33.96 13.45 13.61
CA ASN E 271 33.31 13.49 14.92
C ASN E 271 34.31 13.95 15.95
N GLU E 272 35.55 13.52 15.78
CA GLU E 272 36.66 13.87 16.67
C GLU E 272 36.98 15.33 16.50
N ALA E 273 37.34 15.68 15.28
CA ALA E 273 37.69 17.05 14.97
C ALA E 273 36.74 18.03 15.64
N VAL E 274 35.51 17.61 15.91
CA VAL E 274 34.56 18.52 16.56
C VAL E 274 34.53 18.24 18.06
N LYS E 275 34.82 16.99 18.43
CA LYS E 275 34.84 16.60 19.83
C LYS E 275 35.94 17.37 20.54
N TYR E 276 36.81 18.01 19.76
CA TYR E 276 37.90 18.82 20.29
C TYR E 276 37.41 20.23 20.52
N THR E 277 36.60 20.74 19.59
CA THR E 277 36.06 22.08 19.70
C THR E 277 35.19 22.18 20.95
N GLY E 278 34.88 21.01 21.51
CA GLY E 278 34.08 20.96 22.71
C GLY E 278 32.71 20.30 22.62
N TYR E 279 32.29 19.83 21.44
CA TYR E 279 30.97 19.20 21.37
C TYR E 279 30.85 18.07 22.39
N THR E 280 30.19 18.39 23.48
CA THR E 280 29.99 17.48 24.59
C THR E 280 28.80 16.54 24.43
N GLY E 281 28.24 16.49 23.23
CA GLY E 281 27.06 15.67 22.98
C GLY E 281 27.22 14.35 22.27
N GLY E 282 28.39 14.08 21.71
CA GLY E 282 28.61 12.82 21.03
C GLY E 282 29.05 12.97 19.58
N ASP E 283 28.69 12.00 18.76
CA ASP E 283 29.05 12.08 17.35
C ASP E 283 28.10 13.08 16.66
N VAL E 284 28.64 13.88 15.76
CA VAL E 284 27.83 14.86 15.06
C VAL E 284 27.48 14.29 13.69
N VAL E 285 28.25 13.29 13.26
CA VAL E 285 28.03 12.58 12.00
C VAL E 285 27.65 11.13 12.38
N ASN E 286 26.45 10.69 12.01
CA ASN E 286 26.02 9.36 12.41
C ASN E 286 25.90 8.25 11.37
N HIS E 287 26.24 8.51 10.12
CA HIS E 287 26.11 7.47 9.11
C HIS E 287 26.75 7.82 7.79
N GLY E 288 26.66 6.90 6.85
CA GLY E 288 27.27 7.12 5.55
C GLY E 288 26.94 8.40 4.80
N THR E 289 27.35 8.44 3.53
CA THR E 289 27.11 9.60 2.67
C THR E 289 25.90 9.38 1.80
N GLU E 290 25.29 10.46 1.35
CA GLU E 290 24.09 10.34 0.54
C GLU E 290 24.24 9.51 -0.70
N GLN E 291 25.42 9.52 -1.30
CA GLN E 291 25.62 8.74 -2.52
C GLN E 291 25.40 7.26 -2.28
N ASP E 292 24.98 6.90 -1.08
CA ASP E 292 24.73 5.49 -0.76
C ASP E 292 23.31 5.35 -0.25
N ASN E 293 22.51 6.38 -0.52
CA ASN E 293 21.12 6.40 -0.13
C ASN E 293 20.44 5.99 -1.42
N GLU E 294 20.25 4.69 -1.63
CA GLU E 294 19.64 4.24 -2.86
C GLU E 294 18.14 4.07 -2.76
N GLU E 295 17.65 3.85 -1.55
CA GLU E 295 16.22 3.66 -1.37
C GLU E 295 15.41 4.93 -1.32
N PHE E 296 15.91 5.96 -0.63
CA PHE E 296 15.19 7.22 -0.51
C PHE E 296 16.06 8.40 -0.77
N PRO E 297 16.70 8.44 -1.93
CA PRO E 297 17.57 9.60 -2.21
C PRO E 297 16.81 10.92 -2.18
N GLU E 298 17.49 11.95 -1.70
CA GLU E 298 16.89 13.28 -1.62
C GLU E 298 17.77 14.34 -2.28
N LYS E 299 17.17 15.05 -3.23
CA LYS E 299 17.85 16.10 -3.96
C LYS E 299 17.74 17.43 -3.22
N ASP E 300 18.89 17.95 -2.79
CA ASP E 300 18.91 19.21 -2.09
C ASP E 300 19.36 20.29 -3.06
N ASN E 301 18.90 21.51 -2.83
CA ASN E 301 19.29 22.59 -3.70
C ASN E 301 20.73 22.99 -3.42
N GLU E 302 20.97 23.50 -2.22
CA GLU E 302 22.32 23.92 -1.84
C GLU E 302 23.15 22.83 -1.16
N ILE E 303 24.39 22.69 -1.61
CA ILE E 303 25.34 21.73 -1.04
C ILE E 303 26.57 22.52 -0.61
N PHE E 304 26.92 22.35 0.64
CA PHE E 304 28.04 23.03 1.25
C PHE E 304 29.26 22.16 1.09
N ILE E 305 30.22 22.66 0.33
CA ILE E 305 31.45 21.95 0.05
C ILE E 305 32.64 22.56 0.77
N ILE E 306 33.40 21.70 1.43
CA ILE E 306 34.63 22.08 2.13
C ILE E 306 35.70 21.37 1.30
N ASN E 307 36.50 22.12 0.53
CA ASN E 307 37.52 21.51 -0.30
C ASN E 307 38.87 21.36 0.40
N PRO E 308 39.80 20.62 -0.22
CA PRO E 308 41.14 20.37 0.32
C PRO E 308 42.07 21.59 0.44
N GLU E 309 41.50 22.79 0.38
CA GLU E 309 42.24 24.03 0.52
C GLU E 309 41.60 24.73 1.70
N GLY E 310 40.73 24.01 2.41
CA GLY E 310 40.02 24.57 3.54
C GLY E 310 39.06 25.66 3.10
N GLU E 311 38.97 25.89 1.80
CA GLU E 311 38.07 26.91 1.25
C GLU E 311 36.62 26.48 1.46
N PHE E 312 35.70 27.43 1.40
CA PHE E 312 34.29 27.13 1.61
C PHE E 312 33.47 27.44 0.38
N ILE E 313 32.56 26.55 0.01
CA ILE E 313 31.73 26.80 -1.16
C ILE E 313 30.33 26.29 -0.85
N LEU E 314 29.34 26.71 -1.62
CA LEU E 314 27.98 26.26 -1.39
C LEU E 314 27.24 26.37 -2.69
N THR E 315 27.13 25.26 -3.42
CA THR E 315 26.42 25.26 -4.68
C THR E 315 24.99 25.67 -4.45
N LYS E 316 24.38 26.30 -5.45
CA LYS E 316 23.00 26.77 -5.31
C LYS E 316 21.95 25.85 -5.95
N ASN E 317 22.09 25.48 -7.20
CA ASN E 317 21.09 24.61 -7.77
C ASN E 317 21.72 23.28 -8.05
N TRP E 318 21.00 22.21 -7.74
CA TRP E 318 21.49 20.85 -7.94
C TRP E 318 22.06 20.69 -9.31
N GLU E 319 21.57 21.51 -10.22
CA GLU E 319 22.05 21.43 -11.56
C GLU E 319 23.48 21.98 -11.54
N MET E 320 23.77 22.87 -10.59
CA MET E 320 25.11 23.45 -10.46
C MET E 320 25.97 22.64 -9.49
N THR E 321 25.35 22.09 -8.47
CA THR E 321 26.07 21.29 -7.48
C THR E 321 26.76 20.09 -8.14
N GLY E 322 26.42 19.81 -9.39
CA GLY E 322 26.99 18.66 -10.06
C GLY E 322 27.97 19.10 -11.11
N ARG E 323 28.06 20.41 -11.30
CA ARG E 323 29.01 20.94 -12.26
C ARG E 323 30.27 21.15 -11.46
N PHE E 324 30.09 21.47 -10.19
CA PHE E 324 31.22 21.69 -9.31
C PHE E 324 31.97 20.40 -9.19
N ILE E 325 31.23 19.29 -9.20
CA ILE E 325 31.82 17.97 -9.07
C ILE E 325 32.43 17.50 -10.39
N GLU E 326 31.93 18.03 -11.49
CA GLU E 326 32.43 17.64 -12.80
C GLU E 326 33.78 18.29 -13.07
N LYS E 327 33.84 19.60 -12.88
CA LYS E 327 35.05 20.38 -13.12
C LYS E 327 36.15 20.20 -12.07
N ASN E 328 35.76 19.99 -10.81
CA ASN E 328 36.73 19.86 -9.72
C ASN E 328 37.02 18.47 -9.18
N ILE E 329 36.06 17.55 -9.27
CA ILE E 329 36.24 16.20 -8.73
C ILE E 329 36.28 15.06 -9.75
N THR E 330 35.12 14.48 -10.04
CA THR E 330 35.03 13.39 -10.99
C THR E 330 36.07 13.57 -12.10
N GLY E 331 36.25 14.81 -12.52
CA GLY E 331 37.20 15.08 -13.57
C GLY E 331 38.48 15.75 -13.10
N LYS E 332 39.02 15.31 -11.97
CA LYS E 332 40.25 15.92 -11.48
C LYS E 332 41.07 15.05 -10.54
N ASP E 333 41.17 13.76 -10.86
CA ASP E 333 41.97 12.82 -10.07
C ASP E 333 41.46 12.35 -8.72
N TYR E 334 40.16 12.42 -8.47
CA TYR E 334 39.77 12.33 -7.00
C TYR E 334 38.85 11.12 -7.12
N LEU E 335 38.75 10.37 -6.04
CA LEU E 335 37.89 9.20 -6.05
C LEU E 335 36.46 9.64 -5.79
N TYR E 336 35.54 9.15 -6.60
CA TYR E 336 34.15 9.53 -6.45
C TYR E 336 33.22 8.55 -7.16
N TYR E 337 31.99 8.54 -6.72
CA TYR E 337 31.00 7.69 -7.32
C TYR E 337 29.69 8.32 -6.89
N PHE E 338 28.68 8.30 -7.75
CA PHE E 338 27.42 8.90 -7.40
C PHE E 338 26.35 7.88 -7.06
N ASN E 339 25.38 8.32 -6.26
CA ASN E 339 24.29 7.46 -5.82
C ASN E 339 23.80 6.60 -6.95
N ARG E 340 23.80 5.29 -6.71
CA ARG E 340 23.39 4.32 -7.71
C ARG E 340 21.95 4.46 -8.23
N SER E 341 21.04 5.00 -7.41
CA SER E 341 19.67 5.13 -7.87
C SER E 341 19.48 6.32 -8.79
N TYR E 342 20.34 6.48 -9.78
CA TYR E 342 20.33 8.33 -9.77
C TYR E 342 20.03 7.86 -11.18
N ASN E 343 19.28 8.68 -11.92
CA ASN E 343 18.85 8.38 -13.28
C ASN E 343 17.93 7.17 -13.35
N LYS E 344 17.48 6.74 -12.20
CA LYS E 344 16.83 5.42 -12.12
C LYS E 344 15.66 5.84 -11.23
N ILE E 345 14.74 4.94 -10.95
CA ILE E 345 13.62 5.29 -10.09
C ILE E 345 13.82 4.72 -8.69
N ALA E 346 14.35 5.52 -7.79
CA ALA E 346 14.55 5.09 -6.41
C ALA E 346 13.35 4.26 -6.03
N PRO E 347 13.56 2.97 -5.69
CA PRO E 347 12.48 2.06 -5.32
C PRO E 347 11.76 2.43 -4.04
N GLY E 348 12.37 3.28 -3.24
CA GLY E 348 11.75 3.68 -1.99
C GLY E 348 10.79 4.83 -2.16
N ASN E 349 11.31 6.04 -2.19
CA ASN E 349 10.49 7.23 -2.36
C ASN E 349 10.25 7.52 -3.84
N LYS E 350 10.57 6.55 -4.69
CA LYS E 350 10.40 6.66 -6.13
C LYS E 350 10.98 7.96 -6.67
N ALA E 351 12.00 8.48 -6.00
CA ALA E 351 12.64 9.71 -6.45
C ALA E 351 13.25 9.45 -7.81
N TYR E 352 13.49 10.50 -8.57
CA TYR E 352 14.11 10.33 -9.87
C TYR E 352 15.15 11.41 -10.02
N ILE E 353 16.28 11.25 -9.33
CA ILE E 353 17.32 12.25 -9.41
C ILE E 353 18.24 12.01 -10.59
N GLU E 354 18.37 13.00 -11.46
CA GLU E 354 19.19 12.89 -12.64
C GLU E 354 20.63 13.33 -12.40
N TRP E 355 21.57 12.67 -13.10
CA TRP E 355 23.00 12.95 -12.96
C TRP E 355 23.76 12.45 -14.19
N THR E 356 24.64 13.28 -14.74
CA THR E 356 25.43 12.96 -15.92
C THR E 356 26.36 11.77 -15.77
N ASP E 357 26.11 10.73 -16.57
CA ASP E 357 26.87 9.48 -16.57
C ASP E 357 27.57 9.19 -17.90
N PRO E 358 28.81 9.69 -18.09
CA PRO E 358 29.64 9.54 -19.29
C PRO E 358 29.34 8.33 -20.15
N ILE E 359 29.12 7.18 -19.53
CA ILE E 359 28.83 5.96 -20.27
C ILE E 359 27.73 6.24 -21.26
N THR E 360 26.59 6.69 -20.75
CA THR E 360 25.42 7.04 -21.55
C THR E 360 25.70 8.13 -22.57
N LYS E 361 26.35 9.20 -22.10
CA LYS E 361 26.71 10.36 -22.90
C LYS E 361 27.30 9.94 -24.25
N ALA E 362 27.60 8.66 -24.39
CA ALA E 362 28.16 8.14 -25.62
C ALA E 362 27.91 6.65 -25.76
N LYS E 363 26.74 6.23 -25.33
CA LYS E 363 26.37 4.83 -25.41
C LYS E 363 25.61 4.66 -26.72
N ILE E 364 25.71 5.66 -27.59
CA ILE E 364 25.02 5.61 -28.87
C ILE E 364 26.03 5.32 -29.97
N ASN E 365 27.29 5.59 -29.68
CA ASN E 365 28.38 5.33 -30.63
C ASN E 365 29.01 4.05 -30.09
N THR E 366 28.20 3.20 -29.46
CA THR E 366 28.72 1.98 -28.88
C THR E 366 27.82 0.77 -29.09
N ILE E 367 28.39 -0.29 -29.64
CA ILE E 367 27.66 -1.53 -29.89
C ILE E 367 27.52 -2.32 -28.61
N PRO E 368 26.27 -2.58 -28.19
CA PRO E 368 26.00 -3.33 -26.97
C PRO E 368 26.64 -4.71 -27.01
N THR E 369 26.75 -5.34 -25.85
CA THR E 369 27.34 -6.68 -25.77
C THR E 369 26.26 -7.74 -25.68
N SER E 370 26.64 -8.98 -25.94
CA SER E 370 25.70 -10.09 -25.86
C SER E 370 25.04 -10.02 -24.50
N ALA E 371 25.74 -9.43 -23.54
CA ALA E 371 25.25 -9.28 -22.18
C ALA E 371 24.18 -8.20 -22.13
N GLU E 372 24.61 -6.96 -22.32
CA GLU E 372 23.69 -5.82 -22.30
C GLU E 372 22.54 -6.01 -23.27
N PHE E 373 22.68 -6.92 -24.23
CA PHE E 373 21.63 -7.16 -25.22
C PHE E 373 20.50 -8.06 -24.72
N ILE E 374 20.77 -8.80 -23.64
CA ILE E 374 19.77 -9.70 -23.09
C ILE E 374 19.26 -9.23 -21.74
N LYS E 375 20.12 -8.56 -20.97
CA LYS E 375 19.68 -8.02 -19.69
C LYS E 375 18.79 -6.85 -20.06
N ASN E 376 18.80 -6.55 -21.36
CA ASN E 376 18.01 -5.46 -21.94
C ASN E 376 16.77 -6.08 -22.56
N LEU E 377 17.00 -7.17 -23.30
CA LEU E 377 15.93 -7.89 -23.97
C LEU E 377 15.00 -8.51 -22.92
N SER E 378 15.34 -8.34 -21.65
CA SER E 378 14.54 -8.88 -20.56
C SER E 378 13.50 -7.87 -20.11
N SER E 379 13.93 -6.95 -19.25
CA SER E 379 13.06 -5.90 -18.73
C SER E 379 12.21 -5.31 -19.84
N ILE E 380 12.77 -5.25 -21.04
CA ILE E 380 12.09 -4.71 -22.19
C ILE E 380 10.79 -5.45 -22.48
N ARG E 381 10.47 -6.46 -21.65
CA ARG E 381 9.25 -7.21 -21.84
C ARG E 381 8.19 -6.76 -20.84
N ARG E 382 7.82 -5.48 -20.90
CA ARG E 382 6.80 -4.93 -20.01
C ARG E 382 5.44 -5.32 -20.54
N SER E 383 5.19 -5.03 -21.81
CA SER E 383 3.92 -5.36 -22.46
C SER E 383 3.86 -6.86 -22.81
N SER E 384 3.94 -7.69 -21.78
CA SER E 384 3.88 -9.14 -21.92
C SER E 384 3.96 -9.78 -20.54
N VAL E 404 17.39 -15.70 -34.60
CA VAL E 404 16.96 -15.40 -33.24
C VAL E 404 18.14 -15.07 -32.32
N LYS E 405 19.11 -15.96 -32.25
CA LYS E 405 20.28 -15.74 -31.40
C LYS E 405 21.53 -15.37 -32.19
N LYS E 406 21.53 -15.61 -33.49
CA LYS E 406 22.69 -15.25 -34.30
C LYS E 406 23.02 -13.80 -34.01
N ILE E 407 22.10 -13.13 -33.33
CA ILE E 407 22.28 -11.74 -32.96
C ILE E 407 23.13 -11.63 -31.71
N ALA E 408 22.58 -12.07 -30.57
CA ALA E 408 23.30 -12.05 -29.31
C ALA E 408 24.65 -12.75 -29.45
N GLY E 409 24.78 -13.51 -30.54
CA GLY E 409 26.03 -14.23 -30.79
C GLY E 409 26.97 -13.36 -31.61
N TYR E 410 26.46 -12.76 -32.66
CA TYR E 410 27.28 -11.89 -33.50
C TYR E 410 27.77 -10.72 -32.66
N LEU E 411 27.06 -10.40 -31.58
CA LEU E 411 27.48 -9.32 -30.71
C LEU E 411 28.71 -9.80 -29.94
N SER E 412 28.58 -10.97 -29.30
CA SER E 412 29.68 -11.55 -28.53
C SER E 412 30.94 -11.61 -29.38
N ASP E 413 30.75 -11.75 -30.69
CA ASP E 413 31.86 -11.81 -31.62
C ASP E 413 32.50 -10.44 -31.81
N TYR E 414 31.73 -9.37 -31.61
CA TYR E 414 32.27 -8.03 -31.76
C TYR E 414 33.32 -7.79 -30.70
N TYR E 415 32.97 -8.17 -29.47
CA TYR E 415 33.86 -8.01 -28.33
C TYR E 415 34.56 -9.33 -28.00
N ASN E 416 35.63 -9.63 -28.74
CA ASN E 416 36.41 -10.84 -28.50
C ASN E 416 37.73 -10.34 -27.94
N SER E 417 37.98 -10.63 -26.67
CA SER E 417 39.21 -10.17 -26.02
C SER E 417 40.43 -10.71 -26.75
N ALA E 418 40.20 -11.68 -27.63
CA ALA E 418 41.27 -12.31 -28.38
C ALA E 418 41.78 -11.44 -29.52
N ASN E 419 41.44 -10.17 -29.52
CA ASN E 419 41.88 -9.27 -30.58
C ASN E 419 43.23 -8.66 -30.23
N HIS E 420 43.60 -8.70 -28.96
CA HIS E 420 44.85 -8.12 -28.49
C HIS E 420 46.10 -8.52 -29.26
N ILE E 421 46.02 -9.63 -30.00
CA ILE E 421 47.17 -10.12 -30.75
C ILE E 421 47.25 -9.45 -32.11
N PHE E 422 46.10 -9.08 -32.65
CA PHE E 422 46.06 -8.43 -33.96
C PHE E 422 46.48 -7.00 -33.84
N SER E 423 46.85 -6.40 -34.96
CA SER E 423 47.26 -4.99 -34.96
C SER E 423 46.00 -4.17 -34.82
N GLN E 424 46.16 -2.86 -34.73
CA GLN E 424 45.00 -1.99 -34.61
C GLN E 424 44.10 -2.13 -35.84
N GLU E 425 44.62 -1.83 -37.02
CA GLU E 425 43.85 -1.91 -38.26
C GLU E 425 43.11 -3.22 -38.48
N LYS E 426 43.71 -4.35 -38.12
CA LYS E 426 43.01 -5.63 -38.32
C LYS E 426 41.81 -5.67 -37.39
N LYS E 427 41.91 -4.96 -36.27
CA LYS E 427 40.82 -4.90 -35.32
C LYS E 427 39.74 -4.03 -35.96
N ARG E 428 40.09 -2.79 -36.28
CA ARG E 428 39.15 -1.86 -36.90
C ARG E 428 38.37 -2.58 -38.00
N LYS E 429 39.08 -3.41 -38.76
CA LYS E 429 38.46 -4.18 -39.83
C LYS E 429 37.52 -5.22 -39.25
N ILE E 430 38.08 -6.33 -38.79
CA ILE E 430 37.26 -7.41 -38.23
C ILE E 430 36.20 -6.89 -37.27
N SER E 431 36.46 -5.74 -36.66
CA SER E 431 35.50 -5.15 -35.73
C SER E 431 34.32 -4.57 -36.50
N ILE E 432 34.62 -3.82 -37.55
CA ILE E 432 33.57 -3.25 -38.38
C ILE E 432 32.71 -4.41 -38.87
N PHE E 433 33.29 -5.25 -39.72
CA PHE E 433 32.58 -6.40 -40.27
C PHE E 433 31.81 -7.18 -39.22
N ARG E 434 32.46 -7.50 -38.10
CA ARG E 434 31.79 -8.25 -37.05
C ARG E 434 30.52 -7.55 -36.58
N GLY E 435 30.45 -6.24 -36.80
CA GLY E 435 29.29 -5.47 -36.41
C GLY E 435 28.24 -5.47 -37.50
N ILE E 436 28.68 -5.18 -38.72
CA ILE E 436 27.79 -5.17 -39.88
C ILE E 436 26.99 -6.46 -39.88
N GLN E 437 27.63 -7.56 -39.50
CA GLN E 437 26.94 -8.83 -39.46
C GLN E 437 25.79 -8.71 -38.47
N ALA E 438 26.10 -8.23 -37.27
CA ALA E 438 25.10 -8.07 -36.22
C ALA E 438 23.97 -7.17 -36.68
N TYR E 439 24.27 -6.33 -37.67
CA TYR E 439 23.30 -5.38 -38.22
C TYR E 439 22.36 -6.04 -39.21
N ASN E 440 22.76 -7.19 -39.72
CA ASN E 440 21.92 -7.91 -40.69
C ASN E 440 20.97 -8.86 -39.99
N GLU E 441 21.38 -9.44 -38.87
CA GLU E 441 20.51 -10.34 -38.12
C GLU E 441 19.49 -9.50 -37.36
N ILE E 442 19.67 -8.19 -37.39
CA ILE E 442 18.75 -7.28 -36.73
C ILE E 442 17.86 -6.73 -37.83
N GLU E 443 18.07 -7.23 -39.04
CA GLU E 443 17.31 -6.81 -40.21
C GLU E 443 16.28 -7.87 -40.54
N ASN E 444 16.76 -9.10 -40.72
CA ASN E 444 15.90 -10.22 -41.05
C ASN E 444 14.95 -10.60 -39.93
N VAL E 445 14.89 -9.77 -38.90
CA VAL E 445 13.98 -10.03 -37.78
C VAL E 445 12.81 -9.06 -37.93
N LEU E 446 13.14 -7.84 -38.33
CA LEU E 446 12.13 -6.80 -38.55
C LEU E 446 11.22 -7.27 -39.67
N LYS E 447 11.80 -7.96 -40.65
CA LYS E 447 11.05 -8.48 -41.78
C LYS E 447 10.51 -9.85 -41.42
N SER E 448 10.16 -10.01 -40.15
CA SER E 448 9.58 -11.24 -39.62
C SER E 448 8.25 -10.84 -39.00
N LYS E 449 7.80 -11.59 -38.00
CA LYS E 449 6.55 -11.26 -37.34
C LYS E 449 6.79 -10.03 -36.45
N GLN E 450 5.79 -9.15 -36.37
CA GLN E 450 6.10 -7.77 -35.83
C GLN E 450 6.31 -8.14 -34.36
N ILE E 451 6.74 -9.39 -34.15
CA ILE E 451 5.93 -9.88 -32.65
C ILE E 451 6.58 -8.75 -31.87
N ALA E 452 5.93 -8.31 -30.80
CA ALA E 452 6.37 -7.08 -30.14
C ALA E 452 6.62 -5.67 -30.63
N PRO E 453 5.55 -4.88 -30.79
CA PRO E 453 5.71 -3.50 -31.26
C PRO E 453 6.71 -2.76 -30.37
N GLU E 454 6.71 -3.10 -29.08
CA GLU E 454 7.61 -2.46 -28.13
C GLU E 454 9.04 -2.92 -28.42
N TYR E 455 9.17 -4.10 -29.02
CA TYR E 455 10.48 -4.65 -29.36
C TYR E 455 11.02 -4.08 -30.65
N LYS E 456 10.14 -3.89 -31.62
CA LYS E 456 10.54 -3.31 -32.90
C LYS E 456 11.25 -1.99 -32.57
N ASN E 457 10.73 -1.32 -31.56
CA ASN E 457 11.26 -0.05 -31.09
C ASN E 457 12.69 -0.19 -30.58
N TYR E 458 13.07 -1.40 -30.18
CA TYR E 458 14.40 -1.64 -29.66
C TYR E 458 15.45 -1.98 -30.70
N PHE E 459 15.06 -2.67 -31.76
CA PHE E 459 16.00 -3.05 -32.80
C PHE E 459 16.29 -1.88 -33.72
N GLN E 460 15.28 -1.08 -34.00
CA GLN E 460 15.45 0.09 -34.86
C GLN E 460 16.47 0.96 -34.15
N TYR E 461 16.70 0.63 -32.88
CA TYR E 461 17.63 1.33 -32.01
C TYR E 461 19.05 0.83 -32.26
N LEU E 462 19.28 -0.44 -31.92
CA LEU E 462 20.59 -1.03 -32.12
C LEU E 462 21.13 -0.58 -33.46
N LYS E 463 20.41 -0.93 -34.52
CA LYS E 463 20.80 -0.55 -35.86
C LYS E 463 21.41 0.84 -35.87
N GLU E 464 20.79 1.77 -35.15
CA GLU E 464 21.28 3.14 -35.10
C GLU E 464 22.65 3.18 -34.44
N ARG E 465 22.84 2.33 -33.44
CA ARG E 465 24.11 2.29 -32.75
C ARG E 465 25.14 1.61 -33.64
N ILE E 466 24.86 0.38 -34.05
CA ILE E 466 25.75 -0.37 -34.92
C ILE E 466 26.27 0.52 -36.04
N THR E 467 25.42 1.41 -36.52
CA THR E 467 25.79 2.33 -37.59
C THR E 467 26.81 3.32 -37.07
N ASN E 468 26.58 3.83 -35.87
CA ASN E 468 27.48 4.80 -35.27
C ASN E 468 28.84 4.25 -34.89
N GLN E 469 28.91 2.97 -34.59
CA GLN E 469 30.18 2.36 -34.24
C GLN E 469 30.81 1.96 -35.55
N VAL E 470 30.09 1.15 -36.32
CA VAL E 470 30.60 0.70 -37.61
C VAL E 470 31.03 1.91 -38.42
N GLN E 471 30.49 3.07 -38.08
CA GLN E 471 30.85 4.30 -38.76
C GLN E 471 32.05 4.88 -38.02
N LEU E 472 31.87 5.10 -36.73
CA LEU E 472 32.92 5.65 -35.87
C LEU E 472 34.25 5.00 -36.24
N LEU E 473 34.21 3.70 -36.49
CA LEU E 473 35.41 2.96 -36.85
C LEU E 473 35.89 3.29 -38.26
N LEU E 474 34.95 3.38 -39.20
CA LEU E 474 35.26 3.68 -40.59
C LEU E 474 35.78 5.08 -40.84
N THR E 475 35.19 6.07 -40.18
CA THR E 475 35.61 7.46 -40.34
C THR E 475 37.07 7.64 -39.93
N HIS E 476 37.94 6.78 -40.47
CA HIS E 476 39.37 6.81 -40.19
C HIS E 476 40.09 6.22 -41.40
N GLN E 477 39.31 5.67 -42.32
CA GLN E 477 39.87 5.06 -43.51
C GLN E 477 38.90 5.21 -44.69
N PHE E 483 30.80 4.00 -47.03
CA PHE E 483 31.54 4.93 -46.18
C PHE E 483 30.04 4.65 -46.27
N LYS E 484 29.66 6.37 -46.67
CA LYS E 484 28.23 6.57 -46.15
C LYS E 484 26.87 5.91 -46.33
N LEU E 485 26.78 5.06 -47.35
CA LEU E 485 25.62 4.11 -47.44
C LEU E 485 25.98 2.68 -47.84
N LEU E 486 27.13 2.54 -48.51
CA LEU E 486 27.51 1.29 -49.19
C LEU E 486 27.48 0.11 -48.22
N TYR E 487 26.36 -0.59 -48.22
CA TYR E 487 26.15 -1.77 -47.40
C TYR E 487 25.30 -2.71 -48.26
N LYS E 488 24.79 -2.13 -49.35
CA LYS E 488 23.96 -2.85 -50.31
C LYS E 488 24.82 -3.64 -51.29
N GLN E 489 26.13 -3.47 -51.18
CA GLN E 489 27.04 -4.18 -52.07
C GLN E 489 27.84 -5.27 -51.36
N LEU E 490 27.15 -6.09 -50.58
CA LEU E 490 27.81 -7.17 -49.86
C LEU E 490 27.12 -8.52 -50.01
N ASN E 491 27.28 -9.38 -49.01
CA ASN E 491 26.69 -10.72 -49.06
C ASN E 491 25.38 -10.87 -48.29
N PHE E 492 24.31 -10.23 -48.77
CA PHE E 492 23.02 -10.36 -48.10
C PHE E 492 22.86 -11.85 -47.88
N THR E 493 22.76 -12.57 -48.98
CA THR E 493 22.64 -14.02 -48.95
C THR E 493 23.42 -15.25 -49.40
N GLU E 494 24.72 -15.25 -49.16
CA GLU E 494 25.57 -16.37 -49.55
C GLU E 494 26.16 -16.45 -48.14
N ASN E 495 27.19 -17.27 -47.98
CA ASN E 495 28.01 -17.13 -46.73
C ASN E 495 29.43 -17.65 -46.78
N GLU E 496 29.91 -18.06 -45.60
CA GLU E 496 31.26 -18.59 -45.41
C GLU E 496 32.34 -17.53 -45.61
N THR E 497 33.59 -17.98 -45.68
CA THR E 497 34.74 -17.10 -45.85
C THR E 497 34.65 -16.23 -47.11
N ASP E 498 33.78 -16.62 -48.04
CA ASP E 498 33.63 -15.88 -49.28
C ASP E 498 33.03 -14.50 -49.09
N ASN E 499 32.19 -14.34 -48.08
CA ASN E 499 31.57 -13.04 -47.80
C ASN E 499 32.63 -12.10 -47.25
N PHE E 500 33.46 -12.62 -46.36
CA PHE E 500 34.53 -11.85 -45.75
C PHE E 500 35.49 -11.48 -46.88
N GLU E 501 35.59 -12.38 -47.85
CA GLU E 501 36.44 -12.19 -49.02
C GLU E 501 35.97 -11.01 -49.85
N VAL E 502 34.75 -10.55 -49.59
CA VAL E 502 34.20 -9.42 -50.32
C VAL E 502 34.42 -8.14 -49.50
N PHE E 503 34.35 -8.27 -48.18
CA PHE E 503 34.55 -7.13 -47.29
C PHE E 503 35.99 -6.65 -47.38
N GLN E 504 36.92 -7.58 -47.19
CA GLN E 504 38.33 -7.24 -47.24
C GLN E 504 38.70 -6.32 -48.40
N LYS E 505 37.90 -6.34 -49.47
CA LYS E 505 38.19 -5.50 -50.62
C LYS E 505 37.68 -4.06 -50.55
N ILE E 506 36.36 -3.89 -50.58
CA ILE E 506 35.72 -2.58 -50.55
C ILE E 506 36.49 -1.49 -49.79
N ILE E 507 37.18 -1.88 -48.73
CA ILE E 507 37.96 -0.95 -47.91
C ILE E 507 39.14 -0.37 -48.70
N ASP E 508 40.00 -1.23 -49.22
CA ASP E 508 41.15 -0.82 -50.00
C ASP E 508 41.08 -1.38 -51.41
N THR F 5 18.63 -8.88 -6.68
CA THR F 5 17.43 -8.20 -7.24
C THR F 5 16.71 -9.07 -8.28
N GLU F 6 15.39 -8.97 -8.31
CA GLU F 6 14.57 -9.73 -9.25
C GLU F 6 15.17 -9.59 -10.66
N GLU F 7 15.90 -8.50 -10.86
CA GLU F 7 16.54 -8.22 -12.15
C GLU F 7 17.61 -9.25 -12.48
N GLN F 8 18.58 -9.40 -11.58
CA GLN F 8 19.66 -10.35 -11.77
C GLN F 8 19.17 -11.79 -11.72
N ILE F 9 17.95 -12.02 -12.20
CA ILE F 9 17.37 -13.36 -12.20
C ILE F 9 16.51 -13.61 -13.42
N ALA F 10 15.47 -12.81 -13.59
CA ALA F 10 14.55 -12.95 -14.72
C ALA F 10 15.30 -12.85 -16.04
N GLU F 11 16.34 -12.02 -16.08
CA GLU F 11 17.15 -11.82 -17.27
C GLU F 11 17.52 -13.15 -17.94
N PHE F 12 18.39 -13.89 -17.27
CA PHE F 12 18.85 -15.17 -17.77
C PHE F 12 17.79 -15.93 -18.56
N LYS F 13 16.56 -15.87 -18.07
CA LYS F 13 15.42 -16.54 -18.70
C LYS F 13 15.26 -16.29 -20.20
N GLU F 14 15.94 -15.25 -20.70
CA GLU F 14 15.85 -14.90 -22.12
C GLU F 14 16.67 -15.83 -23.01
N ALA F 15 17.86 -16.19 -22.54
CA ALA F 15 18.77 -17.06 -23.28
C ALA F 15 18.15 -18.40 -23.66
N PHE F 16 17.51 -19.04 -22.71
CA PHE F 16 16.87 -20.33 -22.93
C PHE F 16 15.97 -20.30 -24.16
N SER F 17 15.39 -19.12 -24.42
CA SER F 17 14.48 -18.93 -25.55
C SER F 17 15.16 -18.59 -26.88
N LEU F 18 16.48 -18.37 -26.83
CA LEU F 18 17.24 -18.01 -28.04
C LEU F 18 17.64 -19.18 -28.95
N PHE F 19 18.03 -20.31 -28.36
CA PHE F 19 18.45 -21.45 -29.16
C PHE F 19 18.48 -22.76 -28.37
N ASP F 20 17.63 -23.70 -28.76
CA ASP F 20 17.55 -25.03 -28.15
C ASP F 20 16.34 -25.79 -28.72
N LYS F 21 16.60 -26.67 -29.68
CA LYS F 21 15.54 -27.44 -30.32
C LYS F 21 15.16 -28.65 -29.48
N ASP F 22 15.06 -28.46 -28.17
CA ASP F 22 14.70 -29.51 -27.23
C ASP F 22 13.18 -29.54 -27.07
N GLY F 23 12.57 -28.37 -27.17
CA GLY F 23 11.13 -28.24 -27.02
C GLY F 23 10.82 -27.19 -25.97
N ASP F 24 11.22 -27.47 -24.73
CA ASP F 24 11.01 -26.56 -23.61
C ASP F 24 12.19 -26.60 -22.64
N GLY F 25 13.11 -25.65 -22.82
CA GLY F 25 14.29 -25.55 -21.97
C GLY F 25 14.94 -26.87 -21.65
N THR F 26 15.90 -27.27 -22.46
CA THR F 26 16.60 -28.52 -22.22
C THR F 26 17.84 -28.57 -23.08
N ILE F 27 18.98 -28.39 -22.44
CA ILE F 27 20.26 -28.42 -23.12
C ILE F 27 21.18 -29.41 -22.43
N THR F 28 22.47 -29.34 -22.74
CA THR F 28 23.46 -30.24 -22.14
C THR F 28 24.68 -29.47 -21.65
N THR F 29 25.44 -30.08 -20.74
CA THR F 29 26.65 -29.45 -20.21
C THR F 29 27.61 -29.13 -21.34
N LYS F 30 27.37 -29.71 -22.51
CA LYS F 30 28.21 -29.48 -23.68
C LYS F 30 28.04 -28.03 -24.16
N GLU F 31 26.83 -27.69 -24.58
CA GLU F 31 26.55 -26.33 -25.05
C GLU F 31 25.95 -25.47 -23.95
N LEU F 32 26.40 -25.69 -22.71
CA LEU F 32 25.94 -24.92 -21.57
C LEU F 32 26.64 -23.57 -21.61
N GLY F 33 27.94 -23.60 -21.90
CA GLY F 33 28.68 -22.36 -21.99
C GLY F 33 28.00 -21.44 -22.96
N THR F 34 27.49 -21.99 -24.05
CA THR F 34 26.80 -21.20 -25.07
C THR F 34 25.93 -20.14 -24.41
N VAL F 35 25.42 -20.43 -23.22
CA VAL F 35 24.58 -19.49 -22.48
C VAL F 35 25.45 -18.57 -21.63
N MET F 36 26.29 -19.17 -20.79
CA MET F 36 27.18 -18.41 -19.93
C MET F 36 28.20 -17.63 -20.74
N ARG F 37 28.48 -18.10 -21.96
CA ARG F 37 29.43 -17.45 -22.85
C ARG F 37 28.70 -16.40 -23.69
N SER F 38 27.39 -16.30 -23.47
CA SER F 38 26.55 -15.34 -24.17
C SER F 38 26.17 -14.29 -23.14
N LEU F 39 26.21 -14.67 -21.87
CA LEU F 39 25.89 -13.78 -20.77
C LEU F 39 27.11 -12.92 -20.45
N GLY F 40 27.62 -13.03 -19.22
CA GLY F 40 28.78 -12.25 -18.84
C GLY F 40 29.83 -13.01 -18.05
N GLN F 41 30.16 -14.22 -18.49
CA GLN F 41 31.16 -15.03 -17.81
C GLN F 41 32.01 -15.82 -18.80
N ASN F 42 33.30 -15.98 -18.48
CA ASN F 42 34.24 -16.71 -19.33
C ASN F 42 34.87 -17.87 -18.56
N PRO F 43 34.27 -19.06 -18.64
CA PRO F 43 34.77 -20.26 -17.95
C PRO F 43 35.52 -21.24 -18.86
N THR F 44 35.90 -22.38 -18.28
CA THR F 44 36.60 -23.44 -19.00
C THR F 44 35.80 -24.73 -18.96
N GLU F 45 35.98 -25.58 -19.98
CA GLU F 45 35.28 -26.85 -20.07
C GLU F 45 35.62 -27.83 -18.95
N ALA F 46 36.22 -27.30 -17.88
CA ALA F 46 36.60 -28.13 -16.73
C ALA F 46 35.84 -27.73 -15.48
N GLU F 47 35.75 -26.43 -15.21
CA GLU F 47 35.05 -25.94 -14.03
C GLU F 47 33.60 -26.41 -14.00
N LEU F 48 33.01 -26.58 -15.18
CA LEU F 48 31.64 -27.04 -15.28
C LEU F 48 31.57 -28.53 -15.02
N GLN F 49 32.74 -29.18 -15.05
CA GLN F 49 32.83 -30.62 -14.83
C GLN F 49 32.86 -30.98 -13.34
N ASP F 50 32.07 -30.26 -12.54
CA ASP F 50 32.03 -30.50 -11.11
C ASP F 50 30.79 -29.89 -10.46
N MET F 51 30.15 -28.97 -11.18
CA MET F 51 28.95 -28.30 -10.68
C MET F 51 27.69 -28.84 -11.34
N ILE F 52 27.69 -28.86 -12.68
CA ILE F 52 26.55 -29.33 -13.45
C ILE F 52 26.18 -30.77 -13.05
N ASN F 53 27.19 -31.60 -12.88
CA ASN F 53 26.99 -32.99 -12.48
C ASN F 53 26.72 -32.97 -10.97
N GLU F 54 25.68 -32.24 -10.58
CA GLU F 54 25.30 -32.09 -9.18
C GLU F 54 23.80 -31.86 -8.97
N VAL F 55 23.27 -30.79 -9.55
CA VAL F 55 21.87 -30.44 -9.40
C VAL F 55 20.83 -31.35 -10.07
N ASP F 56 20.94 -31.57 -11.38
CA ASP F 56 19.98 -32.42 -12.09
C ASP F 56 20.55 -33.05 -13.36
N ALA F 57 20.53 -34.38 -13.43
CA ALA F 57 21.01 -35.14 -14.57
C ALA F 57 21.09 -36.64 -14.23
N ASP F 58 20.30 -37.45 -14.94
CA ASP F 58 20.27 -38.89 -14.73
C ASP F 58 20.61 -39.67 -15.99
N GLY F 59 19.86 -39.41 -17.05
CA GLY F 59 20.11 -40.07 -18.32
C GLY F 59 20.86 -39.17 -19.28
N ASN F 60 20.13 -38.43 -20.11
CA ASN F 60 20.72 -37.52 -21.09
C ASN F 60 21.09 -36.18 -20.46
N GLY F 61 21.01 -36.10 -19.14
CA GLY F 61 21.34 -34.87 -18.43
C GLY F 61 20.40 -33.70 -18.68
N THR F 62 19.10 -33.95 -18.54
CA THR F 62 18.09 -32.91 -18.75
C THR F 62 18.55 -31.60 -18.10
N ILE F 63 18.17 -30.47 -18.71
CA ILE F 63 18.54 -29.15 -18.18
C ILE F 63 17.37 -28.19 -18.13
N ASP F 64 17.21 -27.53 -16.97
CA ASP F 64 16.13 -26.57 -16.77
C ASP F 64 16.53 -25.30 -16.00
N PHE F 65 15.53 -24.50 -15.64
CA PHE F 65 15.73 -23.23 -14.95
C PHE F 65 16.31 -23.28 -13.53
N PRO F 66 15.59 -23.89 -12.57
CA PRO F 66 16.05 -23.98 -11.18
C PRO F 66 17.53 -24.27 -10.99
N GLU F 67 18.15 -24.92 -11.96
CA GLU F 67 19.57 -25.25 -11.89
C GLU F 67 20.45 -24.00 -11.87
N PHE F 68 20.66 -23.44 -13.06
CA PHE F 68 21.48 -22.26 -13.26
C PHE F 68 21.19 -21.17 -12.23
N LEU F 69 19.90 -20.93 -11.97
CA LEU F 69 19.49 -19.91 -11.01
C LEU F 69 19.98 -20.19 -9.59
N THR F 70 20.78 -21.24 -9.42
CA THR F 70 21.30 -21.61 -8.11
C THR F 70 22.82 -21.78 -8.12
N MET F 71 23.38 -22.07 -9.30
CA MET F 71 24.82 -22.25 -9.42
C MET F 71 25.53 -20.90 -9.37
N MET F 72 25.04 -19.95 -10.16
CA MET F 72 25.61 -18.61 -10.19
C MET F 72 25.67 -18.07 -8.77
N ALA F 73 24.94 -18.74 -7.88
CA ALA F 73 24.90 -18.35 -6.47
C ALA F 73 26.14 -18.88 -5.76
N ARG F 74 27.29 -18.74 -6.41
CA ARG F 74 28.56 -19.17 -5.86
C ARG F 74 29.70 -18.64 -6.73
N LYS F 75 29.47 -18.61 -8.04
CA LYS F 75 30.46 -18.10 -8.99
C LYS F 75 30.16 -16.62 -9.12
N MET F 76 28.91 -16.32 -9.48
CA MET F 76 28.48 -14.94 -9.65
C MET F 76 27.78 -14.57 -8.34
N LYS F 77 28.38 -14.99 -7.23
CA LYS F 77 27.86 -14.72 -5.89
C LYS F 77 28.85 -13.82 -5.16
N ASP F 78 30.13 -14.15 -5.31
CA ASP F 78 31.20 -13.39 -4.68
C ASP F 78 31.42 -12.06 -5.38
N THR F 79 31.83 -12.15 -6.64
CA THR F 79 32.08 -10.96 -7.44
C THR F 79 30.76 -10.28 -7.86
N ASP F 80 29.92 -10.01 -6.86
CA ASP F 80 28.62 -9.35 -7.06
C ASP F 80 28.90 -7.89 -7.42
N SER F 81 29.60 -7.69 -8.53
CA SER F 81 29.99 -6.36 -8.97
C SER F 81 29.15 -5.70 -10.06
N GLU F 82 29.76 -5.51 -11.21
CA GLU F 82 29.16 -4.80 -12.35
C GLU F 82 29.17 -3.36 -11.86
N GLU F 83 28.48 -3.15 -10.76
CA GLU F 83 28.41 -1.85 -10.12
C GLU F 83 29.64 -1.65 -9.27
N GLU F 84 29.95 -2.59 -8.36
CA GLU F 84 31.15 -2.45 -7.53
C GLU F 84 32.26 -2.09 -8.56
N ILE F 85 31.96 -2.32 -9.86
CA ILE F 85 32.89 -1.99 -10.98
C ILE F 85 32.58 -0.62 -11.57
N ARG F 86 31.75 -0.62 -12.61
CA ARG F 86 31.32 0.58 -13.34
C ARG F 86 31.63 1.94 -12.72
N GLU F 87 31.47 2.05 -11.41
CA GLU F 87 31.76 3.29 -10.71
C GLU F 87 33.26 3.58 -10.85
N ALA F 88 34.00 2.52 -11.19
CA ALA F 88 35.46 2.56 -11.35
C ALA F 88 35.87 3.06 -12.70
N PHE F 89 35.01 2.83 -13.69
CA PHE F 89 35.27 3.27 -15.05
C PHE F 89 35.11 4.77 -15.08
N ARG F 90 34.21 5.29 -14.26
CA ARG F 90 33.99 6.72 -14.22
C ARG F 90 35.13 7.41 -13.49
N VAL F 91 35.96 6.61 -12.85
CA VAL F 91 37.13 7.11 -12.10
C VAL F 91 38.30 7.34 -13.03
N PHE F 92 38.50 6.42 -13.96
CA PHE F 92 39.57 6.52 -14.92
C PHE F 92 39.19 7.56 -15.94
N ASP F 93 37.90 7.65 -16.22
CA ASP F 93 37.45 8.61 -17.21
C ASP F 93 37.03 9.94 -16.62
N LYS F 94 37.96 10.88 -16.59
CA LYS F 94 37.70 12.20 -16.05
C LYS F 94 37.38 13.19 -17.16
N ASP F 95 37.51 12.74 -18.39
CA ASP F 95 37.22 13.59 -19.53
C ASP F 95 35.72 13.58 -19.77
N GLY F 96 35.06 12.55 -19.26
CA GLY F 96 33.62 12.42 -19.44
C GLY F 96 33.29 11.95 -20.82
N ASN F 97 34.29 11.90 -21.69
CA ASN F 97 34.09 11.46 -23.06
C ASN F 97 33.26 10.19 -23.11
N GLY F 98 33.39 9.37 -22.07
CA GLY F 98 32.67 8.11 -22.04
C GLY F 98 33.67 7.06 -22.50
N TYR F 99 34.89 7.50 -22.74
CA TYR F 99 35.98 6.64 -23.19
C TYR F 99 37.27 6.94 -22.42
N ILE F 100 38.01 5.88 -22.10
CA ILE F 100 39.29 5.96 -21.39
C ILE F 100 40.42 6.08 -22.39
N SER F 101 41.08 7.24 -22.40
CA SER F 101 42.19 7.50 -23.32
C SER F 101 43.50 7.19 -22.63
N ALA F 102 44.56 7.05 -23.43
CA ALA F 102 45.89 6.76 -22.89
C ALA F 102 46.13 7.57 -21.63
N ALA F 103 46.09 8.89 -21.77
CA ALA F 103 46.30 9.80 -20.66
C ALA F 103 45.50 9.43 -19.42
N GLU F 104 44.18 9.32 -19.56
CA GLU F 104 43.31 8.99 -18.44
C GLU F 104 43.85 7.86 -17.58
N LEU F 105 44.46 6.85 -18.20
CA LEU F 105 45.00 5.69 -17.46
C LEU F 105 46.27 6.11 -16.70
N ARG F 106 47.21 6.69 -17.44
CA ARG F 106 48.46 7.16 -16.90
C ARG F 106 48.15 7.87 -15.59
N HIS F 107 47.49 9.03 -15.69
CA HIS F 107 47.10 9.81 -14.51
C HIS F 107 46.64 8.89 -13.39
N VAL F 108 45.44 8.34 -13.54
CA VAL F 108 44.87 7.45 -12.54
C VAL F 108 45.89 6.46 -12.00
N MET F 109 46.93 6.18 -12.79
CA MET F 109 47.95 5.24 -12.38
C MET F 109 49.07 5.90 -11.57
N THR F 110 49.69 6.94 -12.13
CA THR F 110 50.79 7.61 -11.43
C THR F 110 50.36 8.12 -10.06
N ASN F 111 49.07 8.29 -9.85
CA ASN F 111 48.56 8.77 -8.57
C ASN F 111 48.35 7.61 -7.60
N LEU F 112 48.12 6.42 -8.13
CA LEU F 112 47.92 5.25 -7.28
C LEU F 112 49.25 4.66 -6.81
N GLY F 113 50.35 5.30 -7.18
CA GLY F 113 51.66 4.84 -6.77
C GLY F 113 52.64 4.43 -7.87
N GLU F 114 52.16 3.64 -8.83
CA GLU F 114 52.98 3.14 -9.94
C GLU F 114 53.10 4.11 -11.12
N LYS F 115 54.32 4.56 -11.42
CA LYS F 115 54.55 5.45 -12.54
C LYS F 115 54.83 4.54 -13.73
N LEU F 116 54.28 4.87 -14.89
CA LEU F 116 54.50 4.06 -16.09
C LEU F 116 55.15 4.87 -17.20
N THR F 117 55.66 4.18 -18.21
CA THR F 117 56.30 4.83 -19.33
C THR F 117 55.29 5.04 -20.44
N ASP F 118 55.47 6.12 -21.20
CA ASP F 118 54.57 6.44 -22.30
C ASP F 118 54.48 5.22 -23.21
N GLU F 119 55.30 4.22 -22.93
CA GLU F 119 55.34 3.00 -23.71
C GLU F 119 54.45 1.90 -23.11
N GLU F 120 54.52 1.74 -21.80
CA GLU F 120 53.71 0.73 -21.12
C GLU F 120 52.26 1.19 -21.05
N VAL F 121 52.07 2.49 -21.22
CA VAL F 121 50.74 3.10 -21.19
C VAL F 121 50.01 2.88 -22.51
N ASP F 122 50.53 3.49 -23.58
CA ASP F 122 49.92 3.35 -24.90
C ASP F 122 49.79 1.87 -25.27
N GLU F 123 50.20 1.00 -24.36
CA GLU F 123 50.14 -0.44 -24.56
C GLU F 123 48.99 -1.09 -23.78
N MET F 124 48.90 -0.81 -22.48
CA MET F 124 47.83 -1.37 -21.65
C MET F 124 46.50 -1.03 -22.30
N ILE F 125 46.55 -0.05 -23.20
CA ILE F 125 45.39 0.41 -23.92
C ILE F 125 45.08 -0.48 -25.12
N ARG F 126 46.08 -0.76 -25.95
CA ARG F 126 45.87 -1.60 -27.13
C ARG F 126 45.60 -3.05 -26.76
N GLU F 127 45.66 -3.34 -25.47
CA GLU F 127 45.42 -4.71 -25.03
C GLU F 127 44.01 -4.82 -24.47
N ALA F 128 43.52 -3.72 -23.88
CA ALA F 128 42.17 -3.67 -23.32
C ALA F 128 41.21 -3.27 -24.43
N ASP F 129 41.75 -2.56 -25.42
CA ASP F 129 41.00 -2.11 -26.57
C ASP F 129 40.67 -3.35 -27.38
N ILE F 130 39.47 -3.42 -27.94
CA ILE F 130 39.10 -4.60 -28.71
C ILE F 130 38.57 -4.30 -30.09
N ASP F 131 38.41 -3.03 -30.43
CA ASP F 131 37.90 -2.69 -31.74
C ASP F 131 38.70 -1.66 -32.53
N GLY F 132 39.91 -1.34 -32.08
CA GLY F 132 40.72 -0.40 -32.82
C GLY F 132 40.68 1.07 -32.46
N ASP F 133 39.52 1.57 -32.06
CA ASP F 133 39.39 2.98 -31.72
C ASP F 133 40.62 3.61 -31.04
N GLY F 134 41.32 2.85 -30.22
CA GLY F 134 42.47 3.38 -29.53
C GLY F 134 42.01 4.10 -28.29
N GLN F 135 40.96 3.56 -27.69
CA GLN F 135 40.38 4.10 -26.47
C GLN F 135 39.51 3.00 -25.90
N VAL F 136 39.58 2.79 -24.59
CA VAL F 136 38.80 1.75 -23.95
C VAL F 136 37.39 2.18 -23.57
N ASN F 137 36.38 1.89 -24.39
CA ASN F 137 35.04 2.29 -24.03
C ASN F 137 34.66 1.52 -22.79
N TYR F 138 33.39 1.58 -22.38
CA TYR F 138 32.94 0.87 -21.18
C TYR F 138 32.89 -0.64 -21.39
N GLU F 139 32.20 -1.05 -22.45
CA GLU F 139 32.05 -2.46 -22.79
C GLU F 139 33.35 -3.23 -22.70
N GLU F 140 34.41 -2.61 -23.19
CA GLU F 140 35.74 -3.21 -23.17
C GLU F 140 36.31 -3.18 -21.76
N PHE F 141 35.96 -2.14 -21.01
CA PHE F 141 36.44 -2.01 -19.65
C PHE F 141 35.83 -3.11 -18.80
N VAL F 142 34.68 -3.62 -19.21
CA VAL F 142 34.04 -4.67 -18.43
C VAL F 142 34.65 -6.04 -18.73
N GLN F 143 35.23 -6.17 -19.93
CA GLN F 143 35.84 -7.42 -20.37
C GLN F 143 37.19 -7.63 -19.69
N MET F 144 38.07 -6.67 -19.90
CA MET F 144 39.42 -6.67 -19.36
C MET F 144 39.41 -6.78 -17.84
N MET F 145 38.23 -6.95 -17.28
CA MET F 145 38.08 -7.03 -15.83
C MET F 145 37.44 -8.32 -15.37
N THR F 146 36.60 -8.91 -16.22
CA THR F 146 35.89 -10.14 -15.86
C THR F 146 36.17 -11.37 -16.73
N ALA F 147 37.41 -11.87 -16.67
CA ALA F 147 37.82 -13.05 -17.42
C ALA F 147 38.35 -14.15 -16.49
#